data_7LY3
#
_entry.id   7LY3
#
_cell.length_a   66.444
_cell.length_b   125.457
_cell.length_c   365.946
_cell.angle_alpha   90.000
_cell.angle_beta   90.000
_cell.angle_gamma   90.000
#
_symmetry.space_group_name_H-M   'P 21 21 21'
#
loop_
_entity.id
_entity.type
_entity.pdbx_description
1 polymer 'Spike protein S1'
2 polymer 'S2M28 Fab Heavy Chain'
3 polymer 'S2M28 Fab Light Chain'
4 branched beta-D-mannopyranose-(1-4)-2-acetamido-2-deoxy-beta-D-glucopyranose-(1-4)-[alpha-L-fucopyranose-(1-6)]2-acetamido-2-deoxy-beta-D-glucopyranose
5 branched alpha-L-fucopyranose-(1-6)-2-acetamido-2-deoxy-beta-D-glucopyranose
6 branched alpha-D-mannopyranose-(1-6)-beta-D-mannopyranose-(1-4)-2-acetamido-2-deoxy-beta-D-glucopyranose-(1-4)-[alpha-L-fucopyranose-(1-6)]2-acetamido-2-deoxy-beta-D-glucopyranose
7 non-polymer 2-acetamido-2-deoxy-beta-D-glucopyranose
8 non-polymer 'UNKNOWN ATOM OR ION'
9 non-polymer Xylitol
10 non-polymer 'SULFATE ION'
#
loop_
_entity_poly.entity_id
_entity_poly.type
_entity_poly.pdbx_seq_one_letter_code
_entity_poly.pdbx_strand_id
1 'polypeptide(L)'
;MGILPSPGMPALLSLVSLLSVLLMGCVAETGTQCVNLTTRTQLPPAYTNSFTRGVYYPDKVFRSSVLHSTQDLFLPFFSN
VTWFHAIHVSGTNGTKRFDNPVLPFNDGVYFASTEKSNIIRGWIFGTTLDSKTQSLLIVNNATNVVIKVCEFQFCNDPFL
GVYYHKNNKSWMESEFRVYSSANNCTFEYVSQPFLMDLEGKQGNFKNLREFVFKNIDGYFKIYSKHTPINLVRDLPQGFS
ALEPLVDLPIGINITRFQTLLALHRSYLTPGDSSSGWTAGAAAYYVGYLQPRTFLLKYNENGTITDAVDCALDPLSETKC
TAKSFTAHHHHHHHH
;
A,B
2 'polypeptide(L)'
;EVQLVESGGGVVQPGRSLRLSCAASGFTFSSYGMHWVRQAPGKGLEWVTVIWYDGSNRYYADSVKGRFTISRDNSKNTLY
LQMDSLRAEDTAVYYCARAVAGEWYFDYWGQGTLVTVSSASTKGPSVFPLAPSSKSTSGGTAALGCLVKDYFPEPVTVSW
NSGALTSGVHTFPAVLQSSGLYSLSSVVTVPSSSLGTQTYICNVNHKPSNTKVDKKVEPKS
;
D,F
3 'polypeptide(L)'
;SYELTQPPSVSVSPGQTARITCSGDALAKHYAYWYRQKPGQAPVLVIYKDSERPSGIPERFSGSSSGTTVTLTISGVQAE
DEADYYCQSADSIGSSWVFGGGTKLTVLGQPKAAPSVTLFPPSSEELQANKATLVCLISDFYPGAVTVAWKADSSPVKAG
VETTTPSKQSNNKYAASSYLSLTPEQWKSHRSYSCQVTHEGSTVEKTVAPTE
;
C,E
#
loop_
_chem_comp.id
_chem_comp.type
_chem_comp.name
_chem_comp.formula
BMA D-saccharide, beta linking beta-D-mannopyranose 'C6 H12 O6'
FUC L-saccharide, alpha linking alpha-L-fucopyranose 'C6 H12 O5'
MAN D-saccharide, alpha linking alpha-D-mannopyranose 'C6 H12 O6'
NAG D-saccharide, beta linking 2-acetamido-2-deoxy-beta-D-glucopyranose 'C8 H15 N O6'
SO4 non-polymer 'SULFATE ION' 'O4 S -2'
UNX non-polymer 'UNKNOWN ATOM OR ION' ?
XYL D-saccharide Xylitol 'C5 H12 O5'
#
# COMPACT_ATOMS: atom_id res chain seq x y z
N GLY A 31 1.79 1.81 -13.80
CA GLY A 31 1.55 1.54 -15.20
C GLY A 31 0.53 0.44 -15.42
N THR A 32 0.60 -0.23 -16.57
CA THR A 32 -0.31 -1.33 -16.88
C THR A 32 0.43 -2.38 -17.70
N GLN A 33 -0.27 -3.48 -18.00
CA GLN A 33 0.23 -4.51 -18.90
C GLN A 33 0.01 -4.09 -20.35
N CYS A 34 0.72 -4.73 -21.26
CA CYS A 34 0.67 -4.34 -22.67
C CYS A 34 0.21 -5.51 -23.54
N VAL A 35 -0.41 -5.16 -24.68
CA VAL A 35 -1.03 -6.11 -25.59
C VAL A 35 -0.39 -5.99 -26.96
N ASN A 36 -0.15 -7.15 -27.59
CA ASN A 36 0.45 -7.20 -28.92
C ASN A 36 -0.64 -7.26 -29.97
N LEU A 37 -0.93 -6.13 -30.61
CA LEU A 37 -2.01 -6.06 -31.60
C LEU A 37 -1.54 -6.01 -33.04
N THR A 38 -0.37 -5.45 -33.32
CA THR A 38 0.05 -5.31 -34.71
C THR A 38 0.18 -6.68 -35.37
N THR A 39 -0.51 -6.85 -36.48
CA THR A 39 -0.55 -8.10 -37.22
C THR A 39 0.64 -8.19 -38.16
N ARG A 40 0.92 -9.42 -38.61
CA ARG A 40 1.95 -9.60 -39.63
C ARG A 40 1.55 -8.89 -40.92
N THR A 41 0.29 -9.04 -41.32
CA THR A 41 -0.23 -8.38 -42.52
C THR A 41 -0.56 -6.93 -42.19
N GLN A 42 0.06 -6.01 -42.91
CA GLN A 42 -0.12 -4.58 -42.68
C GLN A 42 -1.32 -4.07 -43.48
N LEU A 43 -1.75 -2.83 -43.15
CA LEU A 43 -2.79 -2.14 -43.91
C LEU A 43 -2.17 -1.04 -44.75
N PRO A 44 -2.51 -0.94 -46.04
CA PRO A 44 -1.83 0.01 -46.92
C PRO A 44 -2.36 1.42 -46.75
N PRO A 45 -1.48 2.41 -46.73
CA PRO A 45 -1.91 3.81 -46.76
C PRO A 45 -2.36 4.23 -48.16
N ALA A 46 -3.22 5.24 -48.20
CA ALA A 46 -3.66 5.86 -49.43
C ALA A 46 -3.17 7.30 -49.47
N TYR A 47 -3.23 7.93 -50.64
CA TYR A 47 -2.74 9.30 -50.80
C TYR A 47 -3.86 10.18 -51.32
N THR A 48 -3.88 11.43 -50.84
CA THR A 48 -4.89 12.41 -51.23
C THR A 48 -4.27 13.79 -51.09
N ASN A 49 -5.03 14.81 -51.51
CA ASN A 49 -4.61 16.19 -51.32
C ASN A 49 -5.29 16.89 -50.15
N SER A 50 -4.58 17.90 -49.64
CA SER A 50 -5.08 18.85 -48.68
C SER A 50 -6.01 19.88 -49.29
N PHE A 51 -6.12 19.95 -50.62
CA PHE A 51 -6.92 20.97 -51.25
C PHE A 51 -6.57 22.33 -50.64
N THR A 52 -7.53 23.00 -50.03
CA THR A 52 -7.22 24.23 -49.32
C THR A 52 -7.57 24.14 -47.83
N ARG A 53 -7.09 23.12 -47.15
CA ARG A 53 -7.41 22.94 -45.74
C ARG A 53 -6.16 23.13 -44.90
N GLY A 54 -6.37 23.14 -43.59
CA GLY A 54 -5.28 23.27 -42.65
C GLY A 54 -4.94 24.68 -42.24
N VAL A 55 -5.67 25.68 -42.70
CA VAL A 55 -5.39 27.03 -42.29
C VAL A 55 -5.95 27.24 -40.89
N TYR A 56 -5.32 28.16 -40.15
CA TYR A 56 -5.67 28.38 -38.75
C TYR A 56 -5.30 29.80 -38.37
N TYR A 57 -5.94 30.29 -37.31
CA TYR A 57 -5.68 31.63 -36.79
C TYR A 57 -4.30 31.67 -36.16
N PRO A 58 -3.28 32.19 -36.84
CA PRO A 58 -1.92 32.11 -36.28
C PRO A 58 -1.81 32.70 -34.89
N ASP A 59 -2.69 33.64 -34.55
CA ASP A 59 -2.58 34.38 -33.30
C ASP A 59 -3.99 34.70 -32.79
N LYS A 60 -4.04 35.39 -31.64
CA LYS A 60 -5.28 35.81 -31.03
C LYS A 60 -5.61 37.26 -31.31
N VAL A 61 -4.95 37.89 -32.28
CA VAL A 61 -5.17 39.29 -32.58
C VAL A 61 -6.42 39.43 -33.43
N PHE A 62 -7.34 40.29 -33.00
CA PHE A 62 -8.55 40.53 -33.77
C PHE A 62 -8.22 41.36 -35.00
N ARG A 63 -8.76 40.95 -36.14
CA ARG A 63 -8.63 41.69 -37.38
C ARG A 63 -9.97 41.65 -38.09
N SER A 64 -10.35 42.75 -38.74
CA SER A 64 -11.66 42.85 -39.35
C SER A 64 -11.58 43.54 -40.70
N SER A 65 -12.27 42.96 -41.68
CA SER A 65 -12.38 43.54 -43.02
C SER A 65 -11.01 43.92 -43.55
N VAL A 66 -10.09 42.95 -43.51
CA VAL A 66 -8.70 43.23 -43.85
C VAL A 66 -8.04 41.96 -44.37
N LEU A 67 -7.00 42.16 -45.19
CA LEU A 67 -6.18 41.08 -45.73
C LEU A 67 -4.82 41.16 -45.06
N HIS A 68 -4.40 40.08 -44.39
CA HIS A 68 -3.21 40.08 -43.57
C HIS A 68 -2.19 39.05 -44.04
N SER A 69 -0.95 39.49 -44.24
CA SER A 69 0.13 38.61 -44.66
C SER A 69 0.94 38.14 -43.46
N THR A 70 1.20 36.84 -43.40
CA THR A 70 1.98 36.30 -42.30
C THR A 70 2.78 35.09 -42.76
N GLN A 71 4.00 34.98 -42.24
CA GLN A 71 4.87 33.84 -42.47
C GLN A 71 4.85 32.95 -41.25
N ASP A 72 4.54 31.67 -41.45
CA ASP A 72 4.41 30.75 -40.32
C ASP A 72 4.43 29.32 -40.86
N LEU A 73 4.07 28.36 -40.02
CA LEU A 73 3.99 26.96 -40.43
C LEU A 73 2.55 26.64 -40.80
N PHE A 74 2.29 26.54 -42.10
CA PHE A 74 0.97 26.29 -42.64
C PHE A 74 0.96 24.99 -43.42
N LEU A 75 -0.23 24.46 -43.64
CA LEU A 75 -0.34 23.29 -44.51
C LEU A 75 -0.40 23.83 -45.93
N PRO A 76 0.68 23.71 -46.71
CA PRO A 76 0.61 24.20 -48.10
C PRO A 76 -0.67 23.71 -48.76
N PHE A 77 -1.16 24.49 -49.71
CA PHE A 77 -2.32 24.07 -50.46
C PHE A 77 -1.93 22.89 -51.36
N PHE A 78 -2.93 22.05 -51.66
CA PHE A 78 -2.74 20.86 -52.49
C PHE A 78 -1.52 20.06 -52.06
N SER A 79 -1.37 19.90 -50.76
CA SER A 79 -0.18 19.29 -50.23
C SER A 79 -0.40 17.78 -50.12
N ASN A 80 0.71 17.07 -50.05
CA ASN A 80 0.74 15.61 -49.97
C ASN A 80 0.13 15.17 -48.65
N VAL A 81 -0.93 14.35 -48.69
CA VAL A 81 -1.59 13.91 -47.46
C VAL A 81 -1.78 12.40 -47.51
N THR A 82 -1.55 11.74 -46.38
CA THR A 82 -1.61 10.30 -46.27
C THR A 82 -2.82 9.87 -45.44
N TRP A 83 -3.58 8.92 -45.98
CA TRP A 83 -4.79 8.38 -45.36
C TRP A 83 -4.48 6.99 -44.82
N PHE A 84 -4.46 6.86 -43.51
CA PHE A 84 -4.14 5.62 -42.84
C PHE A 84 -5.41 4.94 -42.35
N HIS A 85 -5.49 3.64 -42.55
CA HIS A 85 -6.47 2.79 -41.88
C HIS A 85 -5.75 2.04 -40.78
N ALA A 86 -6.16 2.30 -39.53
CA ALA A 86 -5.45 1.74 -38.39
C ALA A 86 -5.88 0.31 -38.11
N ILE A 87 -7.18 0.03 -38.19
CA ILE A 87 -7.68 -1.32 -37.97
C ILE A 87 -8.75 -1.65 -38.99
N HIS A 88 -8.91 -2.94 -39.29
CA HIS A 88 -9.91 -3.36 -40.25
C HIS A 88 -10.36 -4.78 -39.99
N VAL A 89 -11.62 -5.03 -40.33
CA VAL A 89 -12.27 -6.33 -40.28
C VAL A 89 -12.79 -6.62 -41.68
N SER A 90 -12.30 -7.71 -42.28
CA SER A 90 -12.68 -8.05 -43.66
C SER A 90 -13.95 -8.89 -43.70
N ASN A 93 -14.96 -12.67 -44.35
CA ASN A 93 -14.20 -13.58 -43.51
C ASN A 93 -14.15 -13.08 -42.08
N GLY A 94 -14.11 -11.78 -41.91
CA GLY A 94 -14.01 -11.18 -40.59
C GLY A 94 -12.61 -11.16 -40.02
N THR A 95 -11.59 -11.28 -40.85
CA THR A 95 -10.21 -11.36 -40.40
C THR A 95 -9.75 -10.03 -39.80
N LYS A 96 -8.91 -10.13 -38.77
CA LYS A 96 -8.41 -8.96 -38.05
C LYS A 96 -7.12 -8.43 -38.71
N ARG A 97 -7.04 -7.11 -38.88
CA ARG A 97 -5.77 -6.48 -39.23
C ARG A 97 -5.59 -5.19 -38.45
N PHE A 98 -4.35 -4.94 -38.03
CA PHE A 98 -3.99 -3.79 -37.20
C PHE A 98 -2.64 -3.25 -37.64
N ASP A 99 -2.58 -1.94 -37.87
CA ASP A 99 -1.36 -1.25 -38.32
C ASP A 99 -1.59 0.22 -37.94
N ASN A 100 -1.13 0.61 -36.74
CA ASN A 100 -1.37 1.95 -36.20
C ASN A 100 -0.01 2.63 -35.99
N PRO A 101 0.58 3.18 -37.04
CA PRO A 101 2.02 3.42 -37.03
C PRO A 101 2.41 4.66 -36.24
N VAL A 102 3.69 4.66 -35.86
CA VAL A 102 4.35 5.83 -35.34
C VAL A 102 4.86 6.63 -36.53
N LEU A 103 4.47 7.88 -36.58
CA LEU A 103 4.73 8.75 -37.71
C LEU A 103 5.67 9.86 -37.30
N PRO A 104 6.38 10.46 -38.25
CA PRO A 104 7.20 11.64 -37.92
C PRO A 104 6.34 12.85 -37.63
N PHE A 105 6.94 13.82 -36.96
CA PHE A 105 6.32 15.10 -36.66
C PHE A 105 6.83 16.21 -37.55
N ASN A 106 8.10 16.16 -37.93
CA ASN A 106 8.71 17.16 -38.81
C ASN A 106 8.44 18.52 -38.17
N ASP A 107 7.98 19.52 -38.92
CA ASP A 107 7.83 20.88 -38.44
C ASP A 107 6.46 21.14 -37.84
N GLY A 108 5.60 20.14 -37.84
CA GLY A 108 4.22 20.32 -37.43
C GLY A 108 3.34 19.36 -38.19
N VAL A 109 2.15 19.14 -37.66
CA VAL A 109 1.29 18.10 -38.17
C VAL A 109 -0.12 18.63 -38.37
N TYR A 110 -0.73 18.22 -39.47
CA TYR A 110 -2.14 18.39 -39.76
C TYR A 110 -2.77 17.02 -39.63
N PHE A 111 -3.73 16.89 -38.72
CA PHE A 111 -4.37 15.61 -38.44
C PHE A 111 -5.87 15.77 -38.65
N ALA A 112 -6.49 14.78 -39.28
CA ALA A 112 -7.92 14.89 -39.52
C ALA A 112 -8.55 13.52 -39.49
N SER A 113 -9.82 13.47 -39.13
CA SER A 113 -10.51 12.19 -39.10
C SER A 113 -11.99 12.41 -39.36
N THR A 114 -12.61 11.36 -39.87
CA THR A 114 -14.05 11.30 -40.05
C THR A 114 -14.49 10.10 -39.23
N GLU A 115 -15.24 10.34 -38.17
CA GLU A 115 -15.78 9.25 -37.37
C GLU A 115 -16.81 9.82 -36.41
N LYS A 116 -17.96 9.15 -36.33
CA LYS A 116 -18.95 9.39 -35.29
C LYS A 116 -18.86 8.37 -34.18
N SER A 117 -17.76 7.60 -34.14
CA SER A 117 -17.63 6.46 -33.26
C SER A 117 -16.73 6.73 -32.06
N ASN A 118 -16.20 7.94 -31.92
CA ASN A 118 -15.31 8.27 -30.81
C ASN A 118 -14.18 7.26 -30.68
N ILE A 119 -13.65 6.83 -31.83
CA ILE A 119 -12.59 5.85 -31.81
C ILE A 119 -11.25 6.53 -31.53
N ILE A 120 -10.99 7.65 -32.21
CA ILE A 120 -9.75 8.38 -31.99
C ILE A 120 -9.89 9.14 -30.68
N ARG A 121 -9.00 8.86 -29.73
CA ARG A 121 -9.07 9.49 -28.42
C ARG A 121 -7.93 10.44 -28.15
N GLY A 122 -6.84 10.37 -28.89
CA GLY A 122 -5.74 11.27 -28.59
C GLY A 122 -4.48 10.91 -29.35
N TRP A 123 -3.36 11.33 -28.76
CA TRP A 123 -2.08 11.15 -29.42
C TRP A 123 -0.96 11.08 -28.41
N ILE A 124 0.16 10.53 -28.87
CA ILE A 124 1.40 10.55 -28.15
C ILE A 124 2.41 11.27 -29.00
N PHE A 125 3.14 12.18 -28.39
CA PHE A 125 4.17 12.95 -29.07
C PHE A 125 5.46 12.76 -28.30
N GLY A 126 6.57 12.70 -29.01
CA GLY A 126 7.85 12.66 -28.33
C GLY A 126 8.93 12.30 -29.31
N THR A 127 10.01 11.77 -28.76
CA THR A 127 11.15 11.36 -29.57
C THR A 127 11.29 9.85 -29.47
N THR A 128 11.93 9.36 -28.41
CA THR A 128 12.13 7.93 -28.27
C THR A 128 10.85 7.21 -27.90
N LEU A 129 9.90 7.91 -27.29
CA LEU A 129 8.64 7.31 -26.87
C LEU A 129 8.87 6.16 -25.90
N ASP A 130 9.98 6.21 -25.18
CA ASP A 130 10.28 5.24 -24.13
C ASP A 130 10.77 6.00 -22.91
N SER A 131 11.16 5.25 -21.88
CA SER A 131 11.46 5.86 -20.60
C SER A 131 12.71 6.72 -20.63
N LYS A 132 13.46 6.72 -21.73
CA LYS A 132 14.70 7.50 -21.78
C LYS A 132 14.44 8.97 -22.03
N THR A 133 13.26 9.35 -22.52
CA THR A 133 12.97 10.74 -22.79
C THR A 133 11.53 11.05 -22.40
N GLN A 134 11.28 12.35 -22.20
CA GLN A 134 9.92 12.78 -21.94
C GLN A 134 9.08 12.67 -23.21
N SER A 135 7.79 12.48 -22.99
CA SER A 135 6.83 12.45 -24.06
C SER A 135 5.52 13.02 -23.54
N LEU A 136 4.73 13.48 -24.49
CA LEU A 136 3.46 14.14 -24.28
C LEU A 136 2.35 13.15 -24.59
N LEU A 137 1.42 13.02 -23.66
CA LEU A 137 0.28 12.13 -23.80
C LEU A 137 -0.97 13.00 -23.75
N ILE A 138 -1.82 12.86 -24.76
CA ILE A 138 -3.09 13.55 -24.82
C ILE A 138 -4.17 12.48 -24.97
N VAL A 139 -5.07 12.41 -23.99
CA VAL A 139 -6.11 11.39 -23.97
C VAL A 139 -7.46 12.04 -23.70
N ASN A 140 -8.46 11.63 -24.44
CA ASN A 140 -9.84 12.05 -24.26
C ASN A 140 -10.64 10.84 -23.77
N ASN A 141 -11.66 11.11 -22.97
CA ASN A 141 -12.69 10.13 -22.73
C ASN A 141 -13.98 10.89 -22.47
N ALA A 142 -15.01 10.16 -22.06
CA ALA A 142 -16.34 10.74 -22.01
C ALA A 142 -16.40 11.98 -21.13
N THR A 143 -15.58 12.02 -20.07
CA THR A 143 -15.75 13.01 -19.03
C THR A 143 -14.74 14.14 -19.08
N ASN A 144 -13.56 13.92 -19.65
CA ASN A 144 -12.54 14.97 -19.62
C ASN A 144 -11.41 14.60 -20.56
N VAL A 145 -10.52 15.58 -20.75
CA VAL A 145 -9.24 15.38 -21.41
C VAL A 145 -8.17 15.43 -20.35
N VAL A 146 -7.21 14.53 -20.45
CA VAL A 146 -6.03 14.52 -19.61
C VAL A 146 -4.83 14.66 -20.53
N ILE A 147 -3.90 15.54 -20.14
CA ILE A 147 -2.67 15.78 -20.87
C ILE A 147 -1.54 15.68 -19.87
N LYS A 148 -0.58 14.80 -20.13
CA LYS A 148 0.53 14.58 -19.22
C LYS A 148 1.84 14.63 -19.99
N VAL A 149 2.91 15.02 -19.31
CA VAL A 149 4.26 14.94 -19.87
C VAL A 149 5.12 14.16 -18.90
N CYS A 150 5.55 12.97 -19.31
CA CYS A 150 6.31 12.12 -18.41
C CYS A 150 7.35 11.35 -19.20
N GLU A 151 8.29 10.74 -18.47
CA GLU A 151 9.13 9.69 -19.04
C GLU A 151 8.25 8.44 -19.02
N PHE A 152 7.58 8.21 -20.16
CA PHE A 152 6.70 7.07 -20.36
C PHE A 152 7.46 5.92 -21.01
N GLN A 153 7.18 4.70 -20.58
CA GLN A 153 7.58 3.51 -21.32
C GLN A 153 6.32 3.02 -22.04
N PHE A 154 6.22 3.34 -23.33
CA PHE A 154 4.98 3.12 -24.06
C PHE A 154 4.88 1.70 -24.61
N CYS A 155 3.67 1.15 -24.56
CA CYS A 155 3.41 -0.14 -25.21
C CYS A 155 3.65 -0.01 -26.72
N ASN A 156 4.16 -1.09 -27.31
CA ASN A 156 4.37 -1.07 -28.76
C ASN A 156 3.08 -0.79 -29.52
N ASP A 157 1.93 -1.17 -28.96
CA ASP A 157 0.64 -1.02 -29.61
C ASP A 157 -0.35 -0.40 -28.65
N PRO A 158 -0.11 0.86 -28.24
CA PRO A 158 -0.94 1.48 -27.20
C PRO A 158 -2.38 1.63 -27.67
N PHE A 159 -3.30 1.61 -26.70
CA PHE A 159 -4.71 1.81 -27.01
C PHE A 159 -5.50 1.92 -25.71
N LEU A 160 -6.75 2.35 -25.85
CA LEU A 160 -7.71 2.37 -24.77
C LEU A 160 -8.80 1.35 -25.02
N GLY A 161 -9.26 0.72 -23.95
CA GLY A 161 -10.31 -0.28 -24.03
C GLY A 161 -11.67 0.31 -23.72
N VAL A 162 -12.69 -0.24 -24.37
CA VAL A 162 -14.08 0.14 -24.16
C VAL A 162 -14.89 -1.13 -24.37
N TYR A 163 -16.01 -1.24 -23.66
CA TYR A 163 -16.87 -2.41 -23.78
C TYR A 163 -18.32 -1.97 -23.66
N TYR A 164 -19.23 -2.87 -24.06
CA TYR A 164 -20.66 -2.61 -23.98
C TYR A 164 -21.23 -3.21 -22.70
N HIS A 165 -21.57 -2.34 -21.75
CA HIS A 165 -22.19 -2.71 -20.49
C HIS A 165 -23.65 -3.09 -20.75
N LYS A 166 -23.99 -4.36 -20.48
CA LYS A 166 -25.24 -4.93 -20.94
C LYS A 166 -26.43 -4.49 -20.11
N ASN A 167 -26.22 -4.19 -18.83
CA ASN A 167 -27.35 -3.75 -18.00
C ASN A 167 -27.63 -2.27 -18.21
N ASN A 168 -26.62 -1.41 -18.06
CA ASN A 168 -26.80 -0.02 -18.41
C ASN A 168 -26.96 0.18 -19.92
N LYS A 169 -26.78 -0.88 -20.70
CA LYS A 169 -26.91 -0.84 -22.15
C LYS A 169 -26.24 0.40 -22.73
N SER A 170 -24.93 0.49 -22.50
CA SER A 170 -24.18 1.62 -23.05
C SER A 170 -22.70 1.30 -23.05
N TRP A 171 -21.92 2.08 -23.79
CA TRP A 171 -20.48 1.87 -23.87
C TRP A 171 -19.77 2.53 -22.71
N MET A 172 -18.73 1.88 -22.22
CA MET A 172 -17.99 2.35 -21.06
C MET A 172 -16.51 2.02 -21.21
N GLU A 173 -15.69 2.77 -20.49
CA GLU A 173 -14.25 2.60 -20.53
C GLU A 173 -13.85 1.36 -19.75
N SER A 174 -12.92 0.58 -20.31
CA SER A 174 -12.51 -0.67 -19.64
C SER A 174 -11.19 -0.51 -18.91
N GLU A 175 -10.08 -0.38 -19.65
CA GLU A 175 -8.76 -0.36 -19.04
C GLU A 175 -7.83 0.36 -20.01
N PHE A 176 -6.95 1.20 -19.49
CA PHE A 176 -5.92 1.80 -20.32
C PHE A 176 -4.85 0.77 -20.61
N ARG A 177 -4.35 0.74 -21.84
CA ARG A 177 -3.26 -0.14 -22.21
C ARG A 177 -2.28 0.66 -23.07
N VAL A 178 -1.81 1.76 -22.52
CA VAL A 178 -0.98 2.72 -23.23
C VAL A 178 0.49 2.59 -22.86
N TYR A 179 0.80 2.56 -21.56
CA TYR A 179 2.19 2.55 -21.14
C TYR A 179 2.44 1.62 -19.96
N SER A 180 3.66 1.07 -19.93
CA SER A 180 4.08 0.15 -18.89
C SER A 180 4.39 0.86 -17.58
N SER A 181 4.89 2.08 -17.67
CA SER A 181 5.35 2.83 -16.51
C SER A 181 5.54 4.28 -16.93
N ALA A 182 5.57 5.15 -15.93
CA ALA A 182 5.70 6.59 -16.18
C ALA A 182 6.30 7.24 -14.95
N ASN A 183 7.38 7.99 -15.13
CA ASN A 183 8.02 8.65 -14.01
C ASN A 183 8.40 10.07 -14.41
N ASN A 184 8.91 10.84 -13.44
CA ASN A 184 9.51 12.14 -13.71
C ASN A 184 8.50 13.12 -14.32
N CYS A 185 7.24 13.03 -13.90
CA CYS A 185 6.19 13.78 -14.57
C CYS A 185 6.31 15.27 -14.26
N THR A 186 6.30 16.10 -15.30
CA THR A 186 6.50 17.53 -15.17
C THR A 186 5.33 18.38 -15.60
N PHE A 187 4.27 17.80 -16.16
CA PHE A 187 3.14 18.58 -16.62
C PHE A 187 1.88 17.74 -16.58
N GLU A 188 0.83 18.25 -15.93
CA GLU A 188 -0.47 17.61 -15.93
C GLU A 188 -1.57 18.65 -16.09
N TYR A 189 -2.51 18.40 -17.00
CA TYR A 189 -3.58 19.33 -17.35
C TYR A 189 -4.84 18.51 -17.56
N VAL A 190 -5.94 18.98 -17.01
CA VAL A 190 -7.22 18.31 -17.15
C VAL A 190 -8.26 19.35 -17.55
N SER A 191 -9.12 18.97 -18.49
CA SER A 191 -10.19 19.88 -18.88
C SER A 191 -11.33 19.06 -19.49
N GLN A 192 -12.17 19.71 -20.27
CA GLN A 192 -13.33 19.05 -20.84
C GLN A 192 -12.94 18.30 -22.12
N PRO A 193 -13.69 17.24 -22.45
CA PRO A 193 -13.37 16.49 -23.67
C PRO A 193 -13.57 17.34 -24.92
N PHE A 194 -12.76 17.06 -25.96
CA PHE A 194 -12.97 17.70 -27.24
C PHE A 194 -13.02 16.75 -28.43
N LEU A 195 -12.82 15.45 -28.23
CA LEU A 195 -12.98 14.47 -29.31
C LEU A 195 -14.29 13.70 -29.23
N MET A 196 -15.16 14.03 -28.28
CA MET A 196 -16.36 13.25 -28.02
C MET A 196 -17.55 13.93 -28.71
N ASP A 197 -18.38 13.12 -29.37
CA ASP A 197 -19.58 13.59 -30.06
C ASP A 197 -19.42 14.97 -30.70
N LYS A 206 -20.30 11.65 -40.88
CA LYS A 206 -20.58 12.93 -41.50
C LYS A 206 -19.98 14.09 -40.72
N ASN A 207 -19.03 13.80 -39.83
CA ASN A 207 -18.42 14.81 -38.97
C ASN A 207 -16.90 14.74 -39.12
N LEU A 208 -16.33 15.80 -39.69
CA LEU A 208 -14.91 15.95 -39.95
C LEU A 208 -14.25 16.72 -38.81
N ARG A 209 -13.31 16.08 -38.12
CA ARG A 209 -12.51 16.75 -37.10
C ARG A 209 -11.13 17.05 -37.67
N GLU A 210 -10.67 18.28 -37.47
CA GLU A 210 -9.39 18.73 -37.96
C GLU A 210 -8.58 19.31 -36.80
N PHE A 211 -7.29 19.00 -36.80
CA PHE A 211 -6.33 19.43 -35.79
C PHE A 211 -5.06 19.89 -36.49
N VAL A 212 -4.41 20.88 -35.91
CA VAL A 212 -3.04 21.23 -36.28
C VAL A 212 -2.21 21.31 -35.00
N PHE A 213 -1.05 20.66 -35.03
CA PHE A 213 -0.12 20.56 -33.92
C PHE A 213 1.18 21.25 -34.31
N LYS A 214 1.63 22.19 -33.46
CA LYS A 214 2.92 22.84 -33.62
C LYS A 214 3.69 22.73 -32.32
N ASN A 215 5.02 22.74 -32.41
CA ASN A 215 5.88 22.61 -31.23
C ASN A 215 7.00 23.64 -31.33
N ILE A 216 6.74 24.85 -30.84
CA ILE A 216 7.61 25.99 -31.09
C ILE A 216 7.97 26.68 -29.79
N ASP A 217 9.26 26.99 -29.63
CA ASP A 217 9.78 27.74 -28.49
C ASP A 217 9.16 27.28 -27.18
N GLY A 218 9.08 25.96 -27.01
CA GLY A 218 8.66 25.37 -25.76
C GLY A 218 7.17 25.17 -25.60
N TYR A 219 6.36 25.66 -26.53
CA TYR A 219 4.91 25.54 -26.47
C TYR A 219 4.43 24.55 -27.52
N PHE A 220 3.56 23.64 -27.08
CA PHE A 220 2.85 22.74 -27.98
C PHE A 220 1.47 23.35 -28.22
N LYS A 221 1.25 23.84 -29.43
CA LYS A 221 0.04 24.57 -29.77
C LYS A 221 -0.89 23.69 -30.59
N ILE A 222 -2.17 23.68 -30.22
CA ILE A 222 -3.18 22.85 -30.84
C ILE A 222 -4.31 23.75 -31.31
N TYR A 223 -4.67 23.61 -32.59
CA TYR A 223 -5.80 24.28 -33.21
C TYR A 223 -6.75 23.22 -33.74
N SER A 224 -8.05 23.51 -33.77
CA SER A 224 -8.98 22.48 -34.23
C SER A 224 -10.29 23.07 -34.73
N LYS A 225 -10.99 22.26 -35.53
CA LYS A 225 -12.31 22.62 -36.04
C LYS A 225 -13.13 21.36 -36.29
N HIS A 226 -14.44 21.47 -36.07
CA HIS A 226 -15.41 20.41 -36.34
C HIS A 226 -16.33 20.89 -37.45
N THR A 227 -16.43 20.10 -38.52
CA THR A 227 -17.24 20.47 -39.66
C THR A 227 -18.13 19.31 -40.08
N PRO A 228 -19.40 19.57 -40.42
CA PRO A 228 -20.22 18.49 -41.00
C PRO A 228 -20.00 18.36 -42.51
N ILE A 229 -19.94 17.11 -42.99
CA ILE A 229 -19.65 16.85 -44.40
C ILE A 229 -20.45 15.66 -44.91
N ASN A 230 -20.40 15.47 -46.23
CA ASN A 230 -21.02 14.37 -46.95
C ASN A 230 -20.03 13.72 -47.92
N LEU A 231 -18.76 13.65 -47.53
CA LEU A 231 -17.73 12.98 -48.32
C LEU A 231 -17.08 11.88 -47.50
N VAL A 232 -16.60 10.83 -48.18
CA VAL A 232 -16.13 9.62 -47.53
C VAL A 232 -14.62 9.46 -47.70
N ARG A 233 -14.14 9.37 -48.94
CA ARG A 233 -12.74 9.02 -49.17
C ARG A 233 -11.82 10.24 -49.04
N ASP A 234 -12.10 11.28 -49.81
CA ASP A 234 -11.18 12.39 -49.95
C ASP A 234 -11.57 13.55 -49.05
N LEU A 235 -10.57 14.36 -48.71
CA LEU A 235 -10.82 15.57 -47.95
C LEU A 235 -11.70 16.51 -48.77
N PRO A 236 -12.69 17.16 -48.16
CA PRO A 236 -13.64 17.94 -48.93
C PRO A 236 -13.05 19.25 -49.43
N GLN A 237 -13.55 19.69 -50.57
CA GLN A 237 -13.27 21.05 -50.99
C GLN A 237 -14.00 22.02 -50.08
N GLY A 238 -13.52 23.25 -50.07
CA GLY A 238 -14.04 24.26 -49.18
C GLY A 238 -12.98 24.75 -48.22
N PHE A 239 -13.35 25.79 -47.49
CA PHE A 239 -12.43 26.44 -46.59
C PHE A 239 -13.04 26.46 -45.20
N SER A 240 -12.22 26.17 -44.21
CA SER A 240 -12.63 26.36 -42.82
C SER A 240 -11.36 26.48 -42.00
N ALA A 241 -11.16 27.64 -41.38
CA ALA A 241 -9.98 27.85 -40.55
C ALA A 241 -10.18 27.24 -39.17
N LEU A 242 -9.09 26.77 -38.59
CA LEU A 242 -9.12 26.09 -37.31
C LEU A 242 -8.92 27.08 -36.16
N GLU A 243 -9.72 26.94 -35.13
CA GLU A 243 -9.63 27.89 -34.04
C GLU A 243 -8.64 27.41 -32.97
N PRO A 244 -7.94 28.33 -32.32
CA PRO A 244 -6.97 27.92 -31.30
C PRO A 244 -7.65 27.12 -30.19
N LEU A 245 -7.11 25.95 -29.93
CA LEU A 245 -7.64 25.09 -28.88
C LEU A 245 -6.85 25.28 -27.58
N VAL A 246 -5.54 25.08 -27.62
CA VAL A 246 -4.76 25.27 -26.40
C VAL A 246 -3.29 25.36 -26.74
N ASP A 247 -2.61 26.23 -26.01
CA ASP A 247 -1.15 26.32 -26.02
C ASP A 247 -0.66 25.72 -24.71
N LEU A 248 0.23 24.72 -24.80
CA LEU A 248 0.71 24.00 -23.62
C LEU A 248 2.19 24.29 -23.38
N PRO A 249 2.57 24.81 -22.19
CA PRO A 249 4.00 25.10 -21.87
C PRO A 249 4.79 23.86 -21.51
N ILE A 250 5.04 23.04 -22.52
CA ILE A 250 5.60 21.71 -22.37
C ILE A 250 7.12 21.77 -22.33
N GLY A 251 7.72 22.17 -23.44
CA GLY A 251 9.15 22.31 -23.54
C GLY A 251 9.90 21.01 -23.74
N ILE A 252 9.56 20.26 -24.79
CA ILE A 252 10.25 19.01 -25.10
C ILE A 252 10.45 18.89 -26.61
N ASN A 253 11.48 18.12 -26.98
CA ASN A 253 11.62 17.71 -28.37
C ASN A 253 10.39 16.90 -28.78
N ILE A 254 9.95 17.06 -30.02
CA ILE A 254 8.99 16.14 -30.61
C ILE A 254 9.43 15.87 -32.05
N THR A 255 9.63 14.60 -32.37
CA THR A 255 9.97 14.18 -33.72
C THR A 255 9.06 13.08 -34.23
N ARG A 256 8.23 12.50 -33.37
CA ARG A 256 7.35 11.42 -33.78
C ARG A 256 6.08 11.54 -32.97
N PHE A 257 5.03 10.88 -33.46
CA PHE A 257 3.79 10.80 -32.72
C PHE A 257 3.07 9.54 -33.17
N GLN A 258 2.07 9.16 -32.38
CA GLN A 258 1.23 8.00 -32.69
C GLN A 258 -0.18 8.31 -32.21
N THR A 259 -1.15 7.84 -32.97
CA THR A 259 -2.55 8.06 -32.61
C THR A 259 -2.99 7.05 -31.57
N LEU A 260 -3.81 7.51 -30.62
CA LEU A 260 -4.40 6.63 -29.62
C LEU A 260 -5.82 6.29 -30.02
N LEU A 261 -6.14 5.00 -29.99
CA LEU A 261 -7.43 4.49 -30.43
C LEU A 261 -8.13 3.79 -29.28
N ALA A 262 -9.45 3.82 -29.33
CA ALA A 262 -10.29 3.09 -28.40
C ALA A 262 -10.84 1.86 -29.11
N LEU A 263 -10.54 0.69 -28.57
CA LEU A 263 -10.94 -0.58 -29.18
C LEU A 263 -12.09 -1.20 -28.41
N HIS A 264 -13.01 -1.82 -29.14
CA HIS A 264 -14.09 -2.54 -28.50
C HIS A 264 -13.58 -3.83 -27.89
N ARG A 265 -14.21 -4.23 -26.78
CA ARG A 265 -13.95 -5.55 -26.22
C ARG A 265 -14.10 -6.62 -27.29
N SER A 266 -15.08 -6.44 -28.19
CA SER A 266 -15.33 -7.41 -29.24
C SER A 266 -14.07 -7.80 -29.99
N TYR A 267 -13.10 -6.90 -30.08
CA TYR A 267 -11.90 -7.07 -30.89
C TYR A 267 -10.78 -7.83 -30.18
N LEU A 268 -10.92 -8.09 -28.89
CA LEU A 268 -9.82 -8.64 -28.10
C LEU A 268 -9.95 -10.13 -27.87
N THR A 269 -10.88 -10.80 -28.55
CA THR A 269 -10.95 -12.24 -28.43
C THR A 269 -9.64 -12.84 -28.92
N PRO A 270 -9.34 -14.09 -28.52
CA PRO A 270 -8.05 -14.68 -28.90
C PRO A 270 -8.01 -15.21 -30.33
N GLY A 271 -9.14 -15.25 -31.03
CA GLY A 271 -9.17 -15.68 -32.40
C GLY A 271 -8.80 -14.55 -33.35
N ASP A 272 -8.70 -14.91 -34.63
CA ASP A 272 -8.32 -13.94 -35.66
C ASP A 272 -9.53 -13.23 -36.28
N SER A 273 -10.73 -13.49 -35.78
CA SER A 273 -11.95 -12.93 -36.33
C SER A 273 -12.65 -12.04 -35.31
N SER A 274 -13.28 -10.97 -35.80
CA SER A 274 -14.01 -10.02 -34.95
C SER A 274 -15.39 -9.81 -35.55
N SER A 275 -16.37 -10.61 -35.10
CA SER A 275 -17.73 -10.49 -35.61
C SER A 275 -18.49 -9.33 -35.00
N GLY A 276 -18.04 -8.80 -33.87
CA GLY A 276 -18.82 -7.83 -33.14
C GLY A 276 -18.39 -6.39 -33.32
N TRP A 277 -17.88 -6.03 -34.50
CA TRP A 277 -17.50 -4.64 -34.70
C TRP A 277 -17.21 -4.28 -36.15
N THR A 278 -17.94 -3.28 -36.66
CA THR A 278 -17.70 -2.71 -37.99
C THR A 278 -16.63 -1.62 -37.83
N ALA A 279 -15.38 -2.07 -37.73
CA ALA A 279 -14.25 -1.24 -37.33
C ALA A 279 -13.75 -0.31 -38.43
N GLY A 280 -14.40 -0.25 -39.59
CA GLY A 280 -13.88 0.54 -40.70
C GLY A 280 -13.76 2.02 -40.44
N ALA A 281 -14.41 2.53 -39.39
CA ALA A 281 -14.37 3.96 -39.10
C ALA A 281 -13.03 4.41 -38.51
N ALA A 282 -12.11 3.49 -38.24
CA ALA A 282 -10.86 3.80 -37.56
C ALA A 282 -9.77 4.13 -38.57
N ALA A 283 -9.86 5.34 -39.12
CA ALA A 283 -8.89 5.83 -40.09
C ALA A 283 -8.66 7.31 -39.86
N TYR A 284 -7.55 7.81 -40.39
CA TYR A 284 -7.22 9.22 -40.22
C TYR A 284 -6.29 9.71 -41.32
N TYR A 285 -6.19 11.03 -41.42
CA TYR A 285 -5.40 11.71 -42.42
C TYR A 285 -4.29 12.49 -41.75
N VAL A 286 -3.10 12.45 -42.36
CA VAL A 286 -1.92 13.14 -41.82
C VAL A 286 -1.24 13.90 -42.95
N GLY A 287 -1.07 15.20 -42.75
CA GLY A 287 -0.20 16.02 -43.57
C GLY A 287 0.76 16.79 -42.68
N TYR A 288 1.67 17.51 -43.31
CA TYR A 288 2.72 18.17 -42.56
C TYR A 288 2.84 19.64 -42.93
N LEU A 289 3.07 20.45 -41.91
CA LEU A 289 3.18 21.89 -42.07
C LEU A 289 4.55 22.25 -42.62
N GLN A 290 4.60 23.38 -43.30
CA GLN A 290 5.81 23.91 -43.90
C GLN A 290 5.87 25.40 -43.62
N PRO A 291 7.06 25.98 -43.54
CA PRO A 291 7.17 27.45 -43.46
C PRO A 291 6.74 28.04 -44.80
N ARG A 292 5.67 28.82 -44.75
CA ARG A 292 5.11 29.44 -45.93
C ARG A 292 4.59 30.82 -45.56
N THR A 293 4.45 31.67 -46.56
CA THR A 293 3.78 32.95 -46.39
C THR A 293 2.38 32.85 -46.95
N PHE A 294 1.40 33.28 -46.16
CA PHE A 294 -0.01 33.19 -46.50
C PHE A 294 -0.65 34.57 -46.36
N LEU A 295 -1.61 34.84 -47.22
CA LEU A 295 -2.53 35.96 -47.04
C LEU A 295 -3.86 35.45 -46.50
N LEU A 296 -4.33 36.06 -45.42
CA LEU A 296 -5.55 35.64 -44.74
C LEU A 296 -6.59 36.74 -44.89
N LYS A 297 -7.78 36.37 -45.34
CA LYS A 297 -8.87 37.32 -45.54
C LYS A 297 -9.80 37.29 -44.33
N TYR A 298 -9.81 38.38 -43.55
CA TYR A 298 -10.68 38.53 -42.40
C TYR A 298 -11.90 39.36 -42.79
N ASN A 299 -13.09 38.79 -42.60
CA ASN A 299 -14.31 39.53 -42.92
C ASN A 299 -14.62 40.51 -41.79
N GLU A 300 -15.72 41.24 -41.94
CA GLU A 300 -16.05 42.32 -41.01
C GLU A 300 -16.35 41.82 -39.60
N ASN A 301 -16.55 40.52 -39.42
CA ASN A 301 -16.75 39.92 -38.11
C ASN A 301 -15.49 39.24 -37.58
N GLY A 302 -14.35 39.41 -38.26
CA GLY A 302 -13.09 38.89 -37.78
C GLY A 302 -12.82 37.45 -38.11
N THR A 303 -13.64 36.84 -38.96
CA THR A 303 -13.52 35.44 -39.33
C THR A 303 -12.66 35.33 -40.58
N ILE A 304 -11.80 34.32 -40.62
CA ILE A 304 -11.01 34.05 -41.82
C ILE A 304 -11.90 33.28 -42.79
N THR A 305 -12.09 33.83 -43.99
CA THR A 305 -12.96 33.23 -44.99
C THR A 305 -12.22 32.73 -46.23
N ASP A 306 -10.98 33.14 -46.43
CA ASP A 306 -10.24 32.77 -47.62
C ASP A 306 -8.76 32.96 -47.33
N ALA A 307 -7.92 32.31 -48.14
CA ALA A 307 -6.49 32.45 -47.93
C ALA A 307 -5.77 32.23 -49.26
N VAL A 308 -4.52 32.68 -49.29
CA VAL A 308 -3.66 32.56 -50.46
C VAL A 308 -2.33 32.01 -49.99
N ASP A 309 -1.89 30.90 -50.60
CA ASP A 309 -0.54 30.38 -50.43
C ASP A 309 0.33 31.09 -51.47
N CYS A 310 1.15 32.04 -51.02
CA CYS A 310 1.86 32.91 -51.94
C CYS A 310 2.82 32.15 -52.85
N ALA A 311 3.35 31.03 -52.38
CA ALA A 311 4.33 30.27 -53.14
C ALA A 311 3.70 29.26 -54.08
N LEU A 312 2.40 29.03 -53.95
CA LEU A 312 1.73 28.00 -54.73
C LEU A 312 2.00 28.15 -56.22
N ASP A 313 1.75 29.34 -56.76
CA ASP A 313 1.72 29.54 -58.20
C ASP A 313 2.03 31.00 -58.49
N PRO A 314 2.28 31.34 -59.75
CA PRO A 314 2.49 32.76 -60.09
C PRO A 314 1.29 33.63 -59.77
N LEU A 315 0.07 33.13 -59.96
CA LEU A 315 -1.11 33.94 -59.68
C LEU A 315 -1.15 34.35 -58.21
N SER A 316 -0.85 33.41 -57.32
CA SER A 316 -0.81 33.73 -55.89
C SER A 316 0.36 34.65 -55.57
N GLU A 317 1.54 34.40 -56.14
CA GLU A 317 2.65 35.32 -55.95
C GLU A 317 2.24 36.73 -56.34
N THR A 318 1.40 36.85 -57.37
CA THR A 318 0.91 38.15 -57.82
C THR A 318 -0.03 38.78 -56.81
N LYS A 319 -0.99 37.99 -56.31
CA LYS A 319 -1.92 38.53 -55.33
C LYS A 319 -1.21 38.93 -54.04
N CYS A 320 -0.05 38.34 -53.75
CA CYS A 320 0.69 38.71 -52.55
C CYS A 320 1.58 39.94 -52.78
N THR A 321 2.19 40.03 -53.97
CA THR A 321 2.89 41.27 -54.32
C THR A 321 1.93 42.45 -54.34
N ALA A 322 0.74 42.25 -54.93
CA ALA A 322 -0.25 43.30 -55.03
C ALA A 322 -0.95 43.57 -53.70
N LYS A 323 -0.99 42.59 -52.80
CA LYS A 323 -1.58 42.78 -51.47
C LYS A 323 -3.07 43.11 -51.58
N SER A 324 -3.77 42.39 -52.45
CA SER A 324 -5.19 42.61 -52.68
C SER A 324 -5.81 41.47 -53.49
N THR B 30 -3.10 14.27 3.02
CA THR B 30 -2.70 15.38 2.14
C THR B 30 -2.70 16.69 2.93
N GLY B 31 -1.64 17.47 2.79
CA GLY B 31 -1.56 18.77 3.44
C GLY B 31 -0.77 18.73 4.74
N THR B 32 -0.83 19.85 5.46
CA THR B 32 -0.02 20.03 6.66
C THR B 32 -0.81 20.79 7.72
N GLN B 33 -0.24 20.86 8.92
CA GLN B 33 -0.75 21.73 9.95
C GLN B 33 -0.47 23.18 9.59
N CYS B 34 -1.17 24.10 10.24
CA CYS B 34 -1.05 25.52 9.96
C CYS B 34 -0.56 26.26 11.20
N VAL B 35 0.17 27.34 10.97
CA VAL B 35 0.80 28.12 12.03
C VAL B 35 0.19 29.52 12.04
N ASN B 36 -0.19 29.96 13.24
CA ASN B 36 -0.81 31.30 13.43
C ASN B 36 0.31 32.32 13.64
N LEU B 37 0.58 33.18 12.64
CA LEU B 37 1.65 34.15 12.68
C LEU B 37 1.19 35.60 12.74
N THR B 38 0.03 35.92 12.16
CA THR B 38 -0.40 37.31 12.10
C THR B 38 -0.60 37.89 13.49
N THR B 39 0.00 39.06 13.71
CA THR B 39 -0.01 39.73 15.01
C THR B 39 -1.13 40.76 15.07
N ARG B 40 -1.63 41.00 16.28
CA ARG B 40 -2.61 42.06 16.48
C ARG B 40 -2.12 43.38 15.91
N THR B 41 -0.83 43.67 16.11
CA THR B 41 -0.24 44.89 15.58
C THR B 41 0.08 44.71 14.11
N GLN B 42 -0.43 45.61 13.28
CA GLN B 42 -0.21 45.56 11.84
C GLN B 42 1.03 46.37 11.47
N LEU B 43 1.46 46.23 10.20
CA LEU B 43 2.59 46.98 9.66
C LEU B 43 2.10 48.03 8.66
N PRO B 44 2.61 49.26 8.71
CA PRO B 44 2.05 50.33 7.88
C PRO B 44 2.53 50.21 6.45
N PRO B 45 1.61 50.19 5.48
CA PRO B 45 2.00 50.26 4.08
C PRO B 45 2.53 51.63 3.73
N ALA B 46 3.27 51.69 2.64
CA ALA B 46 3.81 52.94 2.11
C ALA B 46 3.23 53.15 0.72
N TYR B 47 3.19 54.40 0.28
CA TYR B 47 2.67 54.74 -1.04
C TYR B 47 3.79 55.26 -1.91
N THR B 48 3.92 54.67 -3.10
CA THR B 48 4.95 55.03 -4.05
C THR B 48 4.32 55.04 -5.43
N ASN B 49 5.16 55.10 -6.46
CA ASN B 49 4.74 55.46 -7.80
C ASN B 49 5.43 54.57 -8.82
N SER B 50 4.69 54.21 -9.89
CA SER B 50 5.15 53.26 -10.88
C SER B 50 6.03 53.88 -11.96
N PHE B 51 6.06 55.21 -12.09
CA PHE B 51 6.81 55.88 -13.15
C PHE B 51 6.54 55.21 -14.49
N THR B 52 7.57 54.65 -15.12
CA THR B 52 7.41 53.96 -16.40
C THR B 52 7.88 52.52 -16.30
N ARG B 53 7.68 51.91 -15.14
CA ARG B 53 7.92 50.48 -15.02
C ARG B 53 6.71 49.69 -15.52
N GLY B 54 6.87 48.38 -15.59
CA GLY B 54 5.77 47.48 -15.83
C GLY B 54 5.40 47.26 -17.27
N VAL B 55 6.13 47.84 -18.22
CA VAL B 55 5.85 47.54 -19.62
C VAL B 55 6.37 46.15 -19.94
N TYR B 56 5.67 45.45 -20.83
CA TYR B 56 6.02 44.08 -21.16
C TYR B 56 5.72 43.81 -22.63
N TYR B 57 6.45 42.86 -23.20
CA TYR B 57 6.21 42.42 -24.57
C TYR B 57 4.82 41.79 -24.64
N PRO B 58 3.85 42.41 -25.31
CA PRO B 58 2.50 41.82 -25.32
C PRO B 58 2.45 40.45 -25.96
N ASP B 59 3.41 40.11 -26.81
CA ASP B 59 3.41 38.88 -27.57
C ASP B 59 4.85 38.48 -27.86
N LYS B 60 5.01 37.35 -28.56
CA LYS B 60 6.32 36.82 -28.91
C LYS B 60 6.72 37.15 -30.34
N VAL B 61 6.10 38.18 -30.92
CA VAL B 61 6.36 38.55 -32.31
C VAL B 61 7.59 39.45 -32.38
N PHE B 62 8.48 39.15 -33.32
CA PHE B 62 9.64 39.99 -33.55
C PHE B 62 9.26 41.22 -34.38
N ARG B 63 9.58 42.39 -33.85
CA ARG B 63 9.41 43.67 -34.54
C ARG B 63 10.71 44.43 -34.42
N SER B 64 11.04 45.20 -35.46
CA SER B 64 12.33 45.88 -35.51
C SER B 64 12.14 47.29 -36.02
N SER B 65 12.72 48.25 -35.31
CA SER B 65 12.74 49.64 -35.74
C SER B 65 11.33 50.11 -36.09
N VAL B 66 10.41 49.95 -35.13
CA VAL B 66 9.01 50.26 -35.40
C VAL B 66 8.33 50.65 -34.10
N LEU B 67 7.36 51.56 -34.21
CA LEU B 67 6.51 51.96 -33.09
C LEU B 67 5.15 51.29 -33.25
N HIS B 68 4.85 50.33 -32.39
CA HIS B 68 3.68 49.47 -32.50
C HIS B 68 2.65 49.82 -31.45
N SER B 69 1.40 50.01 -31.88
CA SER B 69 0.31 50.31 -30.96
C SER B 69 -0.42 49.03 -30.58
N THR B 70 -0.75 48.89 -29.29
CA THR B 70 -1.54 47.75 -28.85
C THR B 70 -2.36 48.14 -27.63
N GLN B 71 -3.60 47.65 -27.59
CA GLN B 71 -4.47 47.83 -26.45
C GLN B 71 -4.47 46.55 -25.62
N ASP B 72 -4.21 46.68 -24.33
CA ASP B 72 -3.98 45.53 -23.47
C ASP B 72 -4.03 46.01 -22.03
N LEU B 73 -3.85 45.08 -21.10
CA LEU B 73 -3.73 45.44 -19.70
C LEU B 73 -2.28 45.82 -19.42
N PHE B 74 -2.06 47.09 -19.08
CA PHE B 74 -0.73 47.60 -18.79
C PHE B 74 -0.76 48.28 -17.44
N LEU B 75 0.42 48.55 -16.91
CA LEU B 75 0.53 49.34 -15.69
C LEU B 75 0.53 50.80 -16.10
N PRO B 76 -0.55 51.54 -15.89
CA PRO B 76 -0.55 52.96 -16.28
C PRO B 76 0.70 53.62 -15.76
N PHE B 77 1.26 54.52 -16.56
CA PHE B 77 2.39 55.29 -16.09
C PHE B 77 1.97 56.10 -14.87
N PHE B 78 2.94 56.32 -13.98
CA PHE B 78 2.71 57.14 -12.79
C PHE B 78 1.42 56.72 -12.09
N SER B 79 1.36 55.44 -11.77
CA SER B 79 0.16 54.86 -11.16
C SER B 79 0.42 54.60 -9.68
N ASN B 80 -0.69 54.45 -8.95
CA ASN B 80 -0.71 54.35 -7.49
C ASN B 80 -0.17 52.99 -7.07
N VAL B 81 1.04 52.95 -6.48
CA VAL B 81 1.65 51.68 -6.08
C VAL B 81 1.79 51.63 -4.57
N THR B 82 1.65 50.43 -4.00
CA THR B 82 1.68 50.22 -2.56
C THR B 82 2.88 49.34 -2.17
N TRP B 83 3.61 49.76 -1.14
CA TRP B 83 4.81 49.09 -0.64
C TRP B 83 4.49 48.43 0.69
N PHE B 84 4.48 47.09 0.72
CA PHE B 84 4.12 46.32 1.89
C PHE B 84 5.37 45.76 2.57
N HIS B 85 5.46 45.96 3.88
CA HIS B 85 6.43 45.26 4.71
C HIS B 85 5.71 44.13 5.41
N ALA B 86 6.12 42.90 5.12
CA ALA B 86 5.39 41.73 5.55
C ALA B 86 5.76 41.33 6.97
N ILE B 87 7.03 41.45 7.33
CA ILE B 87 7.51 41.09 8.66
C ILE B 87 8.62 42.06 9.07
N HIS B 88 8.80 42.19 10.38
CA HIS B 88 9.84 43.07 10.91
C HIS B 88 10.06 42.69 12.37
N VAL B 89 11.23 43.05 12.88
CA VAL B 89 11.56 42.77 14.28
C VAL B 89 12.05 44.02 15.01
N ASN B 93 13.95 45.87 21.28
CA ASN B 93 13.46 44.67 21.94
C ASN B 93 13.48 43.46 21.02
N GLY B 94 13.33 43.70 19.71
CA GLY B 94 13.27 42.62 18.76
C GLY B 94 11.91 41.99 18.58
N THR B 95 10.84 42.71 18.92
CA THR B 95 9.51 42.13 18.93
C THR B 95 9.05 41.73 17.53
N LYS B 96 8.29 40.64 17.48
CA LYS B 96 7.85 40.07 16.21
C LYS B 96 6.61 40.80 15.69
N ARG B 97 6.60 41.08 14.39
CA ARG B 97 5.42 41.62 13.70
C ARG B 97 5.29 40.93 12.36
N PHE B 98 4.07 40.53 12.02
CA PHE B 98 3.77 39.81 10.77
C PHE B 98 2.48 40.37 10.20
N ASP B 99 2.53 40.78 8.93
CA ASP B 99 1.35 41.35 8.27
C ASP B 99 1.54 41.10 6.77
N ASN B 100 1.05 39.96 6.30
CA ASN B 100 1.24 39.51 4.93
C ASN B 100 -0.15 39.35 4.30
N PRO B 101 -0.79 40.45 3.92
CA PRO B 101 -2.22 40.41 3.64
C PRO B 101 -2.56 39.68 2.36
N VAL B 102 -3.82 39.27 2.27
CA VAL B 102 -4.42 38.89 1.00
C VAL B 102 -4.88 40.16 0.31
N LEU B 103 -4.51 40.32 -0.95
CA LEU B 103 -4.75 41.53 -1.69
C LEU B 103 -5.66 41.26 -2.87
N PRO B 104 -6.38 42.27 -3.36
CA PRO B 104 -7.20 42.06 -4.55
C PRO B 104 -6.33 41.88 -5.78
N PHE B 105 -6.91 41.20 -6.76
CA PHE B 105 -6.29 41.03 -8.07
C PHE B 105 -6.82 42.02 -9.08
N ASN B 106 -8.10 42.41 -8.96
CA ASN B 106 -8.67 43.36 -9.91
C ASN B 106 -8.38 42.83 -11.30
N ASP B 107 -8.04 43.69 -12.24
CA ASP B 107 -7.90 43.22 -13.62
C ASP B 107 -6.54 42.57 -13.89
N GLY B 108 -5.57 42.74 -13.01
CA GLY B 108 -4.24 42.24 -13.23
C GLY B 108 -3.32 42.87 -12.20
N VAL B 109 -2.13 42.30 -12.07
CA VAL B 109 -1.24 42.71 -10.99
C VAL B 109 0.18 42.92 -11.49
N TYR B 110 0.84 43.95 -10.96
CA TYR B 110 2.27 44.18 -11.04
C TYR B 110 2.86 43.96 -9.65
N PHE B 111 3.94 43.20 -9.57
CA PHE B 111 4.57 42.80 -8.33
C PHE B 111 6.08 43.00 -8.46
N ALA B 112 6.72 43.47 -7.40
CA ALA B 112 8.16 43.68 -7.52
C ALA B 112 8.84 43.65 -6.17
N SER B 113 10.11 43.25 -6.17
CA SER B 113 10.85 43.19 -4.91
C SER B 113 12.34 43.34 -5.14
N THR B 114 13.02 43.86 -4.13
CA THR B 114 14.47 43.96 -4.11
C THR B 114 14.93 43.12 -2.93
N GLU B 115 15.59 42.01 -3.20
CA GLU B 115 16.06 41.17 -2.10
C GLU B 115 17.18 40.29 -2.61
N LYS B 116 18.21 40.13 -1.79
CA LYS B 116 19.23 39.12 -2.00
C LYS B 116 19.01 37.90 -1.12
N SER B 117 17.85 37.82 -0.47
CA SER B 117 17.60 36.83 0.57
C SER B 117 16.74 35.67 0.12
N ASN B 118 16.22 35.69 -1.11
CA ASN B 118 15.34 34.64 -1.61
C ASN B 118 14.17 34.42 -0.65
N ILE B 119 13.67 35.51 -0.06
CA ILE B 119 12.60 35.39 0.91
C ILE B 119 11.26 35.17 0.22
N ILE B 120 11.02 35.92 -0.85
CA ILE B 120 9.78 35.75 -1.60
C ILE B 120 9.91 34.50 -2.44
N ARG B 121 8.93 33.62 -2.33
CA ARG B 121 8.97 32.34 -3.01
C ARG B 121 7.82 32.14 -3.99
N GLY B 122 6.75 32.91 -3.91
CA GLY B 122 5.68 32.71 -4.87
C GLY B 122 4.40 33.39 -4.42
N TRP B 123 3.30 32.84 -4.94
CA TRP B 123 2.01 33.47 -4.73
C TRP B 123 0.89 32.45 -4.74
N ILE B 124 -0.20 32.85 -4.11
CA ILE B 124 -1.48 32.17 -4.19
C ILE B 124 -2.42 33.08 -4.96
N PHE B 125 -3.14 32.52 -5.92
CA PHE B 125 -4.13 33.28 -6.67
C PHE B 125 -5.44 32.52 -6.62
N GLY B 126 -6.54 33.25 -6.55
CA GLY B 126 -7.83 32.59 -6.55
C GLY B 126 -8.92 33.53 -6.08
N THR B 127 -9.96 32.93 -5.50
CA THR B 127 -11.14 33.68 -5.08
C THR B 127 -11.34 33.53 -3.58
N THR B 128 -11.91 32.40 -3.15
CA THR B 128 -12.11 32.16 -1.72
C THR B 128 -10.86 31.63 -1.06
N LEU B 129 -9.93 31.07 -1.83
CA LEU B 129 -8.68 30.54 -1.30
C LEU B 129 -8.92 29.47 -0.25
N ASP B 130 -9.99 28.71 -0.41
CA ASP B 130 -10.27 27.59 0.48
C ASP B 130 -10.79 26.44 -0.37
N SER B 131 -11.17 25.36 0.29
CA SER B 131 -11.51 24.13 -0.43
C SER B 131 -12.76 24.27 -1.29
N LYS B 132 -13.48 25.38 -1.19
CA LYS B 132 -14.71 25.55 -1.98
C LYS B 132 -14.41 25.88 -3.43
N THR B 133 -13.25 26.44 -3.74
CA THR B 133 -12.95 26.84 -5.11
C THR B 133 -11.52 26.44 -5.47
N GLN B 134 -11.28 26.36 -6.77
CA GLN B 134 -9.93 26.14 -7.26
C GLN B 134 -9.07 27.37 -6.98
N SER B 135 -7.78 27.13 -6.87
CA SER B 135 -6.81 28.19 -6.68
C SER B 135 -5.49 27.73 -7.29
N LEU B 136 -4.71 28.74 -7.68
CA LEU B 136 -3.42 28.59 -8.35
C LEU B 136 -2.32 28.85 -7.33
N LEU B 137 -1.36 27.95 -7.28
CA LEU B 137 -0.26 27.99 -6.34
C LEU B 137 1.02 28.02 -7.16
N ILE B 138 1.85 29.03 -6.95
CA ILE B 138 3.13 29.14 -7.62
C ILE B 138 4.19 29.22 -6.52
N VAL B 139 5.09 28.23 -6.49
CA VAL B 139 6.08 28.11 -5.44
C VAL B 139 7.44 27.83 -6.06
N ASN B 140 8.45 28.56 -5.59
CA ASN B 140 9.82 28.37 -6.01
C ASN B 140 10.63 27.88 -4.83
N ASN B 141 11.59 27.00 -5.10
CA ASN B 141 12.60 26.68 -4.11
C ASN B 141 13.90 26.45 -4.85
N ALA B 142 14.91 25.99 -4.11
CA ALA B 142 16.26 25.97 -4.65
C ALA B 142 16.35 25.16 -5.94
N THR B 143 15.47 24.19 -6.13
CA THR B 143 15.65 23.21 -7.18
C THR B 143 14.68 23.33 -8.35
N ASN B 144 13.49 23.88 -8.14
CA ASN B 144 12.52 23.94 -9.22
C ASN B 144 11.33 24.80 -8.82
N VAL B 145 10.52 25.11 -9.81
CA VAL B 145 9.23 25.77 -9.62
C VAL B 145 8.15 24.71 -9.73
N VAL B 146 7.15 24.81 -8.85
CA VAL B 146 5.94 24.03 -8.95
C VAL B 146 4.77 25.00 -9.05
N ILE B 147 3.85 24.71 -9.96
CA ILE B 147 2.64 25.49 -10.16
C ILE B 147 1.50 24.49 -10.19
N LYS B 148 0.60 24.59 -9.23
CA LYS B 148 -0.50 23.64 -9.12
C LYS B 148 -1.81 24.39 -9.07
N VAL B 149 -2.84 23.79 -9.65
CA VAL B 149 -4.19 24.29 -9.52
C VAL B 149 -5.02 23.19 -8.90
N CYS B 150 -5.51 23.45 -7.68
CA CYS B 150 -6.24 22.49 -6.87
C CYS B 150 -7.28 23.22 -6.04
N GLU B 151 -8.16 22.45 -5.39
CA GLU B 151 -9.03 23.00 -4.34
C GLU B 151 -8.23 22.97 -3.04
N PHE B 152 -7.43 24.02 -2.85
CA PHE B 152 -6.57 24.13 -1.68
C PHE B 152 -7.35 24.68 -0.50
N GLN B 153 -7.09 24.13 0.68
CA GLN B 153 -7.57 24.69 1.94
C GLN B 153 -6.38 25.41 2.58
N PHE B 154 -6.23 26.69 2.26
CA PHE B 154 -5.01 27.40 2.61
C PHE B 154 -4.98 27.78 4.08
N CYS B 155 -3.76 27.79 4.64
CA CYS B 155 -3.55 28.30 5.98
C CYS B 155 -3.77 29.80 5.99
N ASN B 156 -4.39 30.32 7.07
CA ASN B 156 -4.58 31.75 7.19
C ASN B 156 -3.27 32.52 7.03
N ASP B 157 -2.14 31.89 7.35
CA ASP B 157 -0.83 32.54 7.27
C ASP B 157 0.14 31.64 6.54
N PRO B 158 -0.10 31.40 5.24
CA PRO B 158 0.75 30.45 4.51
C PRO B 158 2.18 30.93 4.44
N PHE B 159 3.11 29.98 4.48
CA PHE B 159 4.53 30.30 4.38
C PHE B 159 5.32 29.02 4.20
N LEU B 160 6.60 29.18 3.86
CA LEU B 160 7.56 28.10 3.79
C LEU B 160 8.59 28.26 4.90
N GLY B 161 9.05 27.15 5.44
CA GLY B 161 10.03 27.15 6.50
C GLY B 161 11.44 26.98 5.95
N VAL B 162 12.40 27.57 6.65
CA VAL B 162 13.80 27.49 6.29
C VAL B 162 14.59 27.43 7.59
N TYR B 163 15.74 26.76 7.55
CA TYR B 163 16.61 26.69 8.71
C TYR B 163 18.07 26.69 8.25
N TYR B 164 18.96 27.06 9.18
CA TYR B 164 20.39 27.07 8.91
C TYR B 164 20.99 25.76 9.40
N HIS B 165 21.45 24.94 8.45
CA HIS B 165 21.98 23.62 8.75
C HIS B 165 23.36 23.73 9.38
N LYS B 166 23.45 23.31 10.64
CA LYS B 166 24.63 23.60 11.45
C LYS B 166 25.91 23.06 10.82
N ASN B 167 25.89 21.82 10.33
CA ASN B 167 27.11 21.19 9.87
C ASN B 167 27.45 21.54 8.42
N ASN B 168 26.47 21.50 7.52
CA ASN B 168 26.71 21.86 6.13
C ASN B 168 26.77 23.37 5.93
N LYS B 169 26.51 24.14 6.97
CA LYS B 169 26.70 25.60 6.96
C LYS B 169 26.04 26.23 5.73
N SER B 170 24.75 26.00 5.59
CA SER B 170 23.98 26.60 4.51
C SER B 170 22.51 26.58 4.90
N TRP B 171 21.72 27.40 4.21
CA TRP B 171 20.29 27.43 4.45
C TRP B 171 19.62 26.28 3.69
N MET B 172 18.54 25.77 4.27
CA MET B 172 17.83 24.65 3.65
C MET B 172 16.36 24.73 3.99
N GLU B 173 15.56 24.07 3.16
CA GLU B 173 14.12 24.04 3.33
C GLU B 173 13.77 23.13 4.51
N SER B 174 12.82 23.57 5.32
CA SER B 174 12.34 22.71 6.39
C SER B 174 11.05 22.02 5.94
N GLU B 175 9.93 22.74 5.98
CA GLU B 175 8.62 22.11 5.89
C GLU B 175 7.65 23.13 5.35
N PHE B 176 6.76 22.69 4.46
CA PHE B 176 5.73 23.58 3.92
C PHE B 176 4.64 23.79 4.96
N ARG B 177 4.15 25.03 5.05
CA ARG B 177 3.02 25.37 5.91
C ARG B 177 2.03 26.25 5.16
N VAL B 178 1.61 25.78 4.00
CA VAL B 178 0.80 26.56 3.08
C VAL B 178 -0.66 26.17 3.14
N TYR B 179 -0.95 24.87 3.00
CA TYR B 179 -2.32 24.39 2.96
C TYR B 179 -2.45 23.16 3.83
N SER B 180 -3.66 22.97 4.34
CA SER B 180 -4.01 21.81 5.14
C SER B 180 -4.53 20.66 4.30
N SER B 181 -5.04 20.92 3.10
CA SER B 181 -5.56 19.87 2.25
C SER B 181 -5.70 20.39 0.83
N ALA B 182 -5.70 19.45 -0.12
CA ALA B 182 -5.73 19.80 -1.54
C ALA B 182 -6.30 18.64 -2.32
N ASN B 183 -7.38 18.89 -3.05
CA ASN B 183 -8.06 17.85 -3.82
C ASN B 183 -8.52 18.44 -5.15
N ASN B 184 -9.07 17.57 -5.99
CA ASN B 184 -9.55 17.96 -7.30
C ASN B 184 -8.49 18.71 -8.10
N CYS B 185 -7.24 18.23 -8.05
CA CYS B 185 -6.17 18.96 -8.73
C CYS B 185 -6.33 18.83 -10.23
N THR B 186 -6.37 19.97 -10.91
CA THR B 186 -6.50 20.00 -12.36
C THR B 186 -5.25 20.43 -13.09
N PHE B 187 -4.28 21.06 -12.41
CA PHE B 187 -3.12 21.52 -13.15
C PHE B 187 -1.84 21.33 -12.33
N GLU B 188 -0.78 20.88 -13.01
CA GLU B 188 0.54 20.83 -12.39
C GLU B 188 1.59 21.10 -13.46
N TYR B 189 2.55 21.97 -13.12
CA TYR B 189 3.60 22.42 -14.02
C TYR B 189 4.86 22.51 -13.18
N VAL B 190 5.95 21.92 -13.66
CA VAL B 190 7.20 21.91 -12.93
C VAL B 190 8.32 22.35 -13.86
N SER B 191 9.09 23.33 -13.44
CA SER B 191 10.17 23.82 -14.28
C SER B 191 11.33 24.26 -13.40
N GLN B 192 12.18 25.03 -13.95
CA GLN B 192 13.33 25.52 -13.22
C GLN B 192 12.98 26.79 -12.47
N PRO B 193 13.62 27.02 -11.31
CA PRO B 193 13.25 28.19 -10.49
C PRO B 193 13.32 29.49 -11.28
N PHE B 194 12.55 30.49 -10.84
CA PHE B 194 12.73 31.83 -11.37
C PHE B 194 12.73 32.93 -10.31
N LEU B 195 12.68 32.61 -9.03
CA LEU B 195 12.85 33.61 -7.97
C LEU B 195 14.19 33.51 -7.25
N MET B 196 14.99 32.50 -7.56
CA MET B 196 16.17 32.18 -6.78
C MET B 196 17.39 32.85 -7.41
N ASP B 197 18.22 33.45 -6.56
CA ASP B 197 19.44 34.13 -6.99
C ASP B 197 19.29 34.86 -8.32
N LYS B 206 21.58 46.01 -5.08
CA LYS B 206 20.42 45.15 -4.93
C LYS B 206 19.94 44.67 -6.30
N ASN B 207 19.06 43.66 -6.29
CA ASN B 207 18.51 43.06 -7.51
C ASN B 207 17.00 43.21 -7.47
N LEU B 208 16.47 44.01 -8.39
CA LEU B 208 15.05 44.28 -8.50
C LEU B 208 14.40 43.27 -9.45
N ARG B 209 13.49 42.47 -8.91
CA ARG B 209 12.72 41.50 -9.66
C ARG B 209 11.33 42.08 -9.88
N GLU B 210 10.83 41.98 -11.11
CA GLU B 210 9.54 42.52 -11.49
C GLU B 210 8.75 41.44 -12.18
N PHE B 211 7.46 41.37 -11.85
CA PHE B 211 6.53 40.41 -12.41
C PHE B 211 5.23 41.11 -12.79
N VAL B 212 4.60 40.61 -13.84
CA VAL B 212 3.26 41.02 -14.22
C VAL B 212 2.41 39.78 -14.42
N PHE B 213 1.25 39.77 -13.76
CA PHE B 213 0.31 38.65 -13.76
C PHE B 213 -0.99 39.11 -14.43
N LYS B 214 -1.37 38.42 -15.49
CA LYS B 214 -2.64 38.62 -16.17
C LYS B 214 -3.44 37.33 -16.15
N ASN B 215 -4.76 37.44 -16.08
CA ASN B 215 -5.64 36.28 -16.11
C ASN B 215 -6.75 36.53 -17.13
N ILE B 216 -6.49 36.15 -18.38
CA ILE B 216 -7.37 36.48 -19.49
C ILE B 216 -7.65 35.23 -20.31
N ASP B 217 -8.93 35.01 -20.63
CA ASP B 217 -9.35 33.92 -21.51
C ASP B 217 -8.83 32.58 -21.01
N GLY B 218 -8.87 32.38 -19.70
CA GLY B 218 -8.43 31.14 -19.10
C GLY B 218 -6.94 30.99 -18.96
N TYR B 219 -6.16 31.86 -19.58
CA TYR B 219 -4.71 31.81 -19.48
C TYR B 219 -4.23 32.73 -18.37
N PHE B 220 -3.37 32.20 -17.52
CA PHE B 220 -2.64 32.97 -16.54
C PHE B 220 -1.26 33.28 -17.11
N LYS B 221 -1.05 34.51 -17.54
CA LYS B 221 0.19 34.90 -18.20
C LYS B 221 1.11 35.64 -17.23
N ILE B 222 2.36 35.20 -17.19
CA ILE B 222 3.37 35.75 -16.30
C ILE B 222 4.51 36.29 -17.15
N TYR B 223 4.88 37.54 -16.88
CA TYR B 223 6.04 38.20 -17.48
C TYR B 223 6.97 38.64 -16.35
N SER B 224 8.26 38.75 -16.65
CA SER B 224 9.19 39.11 -15.60
C SER B 224 10.49 39.69 -16.17
N LYS B 225 11.18 40.44 -15.31
CA LYS B 225 12.54 40.90 -15.60
C LYS B 225 13.25 41.18 -14.29
N HIS B 226 14.57 40.97 -14.27
CA HIS B 226 15.34 41.35 -13.10
C HIS B 226 16.49 42.28 -13.52
N THR B 227 16.67 43.34 -12.74
CA THR B 227 17.61 44.41 -13.02
C THR B 227 18.39 44.72 -11.74
N PRO B 228 19.72 44.87 -11.82
CA PRO B 228 20.45 45.36 -10.64
C PRO B 228 20.28 46.87 -10.48
N ILE B 229 20.13 47.32 -9.22
CA ILE B 229 19.92 48.72 -8.92
C ILE B 229 20.61 49.10 -7.61
N ASN B 230 20.69 50.40 -7.36
CA ASN B 230 21.24 50.96 -6.13
C ASN B 230 20.22 51.87 -5.44
N LEU B 231 18.93 51.57 -5.59
CA LEU B 231 17.88 52.28 -4.88
C LEU B 231 17.23 51.36 -3.85
N VAL B 232 16.68 51.98 -2.80
CA VAL B 232 16.07 51.26 -1.69
C VAL B 232 14.62 51.66 -1.50
N ARG B 233 14.34 52.96 -1.40
CA ARG B 233 13.00 53.42 -1.06
C ARG B 233 12.03 53.23 -2.21
N ASP B 234 12.32 53.84 -3.36
CA ASP B 234 11.35 53.94 -4.44
C ASP B 234 11.76 53.07 -5.62
N LEU B 235 10.76 52.72 -6.43
CA LEU B 235 11.02 52.07 -7.70
C LEU B 235 11.82 53.01 -8.59
N PRO B 236 12.89 52.54 -9.25
CA PRO B 236 13.75 53.46 -9.99
C PRO B 236 13.04 54.00 -11.22
N GLN B 237 13.34 55.25 -11.54
CA GLN B 237 12.95 55.74 -12.86
C GLN B 237 13.76 54.99 -13.91
N GLY B 238 13.22 54.97 -15.12
CA GLY B 238 13.89 54.27 -16.18
C GLY B 238 13.02 53.18 -16.75
N PHE B 239 13.39 52.71 -17.94
CA PHE B 239 12.57 51.82 -18.73
C PHE B 239 13.29 50.48 -18.89
N SER B 240 12.59 49.41 -18.55
CA SER B 240 13.10 48.05 -18.75
C SER B 240 11.89 47.17 -18.93
N ALA B 241 11.72 46.61 -20.13
CA ALA B 241 10.54 45.81 -20.42
C ALA B 241 10.66 44.43 -19.79
N LEU B 242 9.52 43.86 -19.46
CA LEU B 242 9.46 42.50 -18.92
C LEU B 242 9.27 41.51 -20.04
N GLU B 243 9.90 40.42 -19.93
CA GLU B 243 9.88 39.39 -20.94
C GLU B 243 8.84 38.33 -20.60
N PRO B 244 8.19 37.74 -21.60
CA PRO B 244 7.28 36.63 -21.31
C PRO B 244 7.99 35.53 -20.54
N LEU B 245 7.40 35.14 -19.42
CA LEU B 245 7.92 34.03 -18.64
C LEU B 245 7.16 32.75 -18.97
N VAL B 246 5.85 32.74 -18.74
CA VAL B 246 5.08 31.53 -19.06
C VAL B 246 3.60 31.90 -19.13
N ASP B 247 2.93 31.30 -20.11
CA ASP B 247 1.49 31.40 -20.27
C ASP B 247 0.89 30.06 -19.83
N LEU B 248 0.00 30.09 -18.84
CA LEU B 248 -0.49 28.87 -18.21
C LEU B 248 -1.97 28.67 -18.53
N PRO B 249 -2.34 27.59 -19.21
CA PRO B 249 -3.76 27.37 -19.53
C PRO B 249 -4.56 26.92 -18.31
N ILE B 250 -4.86 27.85 -17.42
CA ILE B 250 -5.43 27.53 -16.12
C ILE B 250 -6.96 27.50 -16.14
N GLY B 251 -7.57 28.61 -16.54
CA GLY B 251 -9.01 28.67 -16.69
C GLY B 251 -9.78 28.81 -15.39
N ILE B 252 -9.42 29.76 -14.54
CA ILE B 252 -10.10 29.93 -13.26
C ILE B 252 -10.32 31.41 -12.93
N ASN B 253 -11.33 31.65 -12.09
CA ASN B 253 -11.54 32.96 -11.50
C ASN B 253 -10.34 33.33 -10.63
N ILE B 254 -9.88 34.57 -10.72
CA ILE B 254 -8.92 35.09 -9.76
C ILE B 254 -9.33 36.51 -9.39
N THR B 255 -9.59 36.75 -8.10
CA THR B 255 -9.93 38.06 -7.59
C THR B 255 -9.08 38.47 -6.40
N ARG B 256 -8.30 37.57 -5.84
CA ARG B 256 -7.44 37.88 -4.72
C ARG B 256 -6.15 37.08 -4.87
N PHE B 257 -5.11 37.54 -4.21
CA PHE B 257 -3.86 36.79 -4.15
C PHE B 257 -3.14 37.10 -2.85
N GLN B 258 -2.12 36.30 -2.57
CA GLN B 258 -1.32 36.45 -1.37
C GLN B 258 0.11 36.05 -1.73
N THR B 259 1.07 36.77 -1.17
CA THR B 259 2.47 36.45 -1.39
C THR B 259 2.89 35.30 -0.48
N LEU B 260 3.78 34.46 -0.97
CA LEU B 260 4.37 33.39 -0.17
C LEU B 260 5.79 33.76 0.21
N LEU B 261 6.09 33.69 1.50
CA LEU B 261 7.40 34.05 2.03
C LEU B 261 8.06 32.83 2.66
N ALA B 262 9.39 32.85 2.68
CA ALA B 262 10.20 31.84 3.36
C ALA B 262 10.68 32.41 4.68
N LEU B 263 10.26 31.81 5.78
CA LEU B 263 10.66 32.28 7.10
C LEU B 263 11.83 31.48 7.64
N HIS B 264 12.70 32.17 8.35
CA HIS B 264 13.78 31.49 9.05
C HIS B 264 13.23 30.84 10.31
N ARG B 265 13.87 29.74 10.71
CA ARG B 265 13.52 29.07 11.94
C ARG B 265 13.50 30.06 13.11
N SER B 266 14.45 30.98 13.12
CA SER B 266 14.60 31.92 14.23
C SER B 266 13.30 32.60 14.61
N TYR B 267 12.39 32.75 13.66
CA TYR B 267 11.15 33.50 13.85
C TYR B 267 10.04 32.67 14.49
N LEU B 268 10.22 31.37 14.61
CA LEU B 268 9.17 30.47 15.07
C LEU B 268 9.36 30.04 16.51
N THR B 269 10.25 30.69 17.26
CA THR B 269 10.34 30.41 18.67
C THR B 269 9.01 30.77 19.32
N PRO B 270 8.70 30.15 20.46
CA PRO B 270 7.40 30.43 21.10
C PRO B 270 7.30 31.82 21.72
N GLY B 271 8.43 32.54 21.87
CA GLY B 271 8.38 33.87 22.44
C GLY B 271 8.04 34.94 21.43
N ASP B 272 7.85 36.17 21.93
CA ASP B 272 7.52 37.29 21.06
C ASP B 272 8.75 37.93 20.43
N SER B 273 9.93 37.35 20.65
CA SER B 273 11.20 37.92 20.22
C SER B 273 11.83 37.06 19.14
N SER B 274 12.42 37.71 18.13
CA SER B 274 13.18 37.03 17.08
C SER B 274 14.53 37.73 16.97
N SER B 275 15.44 37.38 17.87
CA SER B 275 16.76 38.01 17.87
C SER B 275 17.65 37.48 16.75
N GLY B 276 17.28 36.38 16.11
CA GLY B 276 18.15 35.75 15.14
C GLY B 276 17.80 36.00 13.69
N TRP B 277 17.24 37.16 13.38
CA TRP B 277 16.97 37.49 11.98
C TRP B 277 16.67 38.96 11.76
N THR B 278 17.34 39.56 10.77
CA THR B 278 17.02 40.90 10.28
C THR B 278 15.88 40.77 9.28
N ALA B 279 14.66 40.66 9.84
CA ALA B 279 13.49 40.31 9.05
C ALA B 279 13.03 41.41 8.11
N GLY B 280 13.60 42.61 8.19
CA GLY B 280 13.13 43.72 7.39
C GLY B 280 13.31 43.56 5.90
N ALA B 281 14.07 42.55 5.46
CA ALA B 281 14.30 42.35 4.03
C ALA B 281 13.05 41.86 3.30
N ALA B 282 12.01 41.46 4.02
CA ALA B 282 10.81 40.88 3.42
C ALA B 282 9.80 42.00 3.18
N ALA B 283 9.86 42.61 2.00
CA ALA B 283 8.92 43.65 1.60
C ALA B 283 8.74 43.59 0.09
N TYR B 284 7.61 44.10 -0.40
CA TYR B 284 7.31 43.98 -1.81
C TYR B 284 6.32 45.07 -2.26
N TYR B 285 6.37 45.37 -3.57
CA TYR B 285 5.58 46.43 -4.19
C TYR B 285 4.46 45.84 -5.06
N VAL B 286 3.27 46.45 -5.00
CA VAL B 286 2.10 45.99 -5.73
C VAL B 286 1.42 47.16 -6.42
N GLY B 287 1.16 47.02 -7.73
CA GLY B 287 0.32 47.94 -8.47
C GLY B 287 -0.65 47.15 -9.34
N TYR B 288 -1.61 47.85 -9.93
CA TYR B 288 -2.68 47.17 -10.66
C TYR B 288 -2.74 47.57 -12.12
N LEU B 289 -3.03 46.58 -12.95
CA LEU B 289 -3.15 46.76 -14.38
C LEU B 289 -4.48 47.41 -14.72
N GLN B 290 -4.50 48.14 -15.83
CA GLN B 290 -5.71 48.73 -16.35
C GLN B 290 -5.73 48.48 -17.84
N PRO B 291 -6.93 48.40 -18.44
CA PRO B 291 -7.01 48.40 -19.92
C PRO B 291 -6.57 49.75 -20.43
N ARG B 292 -5.45 49.77 -21.15
CA ARG B 292 -4.90 50.99 -21.71
C ARG B 292 -4.41 50.67 -23.11
N THR B 293 -4.25 51.73 -23.90
CA THR B 293 -3.59 51.65 -25.19
C THR B 293 -2.17 52.20 -25.03
N PHE B 294 -1.19 51.45 -25.53
CA PHE B 294 0.21 51.80 -25.40
C PHE B 294 0.87 51.76 -26.77
N LEU B 295 1.86 52.62 -26.96
CA LEU B 295 2.76 52.53 -28.10
C LEU B 295 4.12 52.03 -27.63
N LEU B 296 4.62 50.98 -28.27
CA LEU B 296 5.84 50.31 -27.87
C LEU B 296 6.89 50.52 -28.96
N LYS B 297 8.06 51.00 -28.59
CA LYS B 297 9.13 51.29 -29.55
C LYS B 297 10.11 50.12 -29.56
N TYR B 298 10.19 49.44 -30.70
CA TYR B 298 11.13 48.34 -30.93
C TYR B 298 12.32 48.89 -31.71
N ASN B 299 13.52 48.70 -31.18
CA ASN B 299 14.73 49.15 -31.86
C ASN B 299 15.13 48.13 -32.93
N GLU B 300 16.27 48.37 -33.58
CA GLU B 300 16.68 47.53 -34.71
C GLU B 300 16.80 46.06 -34.30
N ASN B 301 17.31 45.80 -33.09
CA ASN B 301 17.50 44.44 -32.61
C ASN B 301 16.24 43.84 -32.00
N GLY B 302 15.10 44.53 -32.12
CA GLY B 302 13.83 43.98 -31.67
C GLY B 302 13.60 44.06 -30.18
N THR B 303 14.27 44.97 -29.49
CA THR B 303 14.09 45.17 -28.05
C THR B 303 13.24 46.41 -27.82
N ILE B 304 12.27 46.30 -26.91
CA ILE B 304 11.48 47.47 -26.56
C ILE B 304 12.33 48.41 -25.74
N THR B 305 12.51 49.64 -26.25
CA THR B 305 13.33 50.64 -25.57
C THR B 305 12.52 51.77 -24.95
N ASP B 306 11.29 51.98 -25.41
CA ASP B 306 10.46 53.08 -24.91
C ASP B 306 9.00 52.72 -25.11
N ALA B 307 8.13 53.50 -24.47
CA ALA B 307 6.69 53.29 -24.62
C ALA B 307 5.96 54.60 -24.34
N VAL B 308 4.69 54.63 -24.74
CA VAL B 308 3.82 55.78 -24.52
C VAL B 308 2.49 55.27 -24.00
N ASP B 309 2.05 55.86 -22.88
CA ASP B 309 0.72 55.65 -22.31
C ASP B 309 -0.21 56.67 -22.95
N CYS B 310 -1.06 56.21 -23.87
CA CYS B 310 -1.82 57.14 -24.70
C CYS B 310 -2.78 58.00 -23.88
N ALA B 311 -3.27 57.48 -22.76
CA ALA B 311 -4.23 58.22 -21.94
C ALA B 311 -3.57 59.12 -20.91
N LEU B 312 -2.27 58.96 -20.70
CA LEU B 312 -1.59 59.67 -19.62
C LEU B 312 -1.89 61.16 -19.67
N ASP B 313 -1.64 61.78 -20.81
CA ASP B 313 -1.62 63.22 -20.93
C ASP B 313 -2.01 63.59 -22.36
N PRO B 314 -2.26 64.88 -22.62
CA PRO B 314 -2.53 65.29 -24.01
C PRO B 314 -1.36 65.03 -24.94
N LEU B 315 -0.13 65.17 -24.45
CA LEU B 315 1.04 64.96 -25.31
C LEU B 315 1.07 63.53 -25.83
N SER B 316 0.89 62.55 -24.94
CA SER B 316 0.91 61.16 -25.37
C SER B 316 -0.28 60.84 -26.28
N GLU B 317 -1.47 61.35 -25.93
CA GLU B 317 -2.61 61.22 -26.84
C GLU B 317 -2.23 61.69 -28.24
N THR B 318 -1.51 62.81 -28.31
CA THR B 318 -1.09 63.36 -29.59
C THR B 318 -0.13 62.44 -30.32
N LYS B 319 0.86 61.91 -29.60
CA LYS B 319 1.79 60.98 -30.23
C LYS B 319 1.06 59.77 -30.78
N CYS B 320 0.02 59.32 -30.09
CA CYS B 320 -0.69 58.11 -30.51
C CYS B 320 -1.56 58.38 -31.73
N THR B 321 -2.31 59.48 -31.72
CA THR B 321 -3.05 59.87 -32.92
C THR B 321 -2.12 59.97 -34.12
N ALA B 322 -0.99 60.65 -33.95
CA ALA B 322 0.06 60.68 -34.97
C ALA B 322 0.83 59.36 -34.93
N GLU C 1 -16.39 -34.19 -36.73
CA GLU C 1 -15.48 -33.38 -37.59
C GLU C 1 -14.33 -32.79 -36.77
N VAL C 2 -14.66 -31.82 -35.92
CA VAL C 2 -13.67 -31.20 -35.06
C VAL C 2 -13.23 -32.18 -33.98
N GLN C 3 -11.92 -32.26 -33.75
CA GLN C 3 -11.37 -33.14 -32.72
C GLN C 3 -10.22 -32.43 -32.01
N LEU C 4 -10.18 -32.59 -30.68
CA LEU C 4 -9.10 -32.14 -29.82
C LEU C 4 -8.68 -33.30 -28.93
N VAL C 5 -7.40 -33.68 -29.01
CA VAL C 5 -6.93 -34.83 -28.25
C VAL C 5 -5.71 -34.46 -27.42
N GLU C 6 -5.85 -34.58 -26.10
CA GLU C 6 -4.79 -34.29 -25.14
C GLU C 6 -3.89 -35.50 -24.94
N SER C 7 -2.65 -35.21 -24.56
CA SER C 7 -1.66 -36.22 -24.23
C SER C 7 -0.62 -35.58 -23.34
N GLY C 8 0.22 -36.42 -22.74
CA GLY C 8 1.34 -35.96 -21.94
C GLY C 8 1.09 -36.02 -20.45
N GLY C 9 -0.12 -36.38 -20.03
CA GLY C 9 -0.42 -36.45 -18.62
C GLY C 9 0.16 -37.70 -17.97
N GLY C 10 0.49 -37.57 -16.69
CA GLY C 10 1.00 -38.69 -15.95
C GLY C 10 1.30 -38.30 -14.52
N VAL C 11 2.14 -39.09 -13.87
CA VAL C 11 2.39 -38.97 -12.44
C VAL C 11 3.80 -38.42 -12.23
N VAL C 12 3.90 -37.36 -11.43
CA VAL C 12 5.15 -36.64 -11.27
C VAL C 12 5.24 -36.08 -9.86
N GLN C 13 6.45 -36.09 -9.31
CA GLN C 13 6.72 -35.55 -7.99
C GLN C 13 6.62 -34.02 -8.02
N PRO C 14 6.19 -33.42 -6.91
CA PRO C 14 6.26 -31.96 -6.76
C PRO C 14 7.64 -31.36 -7.02
N GLY C 15 7.63 -30.22 -7.73
CA GLY C 15 8.80 -29.50 -8.14
C GLY C 15 9.30 -29.88 -9.50
N ARG C 16 8.85 -31.01 -10.05
CA ARG C 16 9.30 -31.45 -11.34
C ARG C 16 8.41 -30.81 -12.43
N SER C 17 8.71 -31.14 -13.67
CA SER C 17 8.07 -30.52 -14.82
C SER C 17 7.38 -31.58 -15.67
N LEU C 18 6.47 -31.09 -16.52
CA LEU C 18 5.70 -31.94 -17.42
C LEU C 18 5.17 -31.06 -18.53
N ARG C 19 5.14 -31.62 -19.75
CA ARG C 19 4.62 -30.86 -20.92
C ARG C 19 3.40 -31.56 -21.52
N LEU C 20 2.24 -30.90 -21.50
CA LEU C 20 1.03 -31.42 -22.10
C LEU C 20 0.98 -31.01 -23.56
N SER C 21 0.37 -31.87 -24.38
CA SER C 21 0.11 -31.56 -25.77
C SER C 21 -1.37 -31.76 -26.06
N CYS C 22 -1.88 -30.99 -27.03
CA CYS C 22 -3.21 -31.17 -27.57
C CYS C 22 -3.13 -31.14 -29.09
N ALA C 23 -3.48 -32.24 -29.74
CA ALA C 23 -3.45 -32.37 -31.20
C ALA C 23 -4.84 -32.05 -31.73
N ALA C 24 -4.94 -30.94 -32.48
CA ALA C 24 -6.18 -30.45 -33.07
C ALA C 24 -6.36 -30.90 -34.52
N SER C 25 -7.62 -31.20 -34.89
CA SER C 25 -7.96 -31.53 -36.26
C SER C 25 -9.40 -31.10 -36.54
N GLY C 26 -9.75 -31.04 -37.83
CA GLY C 26 -11.11 -30.71 -38.23
C GLY C 26 -11.48 -29.25 -38.33
N PHE C 27 -10.53 -28.35 -38.15
CA PHE C 27 -10.78 -26.91 -38.25
C PHE C 27 -9.45 -26.20 -38.49
N THR C 28 -9.53 -24.95 -38.92
CA THR C 28 -8.33 -24.16 -39.19
C THR C 28 -7.74 -23.70 -37.86
N PHE C 29 -6.91 -24.59 -37.30
CA PHE C 29 -6.26 -24.36 -36.02
C PHE C 29 -5.79 -22.93 -35.85
N SER C 30 -4.97 -22.45 -36.79
CA SER C 30 -4.37 -21.12 -36.66
C SER C 30 -5.37 -19.98 -36.55
N SER C 31 -6.64 -20.18 -36.92
CA SER C 31 -7.63 -19.10 -36.84
C SER C 31 -8.26 -18.94 -35.46
N TYR C 32 -7.98 -19.83 -34.52
CA TYR C 32 -8.68 -19.91 -33.23
C TYR C 32 -7.70 -19.84 -32.08
N GLY C 33 -8.06 -19.03 -31.08
CA GLY C 33 -7.36 -19.03 -29.83
C GLY C 33 -7.69 -20.27 -29.03
N MET C 34 -6.73 -20.70 -28.24
CA MET C 34 -6.85 -21.98 -27.56
C MET C 34 -6.67 -21.77 -26.07
N HIS C 35 -7.33 -22.62 -25.31
CA HIS C 35 -7.33 -22.55 -23.86
C HIS C 35 -6.86 -23.88 -23.27
N TRP C 36 -6.33 -23.77 -22.05
CA TRP C 36 -6.28 -24.88 -21.12
C TRP C 36 -7.14 -24.53 -19.91
N VAL C 37 -7.99 -25.49 -19.54
CA VAL C 37 -8.82 -25.47 -18.34
C VAL C 37 -8.51 -26.72 -17.55
N ARG C 38 -8.55 -26.64 -16.23
CA ARG C 38 -8.26 -27.82 -15.42
C ARG C 38 -9.37 -28.06 -14.41
N GLN C 39 -9.35 -29.26 -13.84
CA GLN C 39 -10.37 -29.64 -12.86
C GLN C 39 -9.77 -30.65 -11.89
N ALA C 40 -9.53 -30.21 -10.66
CA ALA C 40 -9.05 -31.10 -9.63
C ALA C 40 -10.13 -32.15 -9.34
N PRO C 41 -9.75 -33.38 -9.00
CA PRO C 41 -10.77 -34.41 -8.76
C PRO C 41 -11.76 -33.98 -7.69
N GLY C 42 -13.04 -34.14 -7.98
CA GLY C 42 -14.05 -33.78 -7.01
C GLY C 42 -14.31 -32.30 -6.87
N LYS C 43 -13.70 -31.48 -7.72
CA LYS C 43 -13.78 -30.04 -7.54
C LYS C 43 -14.29 -29.47 -8.86
N GLY C 44 -14.25 -28.16 -9.04
CA GLY C 44 -14.88 -27.57 -10.19
C GLY C 44 -13.90 -27.14 -11.25
N LEU C 45 -14.39 -26.32 -12.16
CA LEU C 45 -13.62 -25.90 -13.31
C LEU C 45 -12.84 -24.65 -12.98
N GLU C 46 -11.57 -24.64 -13.35
CA GLU C 46 -10.72 -23.48 -13.16
C GLU C 46 -10.03 -23.16 -14.48
N TRP C 47 -10.26 -21.96 -14.97
CA TRP C 47 -9.58 -21.53 -16.18
C TRP C 47 -8.10 -21.42 -15.84
N VAL C 48 -7.25 -21.93 -16.72
CA VAL C 48 -5.80 -21.91 -16.51
C VAL C 48 -5.13 -20.89 -17.40
N THR C 49 -5.30 -21.01 -18.71
CA THR C 49 -4.51 -20.17 -19.60
C THR C 49 -5.14 -20.13 -20.99
N VAL C 50 -4.81 -19.05 -21.72
CA VAL C 50 -5.20 -18.87 -23.10
C VAL C 50 -4.01 -18.37 -23.91
N ILE C 51 -3.96 -18.81 -25.16
CA ILE C 51 -3.02 -18.31 -26.16
C ILE C 51 -3.80 -17.88 -27.40
N TRP C 52 -3.38 -16.76 -27.99
CA TRP C 52 -4.04 -16.25 -29.17
C TRP C 52 -3.70 -17.08 -30.41
N TYR C 53 -4.49 -16.85 -31.46
CA TYR C 53 -4.37 -17.64 -32.69
C TYR C 53 -2.94 -17.71 -33.18
N ASP C 54 -2.19 -16.61 -33.07
CA ASP C 54 -0.85 -16.55 -33.61
C ASP C 54 0.24 -16.51 -32.53
N GLY C 55 -0.12 -16.78 -31.28
CA GLY C 55 0.83 -16.71 -30.19
C GLY C 55 1.22 -15.31 -29.77
N SER C 56 0.66 -14.29 -30.42
CA SER C 56 1.06 -12.92 -30.12
C SER C 56 0.82 -12.57 -28.67
N ASN C 57 -0.20 -13.16 -28.05
CA ASN C 57 -0.56 -12.82 -26.67
C ASN C 57 -0.85 -14.08 -25.86
N ARG C 58 -0.47 -14.03 -24.58
CA ARG C 58 -0.66 -15.13 -23.66
C ARG C 58 -1.18 -14.61 -22.33
N TYR C 59 -2.17 -15.31 -21.77
CA TYR C 59 -2.76 -15.01 -20.46
C TYR C 59 -2.87 -16.25 -19.60
N TYR C 60 -2.51 -16.09 -18.33
CA TYR C 60 -2.43 -17.16 -17.36
C TYR C 60 -3.23 -16.77 -16.13
N ALA C 61 -3.90 -17.77 -15.55
CA ALA C 61 -4.50 -17.61 -14.25
C ALA C 61 -3.42 -17.34 -13.19
N ASP C 62 -3.81 -16.55 -12.18
CA ASP C 62 -2.88 -16.17 -11.14
C ASP C 62 -2.26 -17.37 -10.43
N SER C 63 -3.05 -18.42 -10.22
CA SER C 63 -2.52 -19.60 -9.54
C SER C 63 -1.33 -20.24 -10.27
N VAL C 64 -1.22 -20.06 -11.58
CA VAL C 64 -0.17 -20.71 -12.37
C VAL C 64 0.79 -19.70 -12.96
N LYS C 65 0.56 -18.40 -12.76
CA LYS C 65 1.43 -17.37 -13.32
C LYS C 65 2.85 -17.56 -12.81
N GLY C 66 3.79 -17.63 -13.75
CA GLY C 66 5.19 -17.80 -13.45
C GLY C 66 5.67 -19.24 -13.53
N ARG C 67 4.75 -20.19 -13.47
CA ARG C 67 5.04 -21.62 -13.43
C ARG C 67 4.73 -22.29 -14.75
N PHE C 68 3.63 -21.92 -15.38
CA PHE C 68 3.14 -22.56 -16.59
C PHE C 68 3.39 -21.64 -17.79
N THR C 69 3.68 -22.27 -18.92
CA THR C 69 3.83 -21.58 -20.19
C THR C 69 2.98 -22.28 -21.24
N ILE C 70 2.11 -21.54 -21.86
CA ILE C 70 1.31 -22.01 -22.99
C ILE C 70 2.03 -21.64 -24.28
N SER C 71 1.97 -22.53 -25.26
CA SER C 71 2.58 -22.21 -26.54
C SER C 71 1.90 -23.05 -27.62
N ARG C 72 2.22 -22.76 -28.87
CA ARG C 72 1.62 -23.55 -29.94
C ARG C 72 2.51 -23.60 -31.17
N ASP C 73 2.36 -24.68 -31.92
CA ASP C 73 3.01 -24.86 -33.22
C ASP C 73 1.88 -25.09 -34.22
N ASN C 74 1.48 -24.01 -34.90
CA ASN C 74 0.38 -24.06 -35.87
C ASN C 74 0.66 -25.00 -37.03
N SER C 75 1.92 -25.09 -37.48
CA SER C 75 2.25 -26.03 -38.54
C SER C 75 1.97 -27.48 -38.18
N LYS C 76 2.04 -27.83 -36.90
CA LYS C 76 1.71 -29.18 -36.43
C LYS C 76 0.30 -29.28 -35.86
N ASN C 77 -0.46 -28.20 -35.91
CA ASN C 77 -1.80 -28.13 -35.33
C ASN C 77 -1.77 -28.63 -33.88
N THR C 78 -0.75 -28.22 -33.13
CA THR C 78 -0.56 -28.74 -31.78
C THR C 78 -0.43 -27.58 -30.79
N LEU C 79 -1.17 -27.67 -29.70
CA LEU C 79 -1.11 -26.75 -28.57
C LEU C 79 -0.35 -27.39 -27.42
N TYR C 80 0.50 -26.61 -26.74
CA TYR C 80 1.28 -27.16 -25.65
C TYR C 80 1.04 -26.37 -24.37
N LEU C 81 1.24 -27.06 -23.25
CA LEU C 81 1.33 -26.43 -21.94
C LEU C 81 2.50 -27.01 -21.15
N GLN C 82 3.50 -26.18 -20.90
CA GLN C 82 4.65 -26.50 -20.06
C GLN C 82 4.38 -26.16 -18.60
N MET C 83 4.41 -27.16 -17.74
CA MET C 83 4.12 -26.98 -16.32
C MET C 83 5.43 -27.21 -15.58
N ASP C 84 5.95 -26.15 -14.96
CA ASP C 84 7.18 -26.19 -14.19
C ASP C 84 6.83 -25.98 -12.73
N SER C 85 7.73 -26.43 -11.86
CA SER C 85 7.56 -26.21 -10.42
C SER C 85 6.19 -26.73 -9.97
N LEU C 86 5.82 -27.91 -10.46
CA LEU C 86 4.49 -28.41 -10.16
C LEU C 86 4.31 -28.49 -8.66
N ARG C 87 3.08 -28.24 -8.23
CA ARG C 87 2.67 -28.33 -6.85
C ARG C 87 1.54 -29.33 -6.74
N ALA C 88 1.41 -29.93 -5.57
CA ALA C 88 0.30 -30.82 -5.29
C ALA C 88 -1.03 -30.27 -5.78
N GLU C 89 -1.26 -28.96 -5.57
CA GLU C 89 -2.52 -28.35 -5.98
C GLU C 89 -2.71 -28.23 -7.49
N ASP C 90 -1.73 -28.63 -8.30
CA ASP C 90 -1.93 -28.73 -9.73
C ASP C 90 -2.54 -30.06 -10.17
N THR C 91 -2.79 -30.98 -9.23
CA THR C 91 -3.39 -32.25 -9.60
C THR C 91 -4.77 -32.04 -10.17
N ALA C 92 -4.97 -32.47 -11.41
CA ALA C 92 -6.23 -32.19 -12.10
C ALA C 92 -6.23 -32.87 -13.46
N VAL C 93 -7.43 -33.12 -13.97
CA VAL C 93 -7.61 -33.32 -15.40
C VAL C 93 -7.42 -32.00 -16.12
N TYR C 94 -6.52 -31.99 -17.10
CA TYR C 94 -6.32 -30.81 -17.92
C TYR C 94 -7.02 -31.00 -19.25
N TYR C 95 -7.94 -30.09 -19.56
CA TYR C 95 -8.64 -30.03 -20.82
C TYR C 95 -8.10 -28.93 -21.72
N CYS C 96 -7.96 -29.29 -22.98
CA CYS C 96 -7.74 -28.40 -24.11
C CYS C 96 -9.10 -27.93 -24.57
N ALA C 97 -9.21 -26.64 -24.87
CA ALA C 97 -10.48 -26.19 -25.43
C ALA C 97 -10.27 -25.08 -26.44
N ARG C 98 -11.23 -24.97 -27.35
CA ARG C 98 -11.18 -23.98 -28.41
C ARG C 98 -11.97 -22.76 -27.99
N ALA C 99 -11.40 -21.57 -28.18
CA ALA C 99 -12.12 -20.33 -27.97
C ALA C 99 -13.05 -20.11 -29.15
N VAL C 100 -14.36 -20.06 -28.89
CA VAL C 100 -15.30 -19.75 -29.96
C VAL C 100 -14.83 -18.47 -30.62
N ALA C 101 -14.88 -18.45 -31.94
CA ALA C 101 -14.58 -17.23 -32.68
C ALA C 101 -15.71 -16.23 -32.48
N GLY C 102 -15.37 -15.03 -32.02
CA GLY C 102 -16.34 -13.97 -31.90
C GLY C 102 -17.01 -13.81 -30.56
N GLU C 103 -16.70 -14.69 -29.60
CA GLU C 103 -17.24 -14.59 -28.26
C GLU C 103 -16.21 -15.05 -27.23
N TRP C 104 -16.67 -15.20 -25.99
CA TRP C 104 -15.85 -15.37 -24.79
C TRP C 104 -16.02 -16.74 -24.16
N TYR C 105 -16.56 -17.71 -24.87
CA TYR C 105 -16.77 -19.04 -24.32
C TYR C 105 -16.02 -20.09 -25.14
N PHE C 106 -16.19 -21.36 -24.72
CA PHE C 106 -15.46 -22.48 -25.28
C PHE C 106 -16.43 -23.36 -26.06
N ASP C 107 -16.21 -23.53 -27.36
CA ASP C 107 -17.17 -24.27 -28.17
C ASP C 107 -16.78 -25.72 -28.39
N TYR C 108 -15.54 -26.10 -28.11
CA TYR C 108 -15.11 -27.48 -28.28
C TYR C 108 -14.10 -27.85 -27.21
N TRP C 109 -14.19 -29.09 -26.71
CA TRP C 109 -13.38 -29.52 -25.59
C TRP C 109 -12.62 -30.81 -25.95
N GLY C 110 -11.38 -30.92 -25.49
CA GLY C 110 -10.68 -32.20 -25.54
C GLY C 110 -11.23 -33.22 -24.56
N GLN C 111 -10.74 -34.47 -24.69
CA GLN C 111 -11.20 -35.54 -23.82
C GLN C 111 -10.52 -35.57 -22.46
N GLY C 112 -9.47 -34.81 -22.26
CA GLY C 112 -8.77 -34.53 -21.01
C GLY C 112 -7.59 -35.45 -20.79
N THR C 113 -6.60 -34.96 -20.05
CA THR C 113 -5.47 -35.79 -19.66
C THR C 113 -5.24 -35.60 -18.17
N LEU C 114 -5.04 -36.71 -17.44
CA LEU C 114 -4.85 -36.64 -15.99
C LEU C 114 -3.41 -36.35 -15.57
N VAL C 115 -3.23 -35.30 -14.77
CA VAL C 115 -1.94 -34.99 -14.16
C VAL C 115 -2.05 -35.19 -12.65
N THR C 116 -1.17 -36.04 -12.10
CA THR C 116 -1.13 -36.34 -10.67
C THR C 116 0.21 -35.92 -10.09
N VAL C 117 0.18 -34.91 -9.23
CA VAL C 117 1.32 -34.37 -8.50
C VAL C 117 1.35 -34.89 -7.07
N SER C 118 2.38 -35.67 -6.73
CA SER C 118 2.42 -36.35 -5.45
C SER C 118 3.84 -36.78 -5.12
N SER C 119 4.24 -36.55 -3.86
CA SER C 119 5.57 -36.91 -3.38
C SER C 119 5.73 -38.40 -3.13
N ALA C 120 4.65 -39.16 -3.15
CA ALA C 120 4.73 -40.61 -2.99
C ALA C 120 5.61 -41.16 -4.11
N SER C 121 6.22 -42.30 -3.86
CA SER C 121 7.04 -42.94 -4.87
C SER C 121 6.36 -44.23 -5.32
N THR C 122 6.61 -44.60 -6.58
CA THR C 122 6.00 -45.78 -7.16
C THR C 122 6.22 -46.96 -6.23
N LYS C 123 5.13 -47.63 -5.88
CA LYS C 123 5.23 -48.80 -5.00
C LYS C 123 4.18 -49.83 -5.36
N GLY C 124 4.61 -51.08 -5.47
CA GLY C 124 3.70 -52.16 -5.76
C GLY C 124 2.99 -52.57 -4.50
N PRO C 125 1.83 -53.18 -4.65
CA PRO C 125 1.01 -53.50 -3.48
C PRO C 125 1.45 -54.74 -2.73
N SER C 126 1.15 -54.74 -1.44
CA SER C 126 1.00 -55.99 -0.70
C SER C 126 -0.42 -56.48 -0.91
N VAL C 127 -0.58 -57.79 -1.07
CA VAL C 127 -1.90 -58.38 -1.33
C VAL C 127 -2.16 -59.41 -0.24
N PHE C 128 -3.28 -59.23 0.48
CA PHE C 128 -3.64 -60.16 1.53
C PHE C 128 -4.99 -60.80 1.28
N PRO C 129 -5.13 -62.09 1.62
CA PRO C 129 -6.43 -62.75 1.43
C PRO C 129 -7.40 -62.36 2.54
N LEU C 130 -8.66 -62.20 2.16
CA LEU C 130 -9.76 -61.96 3.09
C LEU C 130 -10.59 -63.24 3.13
N ALA C 131 -10.37 -64.03 4.17
CA ALA C 131 -10.86 -65.38 4.25
C ALA C 131 -12.38 -65.40 4.34
N PRO C 132 -13.01 -66.47 3.86
CA PRO C 132 -14.46 -66.42 3.64
C PRO C 132 -15.26 -66.23 4.92
N SER C 133 -16.31 -65.42 4.80
CA SER C 133 -17.21 -65.10 5.89
C SER C 133 -18.64 -65.11 5.36
N SER C 134 -19.50 -65.86 6.02
CA SER C 134 -20.92 -65.90 5.68
C SER C 134 -21.75 -64.93 6.52
N LYS C 135 -21.10 -64.12 7.36
CA LYS C 135 -21.82 -63.35 8.37
C LYS C 135 -22.66 -62.22 7.76
N SER C 136 -22.31 -61.76 6.56
CA SER C 136 -22.96 -60.59 5.97
C SER C 136 -23.54 -60.88 4.58
N THR C 137 -23.68 -62.15 4.21
CA THR C 137 -24.13 -62.52 2.87
C THR C 137 -25.47 -63.22 2.96
N SER C 138 -26.08 -63.46 1.79
CA SER C 138 -27.35 -64.17 1.74
C SER C 138 -27.16 -65.64 2.09
N GLY C 139 -28.28 -66.32 2.36
CA GLY C 139 -28.22 -67.69 2.80
C GLY C 139 -27.52 -68.57 1.79
N GLY C 140 -26.73 -69.51 2.31
CA GLY C 140 -26.01 -70.46 1.48
C GLY C 140 -24.87 -69.85 0.71
N THR C 141 -24.48 -68.62 1.01
CA THR C 141 -23.34 -68.00 0.35
C THR C 141 -22.35 -67.48 1.38
N ALA C 142 -21.15 -67.18 0.90
CA ALA C 142 -20.10 -66.55 1.70
C ALA C 142 -19.39 -65.53 0.82
N ALA C 143 -18.86 -64.50 1.47
CA ALA C 143 -18.08 -63.47 0.81
C ALA C 143 -16.61 -63.65 1.16
N LEU C 144 -15.76 -63.62 0.13
CA LEU C 144 -14.30 -63.70 0.29
C LEU C 144 -13.67 -62.65 -0.60
N GLY C 145 -12.42 -62.29 -0.32
CA GLY C 145 -11.84 -61.26 -1.15
C GLY C 145 -10.33 -61.14 -1.07
N CYS C 146 -9.83 -60.02 -1.61
CA CYS C 146 -8.42 -59.66 -1.56
C CYS C 146 -8.29 -58.20 -1.16
N LEU C 147 -7.42 -57.93 -0.21
CA LEU C 147 -6.99 -56.59 0.18
C LEU C 147 -5.71 -56.22 -0.54
N VAL C 148 -5.75 -55.14 -1.33
CA VAL C 148 -4.62 -54.69 -2.12
C VAL C 148 -4.18 -53.40 -1.46
N LYS C 149 -3.13 -53.46 -0.64
CA LYS C 149 -2.81 -52.38 0.28
C LYS C 149 -1.50 -51.70 -0.08
N ASP C 150 -1.50 -50.37 0.05
CA ASP C 150 -0.31 -49.53 0.04
C ASP C 150 0.43 -49.64 -1.29
N TYR C 151 -0.25 -49.23 -2.36
CA TYR C 151 0.33 -49.16 -3.68
C TYR C 151 0.27 -47.72 -4.21
N PHE C 152 1.08 -47.45 -5.25
CA PHE C 152 1.10 -46.14 -5.88
C PHE C 152 1.81 -46.22 -7.24
N PRO C 153 1.34 -45.51 -8.27
CA PRO C 153 0.08 -44.76 -8.28
C PRO C 153 -1.10 -45.64 -8.60
N GLU C 154 -2.28 -45.05 -8.77
CA GLU C 154 -3.38 -45.76 -9.37
C GLU C 154 -2.98 -46.04 -10.81
N PRO C 155 -3.55 -47.07 -11.45
CA PRO C 155 -4.57 -48.03 -11.04
C PRO C 155 -3.98 -49.41 -10.77
N VAL C 156 -4.77 -50.25 -10.13
CA VAL C 156 -4.58 -51.70 -10.12
C VAL C 156 -5.77 -52.31 -10.82
N THR C 157 -5.57 -53.49 -11.40
CA THR C 157 -6.67 -54.26 -11.92
C THR C 157 -6.78 -55.52 -11.08
N VAL C 158 -8.01 -55.98 -10.90
CA VAL C 158 -8.26 -57.20 -10.16
C VAL C 158 -9.27 -58.01 -10.94
N SER C 159 -8.89 -59.24 -11.29
CA SER C 159 -9.82 -60.24 -11.79
C SER C 159 -9.84 -61.38 -10.79
N TRP C 160 -10.77 -62.29 -10.98
CA TRP C 160 -10.87 -63.50 -10.17
C TRP C 160 -10.81 -64.71 -11.08
N ASN C 161 -10.01 -65.70 -10.66
CA ASN C 161 -9.81 -66.93 -11.43
C ASN C 161 -9.53 -66.61 -12.90
N SER C 162 -8.65 -65.63 -13.10
CA SER C 162 -8.20 -65.23 -14.43
C SER C 162 -9.36 -64.75 -15.31
N GLY C 163 -10.40 -64.22 -14.67
CA GLY C 163 -11.54 -63.68 -15.37
C GLY C 163 -12.67 -64.65 -15.59
N ALA C 164 -12.49 -65.92 -15.20
CA ALA C 164 -13.57 -66.89 -15.29
C ALA C 164 -14.67 -66.61 -14.29
N LEU C 165 -14.34 -65.94 -13.18
CA LEU C 165 -15.28 -65.66 -12.12
C LEU C 165 -15.60 -64.17 -12.15
N THR C 166 -16.81 -63.85 -12.59
CA THR C 166 -17.29 -62.49 -12.68
C THR C 166 -18.56 -62.25 -11.88
N SER C 167 -19.44 -63.25 -11.80
CA SER C 167 -20.68 -63.09 -11.05
C SER C 167 -20.37 -62.89 -9.57
N GLY C 168 -20.99 -61.87 -8.98
CA GLY C 168 -20.88 -61.62 -7.56
C GLY C 168 -19.62 -60.89 -7.17
N VAL C 169 -18.86 -60.40 -8.14
CA VAL C 169 -17.63 -59.66 -7.88
C VAL C 169 -17.95 -58.19 -7.67
N HIS C 170 -17.39 -57.61 -6.61
CA HIS C 170 -17.43 -56.18 -6.34
C HIS C 170 -16.03 -55.71 -5.97
N THR C 171 -15.39 -54.96 -6.86
CA THR C 171 -14.09 -54.36 -6.58
C THR C 171 -14.30 -52.91 -6.18
N PHE C 172 -13.87 -52.55 -4.97
CA PHE C 172 -14.23 -51.25 -4.42
C PHE C 172 -13.23 -50.17 -4.82
N PRO C 173 -13.70 -48.92 -4.98
CA PRO C 173 -12.79 -47.82 -5.23
C PRO C 173 -11.73 -47.71 -4.15
N ALA C 174 -10.55 -47.26 -4.54
CA ALA C 174 -9.42 -47.16 -3.64
C ALA C 174 -9.55 -45.99 -2.67
N VAL C 175 -8.96 -46.17 -1.49
CA VAL C 175 -8.74 -45.07 -0.55
C VAL C 175 -7.39 -44.45 -0.84
N LEU C 176 -7.29 -43.12 -0.85
CA LEU C 176 -5.99 -42.47 -0.87
C LEU C 176 -5.65 -42.05 0.56
N GLN C 177 -4.69 -42.75 1.16
CA GLN C 177 -4.38 -42.60 2.58
C GLN C 177 -3.50 -41.38 2.82
N SER C 178 -3.36 -41.02 4.10
CA SER C 178 -2.54 -39.89 4.48
C SER C 178 -1.08 -40.14 4.12
N SER C 179 -0.69 -41.42 4.04
CA SER C 179 0.66 -41.79 3.63
C SER C 179 0.93 -41.42 2.18
N GLY C 180 -0.10 -41.05 1.43
CA GLY C 180 -0.01 -40.88 0.01
C GLY C 180 -0.18 -42.15 -0.81
N LEU C 181 -0.39 -43.30 -0.18
CA LEU C 181 -0.60 -44.53 -0.90
C LEU C 181 -2.07 -44.93 -0.97
N TYR C 182 -2.38 -45.72 -1.99
CA TYR C 182 -3.73 -46.18 -2.22
C TYR C 182 -3.89 -47.59 -1.64
N SER C 183 -5.10 -47.90 -1.22
CA SER C 183 -5.49 -49.27 -0.92
C SER C 183 -6.90 -49.47 -1.43
N LEU C 184 -7.18 -50.70 -1.83
CA LEU C 184 -8.55 -51.08 -2.19
C LEU C 184 -8.79 -52.52 -1.81
N SER C 185 -10.05 -52.93 -1.90
CA SER C 185 -10.48 -54.29 -1.61
C SER C 185 -11.37 -54.79 -2.74
N SER C 186 -11.24 -56.08 -3.05
CA SER C 186 -12.13 -56.74 -3.99
C SER C 186 -12.77 -57.93 -3.29
N VAL C 187 -14.11 -57.99 -3.31
CA VAL C 187 -14.83 -59.07 -2.67
C VAL C 187 -15.78 -59.72 -3.66
N VAL C 188 -15.83 -61.04 -3.64
CA VAL C 188 -16.77 -61.82 -4.44
C VAL C 188 -17.62 -62.65 -3.50
N THR C 189 -18.90 -62.73 -3.79
CA THR C 189 -19.83 -63.59 -3.08
C THR C 189 -20.04 -64.87 -3.88
N VAL C 190 -19.80 -66.02 -3.24
CA VAL C 190 -19.82 -67.30 -3.92
C VAL C 190 -20.66 -68.25 -3.08
N PRO C 191 -21.09 -69.37 -3.66
CA PRO C 191 -21.81 -70.37 -2.86
C PRO C 191 -20.95 -70.92 -1.73
N SER C 192 -21.55 -71.00 -0.54
CA SER C 192 -20.87 -71.59 0.60
C SER C 192 -20.52 -73.06 0.35
N SER C 193 -21.36 -73.78 -0.40
CA SER C 193 -21.11 -75.20 -0.63
C SER C 193 -19.87 -75.44 -1.48
N SER C 194 -19.43 -74.44 -2.23
CA SER C 194 -18.31 -74.57 -3.16
C SER C 194 -16.96 -74.47 -2.45
N LEU C 195 -16.95 -73.99 -1.20
CA LEU C 195 -15.72 -73.50 -0.59
C LEU C 195 -14.70 -74.63 -0.44
N GLY C 196 -15.16 -75.84 -0.17
CA GLY C 196 -14.25 -76.96 -0.08
C GLY C 196 -13.81 -77.51 -1.42
N THR C 197 -14.46 -77.10 -2.51
CA THR C 197 -14.14 -77.67 -3.81
C THR C 197 -13.67 -76.69 -4.86
N GLN C 198 -14.12 -75.44 -4.82
CA GLN C 198 -13.68 -74.47 -5.80
C GLN C 198 -12.53 -73.67 -5.21
N THR C 199 -11.41 -73.63 -5.91
CA THR C 199 -10.31 -72.77 -5.52
C THR C 199 -10.61 -71.35 -6.02
N TYR C 200 -10.39 -70.35 -5.16
CA TYR C 200 -10.58 -68.96 -5.53
C TYR C 200 -9.26 -68.20 -5.45
N ILE C 201 -8.89 -67.55 -6.56
CA ILE C 201 -7.65 -66.80 -6.67
C ILE C 201 -7.95 -65.45 -7.28
N CYS C 202 -7.51 -64.37 -6.62
CA CYS C 202 -7.57 -63.04 -7.21
C CYS C 202 -6.27 -62.68 -7.93
N ASN C 203 -6.42 -62.20 -9.16
CA ASN C 203 -5.31 -61.79 -10.02
C ASN C 203 -5.21 -60.26 -9.97
N VAL C 204 -4.19 -59.77 -9.25
CA VAL C 204 -3.95 -58.36 -9.03
C VAL C 204 -2.81 -57.93 -9.94
N ASN C 205 -3.04 -56.87 -10.72
CA ASN C 205 -2.06 -56.36 -11.66
C ASN C 205 -1.86 -54.87 -11.41
N HIS C 206 -0.61 -54.48 -11.16
CA HIS C 206 -0.22 -53.09 -10.95
C HIS C 206 0.86 -52.77 -12.00
N LYS C 207 0.42 -52.30 -13.16
CA LYS C 207 1.35 -52.05 -14.25
C LYS C 207 2.39 -50.99 -13.89
N PRO C 208 2.07 -49.92 -13.16
CA PRO C 208 3.10 -48.90 -12.87
C PRO C 208 4.34 -49.46 -12.20
N SER C 209 4.22 -50.49 -11.37
CA SER C 209 5.39 -51.10 -10.74
C SER C 209 5.76 -52.44 -11.39
N ASN C 210 5.05 -52.83 -12.45
CA ASN C 210 5.35 -54.11 -13.10
C ASN C 210 5.20 -55.25 -12.10
N THR C 211 4.12 -55.19 -11.31
CA THR C 211 3.88 -56.20 -10.30
C THR C 211 2.59 -56.95 -10.61
N LYS C 212 2.66 -58.27 -10.53
CA LYS C 212 1.47 -59.12 -10.60
C LYS C 212 1.49 -60.03 -9.39
N VAL C 213 0.31 -60.25 -8.83
CA VAL C 213 0.14 -61.16 -7.71
C VAL C 213 -1.09 -61.99 -8.00
N ASP C 214 -0.96 -63.30 -7.86
CA ASP C 214 -2.08 -64.21 -7.90
C ASP C 214 -2.21 -64.80 -6.51
N LYS C 215 -3.25 -64.37 -5.78
CA LYS C 215 -3.44 -64.78 -4.40
C LYS C 215 -4.55 -65.80 -4.25
N LYS C 216 -4.21 -66.91 -3.59
CA LYS C 216 -5.15 -67.98 -3.28
C LYS C 216 -5.80 -67.68 -1.94
N VAL C 217 -7.13 -67.71 -1.91
CA VAL C 217 -7.92 -67.31 -0.75
C VAL C 217 -8.58 -68.55 -0.18
N GLU C 218 -7.99 -69.11 0.87
CA GLU C 218 -8.46 -70.34 1.49
C GLU C 218 -9.34 -70.04 2.70
N PRO C 219 -10.34 -70.89 2.94
CA PRO C 219 -11.13 -70.80 4.19
C PRO C 219 -10.27 -70.92 5.45
N LYS C 220 -10.78 -70.31 6.52
CA LYS C 220 -10.13 -70.38 7.83
C LYS C 220 -10.27 -71.74 8.51
N SER C 221 -9.31 -72.04 9.39
CA SER C 221 -9.17 -73.34 10.03
C SER C 221 -9.18 -73.20 11.55
N TYR D 2 -12.29 -10.73 -9.60
CA TYR D 2 -13.28 -11.37 -10.45
C TYR D 2 -13.57 -12.80 -9.98
N GLU D 3 -14.80 -13.05 -9.56
CA GLU D 3 -15.16 -14.37 -9.06
C GLU D 3 -16.68 -14.54 -9.11
N LEU D 4 -17.11 -15.76 -9.46
CA LEU D 4 -18.51 -16.06 -9.70
C LEU D 4 -19.03 -17.07 -8.68
N THR D 5 -20.05 -16.65 -7.93
CA THR D 5 -20.62 -17.42 -6.84
C THR D 5 -21.95 -18.07 -7.23
N GLN D 6 -21.98 -19.39 -7.26
CA GLN D 6 -23.21 -20.17 -7.48
C GLN D 6 -23.34 -21.22 -6.38
N PRO D 7 -24.58 -21.54 -6.00
CA PRO D 7 -24.81 -22.53 -4.92
C PRO D 7 -24.30 -23.92 -5.27
N PRO D 8 -23.79 -24.66 -4.27
CA PRO D 8 -23.19 -25.97 -4.58
C PRO D 8 -24.19 -27.06 -4.93
N SER D 9 -25.45 -26.93 -4.57
CA SER D 9 -26.38 -28.04 -4.79
C SER D 9 -27.77 -27.47 -5.00
N VAL D 10 -28.50 -28.07 -5.94
CA VAL D 10 -29.90 -27.77 -6.19
C VAL D 10 -30.61 -29.09 -6.39
N SER D 11 -31.68 -29.29 -5.64
CA SER D 11 -32.48 -30.51 -5.68
C SER D 11 -33.85 -30.15 -6.25
N VAL D 12 -34.33 -30.96 -7.19
CA VAL D 12 -35.64 -30.77 -7.80
C VAL D 12 -36.26 -32.13 -8.03
N SER D 13 -37.59 -32.15 -8.10
CA SER D 13 -38.30 -33.38 -8.43
C SER D 13 -38.49 -33.52 -9.93
N PRO D 14 -38.68 -34.74 -10.41
CA PRO D 14 -38.90 -34.92 -11.85
C PRO D 14 -40.10 -34.12 -12.33
N GLY D 15 -39.94 -33.51 -13.50
CA GLY D 15 -40.99 -32.72 -14.11
C GLY D 15 -41.07 -31.29 -13.63
N GLN D 16 -40.42 -30.96 -12.51
CA GLN D 16 -40.44 -29.62 -11.96
C GLN D 16 -39.38 -28.77 -12.65
N THR D 17 -39.34 -27.50 -12.29
CA THR D 17 -38.40 -26.56 -12.88
C THR D 17 -37.31 -26.28 -11.86
N ALA D 18 -36.06 -26.54 -12.26
CA ALA D 18 -34.86 -26.27 -11.50
C ALA D 18 -34.34 -24.91 -11.93
N ARG D 19 -33.89 -24.11 -10.97
CA ARG D 19 -33.36 -22.79 -11.26
C ARG D 19 -32.00 -22.69 -10.58
N ILE D 20 -30.94 -22.48 -11.36
CA ILE D 20 -29.59 -22.39 -10.84
C ILE D 20 -29.13 -20.95 -11.08
N THR D 21 -28.78 -20.27 -9.99
CA THR D 21 -28.33 -18.90 -10.01
C THR D 21 -26.82 -18.77 -9.94
N CYS D 22 -26.31 -17.70 -10.56
CA CYS D 22 -24.92 -17.30 -10.56
C CYS D 22 -24.83 -15.81 -10.37
N SER D 23 -23.99 -15.37 -9.43
CA SER D 23 -23.94 -13.96 -9.06
C SER D 23 -22.50 -13.50 -8.94
N GLY D 24 -22.29 -12.22 -9.20
CA GLY D 24 -20.98 -11.60 -9.18
C GLY D 24 -21.08 -10.25 -9.85
N ASP D 25 -20.20 -9.31 -9.51
CA ASP D 25 -20.34 -7.97 -10.07
C ASP D 25 -20.12 -7.97 -11.58
N ALA D 26 -19.12 -8.73 -12.05
CA ALA D 26 -18.84 -8.81 -13.48
C ALA D 26 -20.07 -9.18 -14.31
N LEU D 27 -21.04 -9.87 -13.71
CA LEU D 27 -22.19 -10.33 -14.46
C LEU D 27 -23.10 -9.18 -14.89
N ALA D 28 -22.97 -8.02 -14.25
CA ALA D 28 -23.74 -6.85 -14.70
C ALA D 28 -23.14 -6.22 -15.95
N LYS D 29 -21.89 -6.55 -16.29
CA LYS D 29 -21.17 -5.93 -17.39
C LYS D 29 -21.16 -6.77 -18.66
N HIS D 30 -20.99 -8.09 -18.53
CA HIS D 30 -20.72 -8.94 -19.67
C HIS D 30 -21.70 -10.10 -19.70
N TYR D 31 -21.65 -10.83 -20.81
CA TYR D 31 -22.43 -12.05 -20.94
C TYR D 31 -21.87 -13.16 -20.05
N ALA D 32 -22.76 -14.03 -19.63
CA ALA D 32 -22.47 -15.27 -18.90
C ALA D 32 -22.76 -16.45 -19.83
N TYR D 33 -22.14 -17.58 -19.51
CA TYR D 33 -22.26 -18.77 -20.33
C TYR D 33 -22.44 -19.94 -19.37
N TRP D 34 -23.29 -20.90 -19.74
CA TRP D 34 -23.58 -22.02 -18.88
C TRP D 34 -23.18 -23.33 -19.54
N TYR D 35 -22.58 -24.21 -18.73
CA TYR D 35 -22.11 -25.52 -19.13
C TYR D 35 -22.65 -26.61 -18.21
N ARG D 36 -22.97 -27.75 -18.82
CA ARG D 36 -23.31 -28.99 -18.14
C ARG D 36 -22.17 -29.99 -18.27
N GLN D 37 -21.82 -30.61 -17.14
CA GLN D 37 -20.82 -31.66 -17.10
C GLN D 37 -21.43 -32.84 -16.36
N LYS D 38 -21.38 -34.01 -16.99
CA LYS D 38 -21.72 -35.28 -16.36
C LYS D 38 -20.45 -35.99 -15.92
N PRO D 39 -20.53 -36.85 -14.91
CA PRO D 39 -19.33 -37.56 -14.45
C PRO D 39 -18.52 -38.18 -15.58
N GLY D 40 -17.21 -37.94 -15.53
CA GLY D 40 -16.24 -38.45 -16.47
C GLY D 40 -16.28 -37.93 -17.89
N GLN D 41 -16.75 -36.71 -18.09
CA GLN D 41 -16.99 -36.18 -19.42
C GLN D 41 -16.51 -34.74 -19.46
N ALA D 42 -16.13 -34.27 -20.64
CA ALA D 42 -15.82 -32.87 -20.82
C ALA D 42 -17.11 -32.06 -20.70
N PRO D 43 -17.02 -30.80 -20.25
CA PRO D 43 -18.23 -29.98 -20.17
C PRO D 43 -18.83 -29.76 -21.55
N VAL D 44 -20.10 -29.39 -21.55
CA VAL D 44 -20.85 -29.14 -22.78
C VAL D 44 -21.58 -27.82 -22.63
N LEU D 45 -21.43 -26.95 -23.63
CA LEU D 45 -22.10 -25.67 -23.61
C LEU D 45 -23.61 -25.87 -23.69
N VAL D 46 -24.33 -25.22 -22.78
CA VAL D 46 -25.79 -25.29 -22.72
C VAL D 46 -26.43 -23.94 -23.06
N ILE D 47 -25.91 -22.87 -22.49
CA ILE D 47 -26.44 -21.53 -22.72
C ILE D 47 -25.27 -20.60 -23.00
N TYR D 48 -25.39 -19.76 -24.01
CA TYR D 48 -24.41 -18.73 -24.28
C TYR D 48 -25.13 -17.39 -24.38
N LYS D 49 -24.39 -16.33 -24.08
CA LYS D 49 -24.93 -14.99 -24.08
C LYS D 49 -26.22 -14.92 -23.28
N ASP D 50 -26.15 -15.43 -22.04
CA ASP D 50 -27.26 -15.42 -21.09
C ASP D 50 -28.42 -16.34 -21.47
N SER D 51 -28.89 -16.27 -22.73
CA SER D 51 -30.17 -16.85 -23.08
C SER D 51 -30.20 -17.73 -24.33
N GLU D 52 -29.18 -17.72 -25.17
CA GLU D 52 -29.23 -18.43 -26.44
C GLU D 52 -28.83 -19.89 -26.27
N ARG D 53 -29.52 -20.80 -27.05
CA ARG D 53 -29.26 -22.23 -26.97
C ARG D 53 -28.45 -22.70 -28.18
N PRO D 54 -27.41 -23.51 -28.01
CA PRO D 54 -26.84 -24.22 -29.16
C PRO D 54 -27.86 -25.16 -29.78
N SER D 55 -27.62 -25.51 -31.05
CA SER D 55 -28.56 -26.30 -31.82
C SER D 55 -28.96 -27.60 -31.12
N GLY D 56 -28.01 -28.25 -30.45
CA GLY D 56 -28.22 -29.52 -29.76
C GLY D 56 -28.92 -29.44 -28.41
N ILE D 57 -29.17 -28.23 -27.93
CA ILE D 57 -29.69 -28.02 -26.58
C ILE D 57 -31.21 -27.91 -26.65
N PRO D 58 -31.95 -28.74 -25.92
CA PRO D 58 -33.42 -28.71 -26.05
C PRO D 58 -34.03 -27.46 -25.42
N GLU D 59 -35.26 -27.18 -25.85
CA GLU D 59 -35.97 -25.96 -25.47
C GLU D 59 -36.24 -25.86 -23.98
N ARG D 60 -36.16 -26.98 -23.26
CA ARG D 60 -36.34 -26.98 -21.81
C ARG D 60 -35.29 -26.16 -21.07
N PHE D 61 -34.17 -25.85 -21.71
CA PHE D 61 -33.15 -24.98 -21.13
C PHE D 61 -33.28 -23.52 -21.58
N SER D 62 -33.59 -22.64 -20.62
CA SER D 62 -33.73 -21.22 -20.89
C SER D 62 -32.85 -20.44 -19.91
N GLY D 63 -32.15 -19.42 -20.43
CA GLY D 63 -31.33 -18.53 -19.63
C GLY D 63 -31.92 -17.15 -19.48
N SER D 64 -31.80 -16.58 -18.27
CA SER D 64 -32.24 -15.21 -17.99
C SER D 64 -31.15 -14.48 -17.23
N SER D 65 -31.30 -13.15 -17.13
CA SER D 65 -30.33 -12.32 -16.41
C SER D 65 -31.05 -11.21 -15.68
N SER D 66 -30.38 -10.68 -14.65
CA SER D 66 -30.98 -9.68 -13.76
C SER D 66 -29.95 -9.05 -12.84
N GLY D 67 -29.45 -7.89 -13.23
CA GLY D 67 -28.45 -7.19 -12.45
C GLY D 67 -27.18 -8.00 -12.37
N THR D 68 -26.82 -8.42 -11.16
CA THR D 68 -25.59 -9.14 -10.95
C THR D 68 -25.80 -10.65 -10.91
N THR D 69 -26.98 -11.13 -11.30
CA THR D 69 -27.26 -12.56 -11.26
C THR D 69 -27.83 -13.04 -12.60
N VAL D 70 -27.28 -14.13 -13.09
CA VAL D 70 -27.84 -14.85 -14.23
C VAL D 70 -28.41 -16.16 -13.73
N THR D 71 -29.42 -16.65 -14.43
CA THR D 71 -30.13 -17.86 -14.04
C THR D 71 -30.32 -18.83 -15.19
N LEU D 72 -29.91 -20.07 -14.96
CA LEU D 72 -30.23 -21.19 -15.85
C LEU D 72 -31.49 -21.86 -15.33
N THR D 73 -32.53 -21.93 -16.17
CA THR D 73 -33.80 -22.54 -15.82
C THR D 73 -33.98 -23.81 -16.65
N ILE D 74 -34.18 -24.94 -15.97
CA ILE D 74 -34.46 -26.21 -16.61
C ILE D 74 -35.86 -26.65 -16.23
N SER D 75 -36.77 -26.61 -17.19
CA SER D 75 -38.15 -27.06 -17.03
C SER D 75 -38.25 -28.52 -17.46
N GLY D 76 -39.20 -29.24 -16.90
CA GLY D 76 -39.31 -30.62 -17.34
C GLY D 76 -38.07 -31.42 -17.01
N VAL D 77 -37.61 -31.28 -15.78
CA VAL D 77 -36.36 -31.89 -15.35
C VAL D 77 -36.50 -33.40 -15.44
N GLN D 78 -35.52 -34.06 -16.04
CA GLN D 78 -35.56 -35.50 -16.04
C GLN D 78 -34.31 -36.08 -15.41
N ALA D 79 -34.31 -37.41 -15.25
CA ALA D 79 -33.19 -38.07 -14.58
C ALA D 79 -31.85 -37.77 -15.25
N GLU D 80 -31.86 -37.66 -16.58
CA GLU D 80 -30.64 -37.41 -17.35
C GLU D 80 -30.07 -36.03 -17.12
N ASP D 81 -30.84 -35.11 -16.54
CA ASP D 81 -30.34 -33.77 -16.25
C ASP D 81 -29.57 -33.68 -14.93
N GLU D 82 -29.57 -34.72 -14.10
CA GLU D 82 -28.75 -34.70 -12.90
C GLU D 82 -27.29 -34.57 -13.33
N ALA D 83 -26.64 -33.46 -12.93
CA ALA D 83 -25.27 -33.19 -13.38
C ALA D 83 -24.74 -31.96 -12.65
N ASP D 84 -23.47 -31.60 -12.92
CA ASP D 84 -22.93 -30.34 -12.42
C ASP D 84 -23.03 -29.24 -13.49
N TYR D 85 -23.54 -28.08 -13.08
CA TYR D 85 -23.71 -26.93 -13.98
C TYR D 85 -22.85 -25.76 -13.55
N TYR D 86 -22.04 -25.27 -14.48
CA TYR D 86 -21.07 -24.20 -14.27
C TYR D 86 -21.47 -22.94 -15.04
N CYS D 87 -21.44 -21.78 -14.38
CA CYS D 87 -21.51 -20.49 -15.06
C CYS D 87 -20.09 -20.00 -15.36
N GLN D 88 -19.96 -19.17 -16.40
CA GLN D 88 -18.66 -18.70 -16.86
C GLN D 88 -18.78 -17.29 -17.45
N SER D 89 -17.70 -16.52 -17.27
CA SER D 89 -17.55 -15.17 -17.80
C SER D 89 -16.11 -14.89 -18.22
N ALA D 90 -15.91 -13.67 -18.73
CA ALA D 90 -14.60 -13.11 -19.09
C ALA D 90 -14.63 -11.64 -18.72
N ASP D 91 -13.48 -11.13 -18.28
CA ASP D 91 -13.30 -9.72 -17.96
C ASP D 91 -13.40 -8.78 -19.17
N SER D 92 -13.35 -7.48 -18.81
CA SER D 92 -13.47 -6.37 -19.75
C SER D 92 -12.43 -6.44 -20.88
N ILE D 93 -11.16 -6.61 -20.51
CA ILE D 93 -10.07 -6.47 -21.47
C ILE D 93 -9.68 -7.78 -22.13
N GLY D 94 -10.37 -8.87 -21.83
CA GLY D 94 -10.08 -10.14 -22.48
C GLY D 94 -8.84 -10.84 -21.97
N SER D 95 -8.42 -10.55 -20.75
CA SER D 95 -7.22 -11.14 -20.16
C SER D 95 -7.52 -12.28 -19.19
N SER D 96 -8.80 -12.55 -18.92
CA SER D 96 -9.13 -13.50 -17.86
C SER D 96 -10.50 -14.11 -18.12
N TRP D 97 -10.57 -15.43 -17.98
CA TRP D 97 -11.82 -16.18 -17.99
C TRP D 97 -12.04 -16.73 -16.60
N VAL D 98 -13.30 -16.87 -16.21
CA VAL D 98 -13.63 -17.30 -14.86
C VAL D 98 -14.83 -18.22 -14.87
N PHE D 99 -14.73 -19.29 -14.08
CA PHE D 99 -15.81 -20.24 -13.80
C PHE D 99 -16.37 -20.03 -12.40
N GLY D 100 -17.67 -20.27 -12.27
CA GLY D 100 -18.28 -20.38 -10.97
C GLY D 100 -17.86 -21.67 -10.27
N GLY D 101 -18.20 -21.77 -8.98
CA GLY D 101 -17.82 -22.94 -8.21
C GLY D 101 -18.55 -24.21 -8.59
N GLY D 102 -19.59 -24.10 -9.39
CA GLY D 102 -20.37 -25.25 -9.82
C GLY D 102 -21.54 -25.56 -8.90
N THR D 103 -22.61 -26.04 -9.52
CA THR D 103 -23.84 -26.42 -8.83
C THR D 103 -24.19 -27.87 -9.16
N LYS D 104 -24.27 -28.72 -8.15
CA LYS D 104 -24.71 -30.09 -8.37
C LYS D 104 -26.24 -30.10 -8.41
N LEU D 105 -26.81 -30.46 -9.56
CA LEU D 105 -28.25 -30.65 -9.69
C LEU D 105 -28.56 -32.13 -9.45
N THR D 106 -29.32 -32.36 -8.38
CA THR D 106 -29.79 -33.68 -7.98
C THR D 106 -31.26 -33.81 -8.37
N VAL D 107 -31.58 -34.90 -9.05
CA VAL D 107 -32.96 -35.23 -9.42
C VAL D 107 -33.49 -36.18 -8.35
N LEU D 108 -34.54 -35.74 -7.66
CA LEU D 108 -35.08 -36.52 -6.57
C LEU D 108 -35.99 -37.63 -7.10
N GLY D 109 -36.46 -38.45 -6.15
CA GLY D 109 -37.39 -39.52 -6.43
C GLY D 109 -36.81 -40.90 -6.24
N GLN D 110 -35.53 -41.01 -5.91
CA GLN D 110 -34.96 -42.34 -5.71
C GLN D 110 -35.07 -42.74 -4.26
N PRO D 111 -35.61 -43.92 -3.96
CA PRO D 111 -35.86 -44.27 -2.56
C PRO D 111 -34.58 -44.45 -1.77
N LYS D 112 -34.70 -44.29 -0.46
CA LYS D 112 -33.55 -44.55 0.41
C LYS D 112 -33.18 -46.02 0.36
N ALA D 113 -31.88 -46.29 0.45
CA ALA D 113 -31.37 -47.65 0.43
C ALA D 113 -30.39 -47.78 1.59
N ALA D 114 -30.60 -48.81 2.45
CA ALA D 114 -29.75 -48.92 3.62
C ALA D 114 -28.51 -49.72 3.26
N PRO D 115 -27.37 -49.39 3.86
CA PRO D 115 -26.12 -50.07 3.48
C PRO D 115 -26.05 -51.51 3.95
N SER D 116 -25.44 -52.35 3.11
CA SER D 116 -24.94 -53.65 3.55
C SER D 116 -23.49 -53.43 3.99
N VAL D 117 -23.12 -54.03 5.11
CA VAL D 117 -21.80 -53.83 5.70
C VAL D 117 -21.13 -55.17 5.92
N THR D 118 -19.93 -55.32 5.38
CA THR D 118 -19.08 -56.48 5.60
C THR D 118 -17.78 -56.04 6.26
N LEU D 119 -17.40 -56.70 7.34
CA LEU D 119 -16.18 -56.36 8.06
C LEU D 119 -15.25 -57.55 8.08
N PHE D 120 -14.04 -57.38 7.53
CA PHE D 120 -13.03 -58.42 7.55
C PHE D 120 -11.97 -58.08 8.60
N PRO D 121 -11.57 -59.09 9.38
CA PRO D 121 -10.42 -58.95 10.27
C PRO D 121 -9.11 -58.95 9.50
N PRO D 122 -8.02 -58.66 10.18
CA PRO D 122 -6.70 -58.89 9.57
C PRO D 122 -6.49 -60.36 9.24
N SER D 123 -5.83 -60.59 8.11
CA SER D 123 -5.46 -61.93 7.71
C SER D 123 -4.25 -62.36 8.52
N SER D 124 -4.10 -63.67 8.69
CA SER D 124 -2.91 -64.16 9.37
C SER D 124 -1.66 -63.71 8.63
N GLU D 125 -1.70 -63.71 7.30
CA GLU D 125 -0.51 -63.37 6.52
C GLU D 125 -0.08 -61.92 6.78
N GLU D 126 -1.04 -61.01 6.91
CA GLU D 126 -0.66 -59.63 7.22
C GLU D 126 -0.08 -59.51 8.63
N LEU D 127 -0.65 -60.25 9.58
CA LEU D 127 -0.08 -60.25 10.93
C LEU D 127 1.34 -60.79 10.93
N GLN D 128 1.64 -61.75 10.06
CA GLN D 128 3.01 -62.24 9.97
C GLN D 128 3.94 -61.17 9.42
N ALA D 129 3.41 -60.24 8.63
CA ALA D 129 4.17 -59.09 8.15
C ALA D 129 4.20 -57.93 9.15
N ASN D 130 3.77 -58.15 10.40
CA ASN D 130 3.83 -57.14 11.45
C ASN D 130 2.97 -55.91 11.16
N LYS D 131 1.84 -56.10 10.49
CA LYS D 131 0.90 -55.03 10.21
C LYS D 131 -0.50 -55.57 10.50
N ALA D 132 -1.49 -54.69 10.50
CA ALA D 132 -2.85 -55.17 10.74
C ALA D 132 -3.85 -54.18 10.20
N THR D 133 -4.69 -54.63 9.26
CA THR D 133 -5.69 -53.77 8.66
C THR D 133 -7.05 -54.42 8.80
N LEU D 134 -7.99 -53.67 9.38
CA LEU D 134 -9.39 -54.04 9.39
C LEU D 134 -10.10 -53.37 8.23
N VAL D 135 -11.02 -54.09 7.61
CA VAL D 135 -11.62 -53.68 6.33
C VAL D 135 -13.14 -53.65 6.47
N CYS D 136 -13.73 -52.47 6.29
CA CYS D 136 -15.16 -52.28 6.45
C CYS D 136 -15.74 -51.83 5.11
N LEU D 137 -16.45 -52.73 4.46
CA LEU D 137 -16.97 -52.51 3.11
C LEU D 137 -18.47 -52.24 3.19
N ILE D 138 -18.90 -51.17 2.53
CA ILE D 138 -20.22 -50.60 2.71
C ILE D 138 -20.80 -50.43 1.32
N SER D 139 -21.97 -51.00 1.07
CA SER D 139 -22.42 -51.04 -0.30
C SER D 139 -23.93 -50.92 -0.39
N ASP D 140 -24.37 -50.60 -1.60
CA ASP D 140 -25.78 -50.56 -1.96
C ASP D 140 -26.62 -49.60 -1.11
N PHE D 141 -26.09 -48.39 -0.84
CA PHE D 141 -26.83 -47.42 -0.01
C PHE D 141 -27.16 -46.16 -0.83
N TYR D 142 -28.26 -45.48 -0.45
CA TYR D 142 -28.68 -44.25 -1.13
C TYR D 142 -29.55 -43.47 -0.13
N PRO D 143 -29.36 -42.16 0.09
CA PRO D 143 -28.39 -41.19 -0.44
C PRO D 143 -26.95 -41.60 -0.27
N GLY D 144 -26.10 -41.03 -1.11
CA GLY D 144 -24.70 -41.35 -1.00
C GLY D 144 -24.01 -40.54 0.06
N ALA D 145 -24.35 -40.78 1.32
CA ALA D 145 -23.76 -40.04 2.44
C ALA D 145 -23.86 -40.97 3.63
N VAL D 146 -22.71 -41.34 4.18
CA VAL D 146 -22.63 -42.16 5.37
C VAL D 146 -21.56 -41.61 6.31
N THR D 147 -21.72 -41.90 7.59
CA THR D 147 -20.69 -41.67 8.60
C THR D 147 -20.15 -42.98 9.14
N VAL D 148 -18.83 -43.12 9.19
CA VAL D 148 -18.18 -44.33 9.70
C VAL D 148 -17.40 -43.99 10.96
N ALA D 149 -17.60 -44.80 12.01
CA ALA D 149 -16.91 -44.71 13.28
C ALA D 149 -16.34 -46.07 13.66
N TRP D 150 -15.09 -46.10 14.09
CA TRP D 150 -14.51 -47.35 14.57
C TRP D 150 -14.39 -47.30 16.09
N LYS D 151 -14.54 -48.47 16.71
CA LYS D 151 -14.47 -48.57 18.17
C LYS D 151 -13.50 -49.68 18.54
N ALA D 152 -12.64 -49.42 19.52
CA ALA D 152 -11.80 -50.42 20.15
C ALA D 152 -12.42 -50.84 21.48
N ASP D 153 -12.82 -52.11 21.58
CA ASP D 153 -13.75 -52.52 22.62
C ASP D 153 -14.97 -51.60 22.55
N SER D 154 -15.24 -50.85 23.62
CA SER D 154 -16.34 -49.89 23.56
C SER D 154 -15.89 -48.45 23.34
N SER D 155 -14.55 -48.19 23.14
CA SER D 155 -14.14 -46.78 23.10
C SER D 155 -13.87 -46.41 21.64
N PRO D 156 -14.34 -45.26 21.15
CA PRO D 156 -14.01 -44.86 19.77
C PRO D 156 -12.53 -44.67 19.50
N VAL D 157 -12.03 -45.25 18.40
CA VAL D 157 -10.62 -45.04 18.11
C VAL D 157 -10.45 -43.60 17.63
N LYS D 158 -9.28 -43.02 17.88
CA LYS D 158 -8.97 -41.66 17.47
C LYS D 158 -8.18 -41.56 16.18
N ALA D 159 -7.64 -42.66 15.67
CA ALA D 159 -6.66 -42.53 14.60
C ALA D 159 -6.46 -43.86 13.90
N GLY D 160 -5.83 -43.77 12.74
CA GLY D 160 -5.44 -44.93 11.97
C GLY D 160 -6.49 -45.26 10.95
N VAL D 161 -7.54 -44.42 10.88
CA VAL D 161 -8.73 -44.66 10.06
C VAL D 161 -8.57 -43.89 8.76
N GLU D 162 -8.83 -44.55 7.64
CA GLU D 162 -8.88 -43.93 6.33
C GLU D 162 -10.17 -44.38 5.64
N THR D 163 -10.96 -43.43 5.14
CA THR D 163 -12.30 -43.72 4.64
C THR D 163 -12.53 -43.07 3.28
N THR D 164 -13.13 -43.82 2.36
CA THR D 164 -13.34 -43.25 1.04
C THR D 164 -14.55 -42.32 1.07
N THR D 165 -14.61 -41.42 0.10
CA THR D 165 -15.87 -40.76 -0.21
C THR D 165 -16.77 -41.76 -0.93
N PRO D 166 -18.08 -41.67 -0.77
CA PRO D 166 -18.96 -42.63 -1.45
C PRO D 166 -18.93 -42.45 -2.95
N SER D 167 -19.01 -43.58 -3.66
CA SER D 167 -18.98 -43.59 -5.13
C SER D 167 -20.19 -44.30 -5.72
N LYS D 168 -20.69 -43.78 -6.84
CA LYS D 168 -21.88 -44.37 -7.45
C LYS D 168 -21.51 -45.69 -8.12
N GLN D 169 -22.22 -46.76 -7.76
CA GLN D 169 -22.11 -48.07 -8.34
C GLN D 169 -22.83 -48.16 -9.68
N SER D 170 -22.60 -49.27 -10.39
CA SER D 170 -23.27 -49.48 -11.66
C SER D 170 -24.79 -49.45 -11.51
N ASN D 171 -25.31 -49.83 -10.35
CA ASN D 171 -26.75 -49.87 -10.13
C ASN D 171 -27.32 -48.57 -9.56
N ASN D 172 -26.57 -47.47 -9.61
CA ASN D 172 -26.98 -46.15 -9.14
C ASN D 172 -27.16 -46.07 -7.62
N LYS D 173 -26.79 -47.11 -6.88
CA LYS D 173 -26.58 -46.98 -5.44
C LYS D 173 -25.12 -46.63 -5.20
N TYR D 174 -24.73 -46.54 -3.93
CA TYR D 174 -23.41 -46.04 -3.60
C TYR D 174 -22.62 -47.11 -2.84
N ALA D 175 -21.29 -47.02 -2.97
CA ALA D 175 -20.36 -47.83 -2.21
C ALA D 175 -19.32 -46.96 -1.53
N ALA D 176 -18.79 -47.48 -0.43
CA ALA D 176 -17.69 -46.86 0.28
C ALA D 176 -16.92 -47.95 1.02
N SER D 177 -15.70 -47.65 1.39
CA SER D 177 -14.90 -48.55 2.23
C SER D 177 -14.18 -47.75 3.27
N SER D 178 -13.91 -48.39 4.41
CA SER D 178 -13.16 -47.75 5.49
C SER D 178 -12.14 -48.77 5.99
N TYR D 179 -10.94 -48.29 6.28
CA TYR D 179 -9.84 -49.14 6.71
C TYR D 179 -9.28 -48.63 8.03
N LEU D 180 -9.03 -49.54 8.96
CA LEU D 180 -8.41 -49.17 10.23
C LEU D 180 -7.06 -49.86 10.32
N SER D 181 -5.99 -49.08 10.47
CA SER D 181 -4.64 -49.63 10.58
C SER D 181 -4.20 -49.69 12.03
N LEU D 182 -3.72 -50.86 12.42
CA LEU D 182 -3.29 -51.18 13.78
C LEU D 182 -1.96 -51.92 13.72
N THR D 183 -1.28 -51.91 14.85
CA THR D 183 -0.21 -52.85 15.09
C THR D 183 -0.81 -54.20 15.50
N PRO D 184 -0.08 -55.30 15.27
CA PRO D 184 -0.57 -56.60 15.77
C PRO D 184 -0.85 -56.58 17.26
N GLU D 185 -0.01 -55.88 18.03
CA GLU D 185 -0.21 -55.81 19.47
C GLU D 185 -1.54 -55.16 19.81
N GLN D 186 -1.88 -54.09 19.10
CA GLN D 186 -3.16 -53.42 19.33
C GLN D 186 -4.33 -54.36 19.02
N TRP D 187 -4.27 -55.00 17.84
CA TRP D 187 -5.30 -55.96 17.47
C TRP D 187 -5.49 -57.01 18.53
N LYS D 188 -4.40 -57.61 19.00
CA LYS D 188 -4.52 -58.74 19.90
C LYS D 188 -4.77 -58.33 21.35
N SER D 189 -4.61 -57.04 21.69
CA SER D 189 -4.72 -56.62 23.08
C SER D 189 -6.09 -56.06 23.43
N HIS D 190 -7.01 -55.98 22.47
CA HIS D 190 -8.38 -55.60 22.72
C HIS D 190 -9.26 -56.84 22.55
N ARG D 191 -10.42 -56.82 23.20
CA ARG D 191 -11.36 -57.92 23.07
C ARG D 191 -11.99 -57.97 21.69
N SER D 192 -12.24 -56.82 21.08
CA SER D 192 -12.84 -56.78 19.75
C SER D 192 -12.65 -55.39 19.18
N TYR D 193 -12.89 -55.28 17.87
CA TYR D 193 -12.98 -53.99 17.21
C TYR D 193 -14.29 -53.96 16.44
N SER D 194 -14.85 -52.76 16.27
CA SER D 194 -16.14 -52.62 15.60
C SER D 194 -16.06 -51.52 14.56
N CYS D 195 -16.74 -51.78 13.43
CA CYS D 195 -17.06 -50.78 12.42
C CYS D 195 -18.53 -50.43 12.52
N GLN D 196 -18.81 -49.15 12.76
CA GLN D 196 -20.16 -48.64 12.91
C GLN D 196 -20.45 -47.68 11.77
N VAL D 197 -21.53 -47.95 11.03
CA VAL D 197 -21.87 -47.19 9.84
C VAL D 197 -23.24 -46.56 10.10
N THR D 198 -23.31 -45.24 10.04
CA THR D 198 -24.54 -44.50 10.24
C THR D 198 -24.98 -43.92 8.91
N HIS D 199 -26.23 -44.16 8.55
CA HIS D 199 -26.80 -43.69 7.29
C HIS D 199 -28.25 -43.31 7.54
N GLU D 200 -28.58 -42.06 7.27
CA GLU D 200 -29.96 -41.59 7.34
C GLU D 200 -30.59 -41.94 8.68
N GLY D 201 -29.80 -41.87 9.75
CA GLY D 201 -30.35 -42.06 11.07
C GLY D 201 -30.43 -43.51 11.49
N SER D 202 -29.96 -44.43 10.67
CA SER D 202 -29.87 -45.85 11.01
C SER D 202 -28.42 -46.29 11.10
N THR D 203 -28.10 -47.13 12.08
CA THR D 203 -26.73 -47.54 12.35
C THR D 203 -26.60 -49.05 12.22
N VAL D 204 -25.64 -49.50 11.42
CA VAL D 204 -25.26 -50.89 11.30
C VAL D 204 -23.87 -51.05 11.91
N GLU D 205 -23.71 -51.96 12.85
CA GLU D 205 -22.42 -52.16 13.51
C GLU D 205 -21.97 -53.61 13.40
N LYS D 206 -20.82 -53.83 12.78
CA LYS D 206 -20.20 -55.14 12.72
C LYS D 206 -18.95 -55.15 13.58
N THR D 207 -18.66 -56.31 14.15
CA THR D 207 -17.59 -56.44 15.14
C THR D 207 -16.81 -57.71 14.84
N VAL D 208 -15.49 -57.63 14.93
CA VAL D 208 -14.63 -58.78 14.76
C VAL D 208 -13.67 -58.85 15.94
N ALA D 209 -13.20 -60.07 16.23
CA ALA D 209 -12.35 -60.28 17.38
C ALA D 209 -11.14 -61.13 17.01
N PRO D 210 -9.99 -60.88 17.64
CA PRO D 210 -8.79 -61.66 17.28
C PRO D 210 -8.93 -63.16 17.55
N THR D 211 -9.74 -63.52 18.56
CA THR D 211 -10.05 -64.91 18.85
C THR D 211 -10.22 -65.79 17.61
N GLU D 212 -11.00 -65.34 16.63
CA GLU D 212 -11.19 -66.13 15.43
C GLU D 212 -9.93 -66.23 14.58
N GLU E 3 14.69 11.28 17.62
CA GLU E 3 15.13 10.64 18.85
C GLU E 3 16.61 10.88 19.11
N LEU E 4 16.93 11.09 20.39
CA LEU E 4 18.28 11.41 20.87
C LEU E 4 18.78 10.31 21.78
N THR E 5 19.92 9.73 21.41
CA THR E 5 20.52 8.56 22.03
C THR E 5 21.68 8.94 22.95
N GLN E 6 21.52 8.65 24.24
CA GLN E 6 22.61 8.86 25.17
C GLN E 6 22.90 7.61 25.98
N PRO E 7 24.17 7.38 26.32
CA PRO E 7 24.52 6.20 27.12
C PRO E 7 23.88 6.31 28.48
N PRO E 8 23.45 5.19 29.07
CA PRO E 8 22.75 5.30 30.36
C PRO E 8 23.68 5.62 31.52
N SER E 9 24.98 5.38 31.39
CA SER E 9 25.91 5.52 32.50
C SER E 9 27.30 5.88 32.00
N VAL E 10 27.97 6.77 32.74
CA VAL E 10 29.35 7.13 32.49
C VAL E 10 30.06 7.17 33.83
N SER E 11 31.17 6.46 33.94
CA SER E 11 31.94 6.38 35.17
C SER E 11 33.29 7.05 35.01
N VAL E 12 33.66 7.87 35.99
CA VAL E 12 34.95 8.54 35.99
C VAL E 12 35.45 8.62 37.41
N SER E 13 36.76 8.71 37.56
CA SER E 13 37.36 8.91 38.87
C SER E 13 37.52 10.40 39.13
N PRO E 14 37.62 10.81 40.39
CA PRO E 14 37.81 12.23 40.67
C PRO E 14 39.04 12.79 39.98
N GLY E 15 38.92 13.99 39.43
CA GLY E 15 39.99 14.67 38.75
C GLY E 15 40.13 14.32 37.28
N GLN E 16 39.52 13.24 36.83
CA GLN E 16 39.61 12.80 35.45
C GLN E 16 38.57 13.55 34.61
N THR E 17 38.58 13.30 33.31
CA THR E 17 37.69 13.98 32.39
C THR E 17 36.58 13.01 31.97
N ALA E 18 35.33 13.43 32.22
CA ALA E 18 34.13 12.71 31.83
C ALA E 18 33.64 13.24 30.50
N ARG E 19 33.23 12.33 29.61
CA ARG E 19 32.70 12.72 28.32
C ARG E 19 31.38 12.03 28.10
N ILE E 20 30.31 12.80 27.92
CA ILE E 20 28.99 12.24 27.70
C ILE E 20 28.59 12.61 26.29
N THR E 21 28.32 11.60 25.47
CA THR E 21 27.94 11.79 24.08
C THR E 21 26.43 11.67 23.93
N CYS E 22 25.92 12.40 22.94
CA CYS E 22 24.52 12.39 22.53
C CYS E 22 24.48 12.39 21.01
N SER E 23 23.70 11.48 20.45
CA SER E 23 23.68 11.27 19.01
C SER E 23 22.25 11.17 18.50
N GLY E 24 22.09 11.59 17.24
CA GLY E 24 20.80 11.63 16.58
C GLY E 24 20.95 12.45 15.32
N ASP E 25 20.13 12.19 14.30
CA ASP E 25 20.32 12.87 13.02
C ASP E 25 20.07 14.37 13.14
N ALA E 26 19.04 14.77 13.89
CA ALA E 26 18.75 16.18 14.08
C ALA E 26 19.98 16.97 14.54
N LEU E 27 20.92 16.31 15.22
CA LEU E 27 22.05 17.03 15.78
C LEU E 27 23.01 17.52 14.70
N ALA E 28 22.94 16.97 13.49
CA ALA E 28 23.73 17.52 12.40
C ALA E 28 23.09 18.80 11.87
N LYS E 29 21.82 19.02 12.17
CA LYS E 29 21.06 20.14 11.65
C LYS E 29 21.00 21.30 12.64
N HIS E 30 20.76 21.01 13.91
CA HIS E 30 20.44 22.05 14.86
C HIS E 30 21.37 21.99 16.06
N TYR E 31 21.26 23.03 16.87
CA TYR E 31 21.97 23.07 18.14
C TYR E 31 21.39 22.08 19.12
N ALA E 32 22.25 21.61 20.01
CA ALA E 32 21.96 20.78 21.16
C ALA E 32 22.13 21.59 22.43
N TYR E 33 21.48 21.15 23.50
CA TYR E 33 21.51 21.85 24.78
C TYR E 33 21.67 20.78 25.86
N TRP E 34 22.45 21.07 26.89
CA TRP E 34 22.72 20.11 27.94
C TRP E 34 22.24 20.61 29.29
N TYR E 35 21.64 19.69 30.05
CA TYR E 35 21.11 19.92 31.39
C TYR E 35 21.62 18.91 32.39
N ARG E 36 21.89 19.39 33.61
CA ARG E 36 22.21 18.60 34.79
C ARG E 36 21.03 18.58 35.75
N GLN E 37 20.68 17.38 36.23
CA GLN E 37 19.64 17.20 37.23
C GLN E 37 20.17 16.38 38.38
N LYS E 38 20.00 16.88 39.59
CA LYS E 38 20.27 16.18 40.83
C LYS E 38 18.99 15.61 41.40
N PRO E 39 19.08 14.57 42.22
CA PRO E 39 17.88 13.99 42.84
C PRO E 39 17.00 15.04 43.50
N GLY E 40 15.70 14.96 43.19
CA GLY E 40 14.69 15.82 43.75
C GLY E 40 14.75 17.28 43.35
N GLN E 41 15.28 17.59 42.18
CA GLN E 41 15.52 18.97 41.80
C GLN E 41 15.15 19.14 40.34
N ALA E 42 14.79 20.37 39.99
CA ALA E 42 14.57 20.72 38.60
C ALA E 42 15.91 20.71 37.85
N PRO E 43 15.90 20.40 36.56
CA PRO E 43 17.14 20.44 35.79
C PRO E 43 17.70 21.85 35.74
N VAL E 44 18.99 21.92 35.44
CA VAL E 44 19.72 23.18 35.38
C VAL E 44 20.50 23.19 34.07
N LEU E 45 20.31 24.25 33.30
CA LEU E 45 21.01 24.34 32.03
C LEU E 45 22.51 24.46 32.28
N VAL E 46 23.28 23.61 31.61
CA VAL E 46 24.73 23.60 31.75
C VAL E 46 25.42 24.06 30.47
N ILE E 47 24.97 23.59 29.31
CA ILE E 47 25.57 24.00 28.04
C ILE E 47 24.46 24.34 27.06
N TYR E 48 24.62 25.44 26.34
CA TYR E 48 23.71 25.81 25.27
C TYR E 48 24.46 26.07 23.98
N LYS E 49 23.74 25.86 22.87
CA LYS E 49 24.25 25.99 21.51
C LYS E 49 25.57 25.23 21.37
N ASP E 50 25.53 23.95 21.76
CA ASP E 50 26.65 23.01 21.67
C ASP E 50 27.79 23.32 22.63
N SER E 51 28.25 24.58 22.66
CA SER E 51 29.52 24.90 23.31
C SER E 51 29.48 26.08 24.28
N GLU E 52 28.43 26.89 24.28
CA GLU E 52 28.43 28.09 25.10
C GLU E 52 28.02 27.74 26.52
N ARG E 53 28.70 28.35 27.50
CA ARG E 53 28.46 28.09 28.91
C ARG E 53 27.69 29.26 29.51
N PRO E 54 26.62 29.02 30.28
CA PRO E 54 26.05 30.10 31.10
C PRO E 54 26.98 30.61 32.20
N SER E 55 26.69 31.85 32.63
CA SER E 55 27.51 32.55 33.60
C SER E 55 27.77 31.77 34.89
N GLY E 56 26.74 31.08 35.41
CA GLY E 56 26.82 30.33 36.66
C GLY E 56 27.53 29.00 36.61
N ILE E 57 27.89 28.56 35.42
CA ILE E 57 28.45 27.23 35.16
C ILE E 57 29.96 27.33 35.15
N PRO E 58 30.68 26.54 35.94
CA PRO E 58 32.14 26.70 35.98
C PRO E 58 32.76 26.21 34.68
N GLU E 59 33.99 26.67 34.46
CA GLU E 59 34.74 26.48 33.22
C GLU E 59 35.07 25.03 32.92
N ARG E 60 34.99 24.16 33.93
CA ARG E 60 35.22 22.72 33.78
C ARG E 60 34.22 22.06 32.84
N PHE E 61 33.12 22.72 32.55
CA PHE E 61 32.11 22.28 31.60
C PHE E 61 32.35 22.88 30.22
N SER E 62 32.65 22.01 29.26
CA SER E 62 32.93 22.34 27.86
C SER E 62 32.02 21.54 26.94
N GLY E 63 31.53 22.21 25.90
CA GLY E 63 30.70 21.59 24.86
C GLY E 63 31.44 21.41 23.54
N SER E 64 31.18 20.27 22.90
CA SER E 64 31.71 19.94 21.58
C SER E 64 30.63 19.38 20.66
N SER E 65 30.93 19.38 19.36
CA SER E 65 30.02 18.81 18.38
C SER E 65 30.83 18.21 17.23
N SER E 66 30.24 17.21 16.55
CA SER E 66 30.93 16.54 15.42
C SER E 66 29.90 15.72 14.63
N GLY E 67 29.39 16.27 13.52
CA GLY E 67 28.41 15.58 12.71
C GLY E 67 27.12 15.41 13.48
N THR E 68 26.76 14.16 13.75
CA THR E 68 25.51 13.84 14.40
C THR E 68 25.68 13.61 15.90
N THR E 69 26.82 13.98 16.47
CA THR E 69 27.05 13.77 17.89
C THR E 69 27.52 15.05 18.56
N VAL E 70 26.92 15.37 19.70
CA VAL E 70 27.44 16.44 20.56
C VAL E 70 28.00 15.76 21.80
N THR E 71 28.99 16.40 22.40
CA THR E 71 29.67 15.84 23.57
C THR E 71 29.79 16.90 24.65
N LEU E 72 29.34 16.55 25.85
CA LEU E 72 29.62 17.35 27.05
C LEU E 72 30.86 16.79 27.73
N THR E 73 31.87 17.64 27.89
CA THR E 73 33.14 17.28 28.52
C THR E 73 33.26 18.00 29.86
N ILE E 74 33.45 17.24 30.92
CA ILE E 74 33.69 17.81 32.24
C ILE E 74 35.11 17.42 32.66
N SER E 75 35.99 18.41 32.71
CA SER E 75 37.36 18.24 33.14
C SER E 75 37.41 18.56 34.63
N GLY E 76 38.36 17.95 35.33
CA GLY E 76 38.42 18.26 36.74
C GLY E 76 37.13 17.85 37.43
N VAL E 77 36.69 16.61 37.16
CA VAL E 77 35.40 16.14 37.67
C VAL E 77 35.46 16.10 39.19
N GLN E 78 34.44 16.64 39.84
CA GLN E 78 34.39 16.52 41.27
C GLN E 78 33.10 15.87 41.73
N ALA E 79 33.03 15.62 43.05
CA ALA E 79 31.88 14.92 43.62
C ALA E 79 30.57 15.63 43.33
N GLU E 80 30.59 16.96 43.29
CA GLU E 80 29.37 17.73 43.06
C GLU E 80 28.81 17.51 41.67
N ASP E 81 29.61 16.97 40.76
CA ASP E 81 29.15 16.70 39.41
C ASP E 81 28.41 15.37 39.22
N GLU E 82 28.38 14.47 40.21
CA GLU E 82 27.58 13.25 40.07
C GLU E 82 26.11 13.63 39.91
N ALA E 83 25.52 13.29 38.77
CA ALA E 83 24.14 13.70 38.48
C ALA E 83 23.70 13.04 37.19
N ASP E 84 22.45 13.28 36.80
CA ASP E 84 21.96 12.86 35.50
C ASP E 84 22.09 14.01 34.50
N TYR E 85 22.65 13.74 33.32
CA TYR E 85 22.85 14.74 32.29
C TYR E 85 22.05 14.40 31.03
N TYR E 86 21.24 15.37 30.60
CA TYR E 86 20.33 15.25 29.47
C TYR E 86 20.74 16.16 28.33
N CYS E 87 20.76 15.65 27.10
CA CYS E 87 20.86 16.47 25.90
C CYS E 87 19.44 16.79 25.40
N GLN E 88 19.31 17.92 24.69
CA GLN E 88 18.02 18.40 24.22
C GLN E 88 18.17 19.15 22.90
N SER E 89 17.14 19.05 22.06
CA SER E 89 17.06 19.74 20.77
C SER E 89 15.61 20.14 20.47
N ALA E 90 15.42 20.78 19.32
CA ALA E 90 14.11 21.14 18.78
C ALA E 90 14.21 20.95 17.28
N ASP E 91 13.09 20.50 16.68
CA ASP E 91 13.01 20.35 15.23
C ASP E 91 13.08 21.66 14.44
N SER E 92 13.12 21.46 13.11
CA SER E 92 13.25 22.54 12.15
C SER E 92 12.14 23.58 12.28
N ILE E 93 10.88 23.12 12.34
CA ILE E 93 9.74 24.02 12.25
C ILE E 93 9.25 24.51 13.60
N GLY E 94 9.92 24.16 14.69
CA GLY E 94 9.56 24.68 15.99
C GLY E 94 8.32 24.10 16.62
N SER E 95 7.92 22.91 16.18
CA SER E 95 6.71 22.26 16.68
C SER E 95 6.99 21.17 17.71
N SER E 96 8.26 20.87 17.99
CA SER E 96 8.59 19.71 18.78
C SER E 96 9.93 19.93 19.47
N TRP E 97 9.96 19.62 20.77
CA TRP E 97 11.19 19.61 21.56
C TRP E 97 11.47 18.18 22.00
N VAL E 98 12.75 17.84 22.13
CA VAL E 98 13.14 16.47 22.41
C VAL E 98 14.34 16.40 23.35
N PHE E 99 14.25 15.46 24.30
CA PHE E 99 15.29 15.08 25.24
C PHE E 99 15.92 13.73 24.90
N GLY E 100 17.21 13.61 25.19
CA GLY E 100 17.85 12.31 25.20
C GLY E 100 17.37 11.47 26.38
N GLY E 101 17.73 10.18 26.36
CA GLY E 101 17.28 9.30 27.44
C GLY E 101 17.93 9.55 28.78
N GLY E 102 18.98 10.35 28.82
CA GLY E 102 19.70 10.69 30.03
C GLY E 102 20.85 9.75 30.32
N THR E 103 21.91 10.33 30.90
CA THR E 103 23.11 9.62 31.29
C THR E 103 23.40 9.86 32.76
N LYS E 104 23.45 8.80 33.56
CA LYS E 104 23.85 8.99 34.95
C LYS E 104 25.38 9.05 34.99
N LEU E 105 25.92 10.19 35.42
CA LEU E 105 27.34 10.34 35.66
C LEU E 105 27.61 10.04 37.13
N THR E 106 28.40 8.98 37.35
CA THR E 106 28.84 8.54 38.67
C THR E 106 30.31 8.89 38.87
N VAL E 107 30.60 9.51 39.99
CA VAL E 107 31.96 9.83 40.45
C VAL E 107 32.34 8.68 41.36
N LEU E 108 33.41 7.97 41.00
CA LEU E 108 33.80 6.77 41.73
C LEU E 108 34.54 7.11 43.02
N GLY E 109 33.89 6.79 44.14
CA GLY E 109 34.39 6.88 45.49
C GLY E 109 34.87 5.58 46.07
N GLN E 110 34.85 4.50 45.29
CA GLN E 110 35.23 3.17 45.73
C GLN E 110 35.38 2.30 44.49
N PRO E 111 36.19 1.24 44.54
CA PRO E 111 36.44 0.47 43.32
C PRO E 111 35.14 -0.06 42.74
N LYS E 112 35.14 -0.33 41.44
CA LYS E 112 33.98 -0.93 40.80
C LYS E 112 33.77 -2.35 41.31
N ALA E 113 32.50 -2.73 41.42
CA ALA E 113 32.09 -4.05 41.90
C ALA E 113 31.06 -4.64 40.95
N ALA E 114 31.30 -5.85 40.50
CA ALA E 114 30.42 -6.45 39.51
C ALA E 114 29.24 -7.14 40.19
N PRO E 115 28.08 -7.12 39.54
CA PRO E 115 26.87 -7.65 40.16
C PRO E 115 26.87 -9.17 40.25
N SER E 116 26.29 -9.66 41.34
CA SER E 116 25.85 -11.04 41.46
C SER E 116 24.41 -11.13 40.99
N VAL E 117 24.10 -12.16 40.21
CA VAL E 117 22.79 -12.32 39.59
C VAL E 117 22.22 -13.69 39.93
N THR E 118 21.01 -13.68 40.49
CA THR E 118 20.24 -14.88 40.76
C THR E 118 18.93 -14.85 39.98
N LEU E 119 18.62 -15.93 39.27
CA LEU E 119 17.39 -15.99 38.49
C LEU E 119 16.55 -17.16 38.97
N PHE E 120 15.33 -16.89 39.44
CA PHE E 120 14.37 -17.88 39.87
C PHE E 120 13.30 -18.06 38.80
N PRO E 121 12.93 -19.31 38.52
CA PRO E 121 11.76 -19.59 37.68
C PRO E 121 10.45 -19.32 38.40
N PRO E 122 9.34 -19.40 37.67
CA PRO E 122 8.03 -19.40 38.34
C PRO E 122 7.95 -20.60 39.27
N SER E 123 7.30 -20.42 40.40
CA SER E 123 7.09 -21.53 41.31
C SER E 123 5.96 -22.40 40.79
N SER E 124 6.01 -23.69 41.15
CA SER E 124 4.92 -24.58 40.78
C SER E 124 3.60 -24.07 41.34
N GLU E 125 3.64 -23.53 42.56
CA GLU E 125 2.42 -23.03 43.19
C GLU E 125 1.86 -21.83 42.44
N GLU E 126 2.74 -20.96 41.91
CA GLU E 126 2.24 -19.84 41.10
C GLU E 126 1.69 -20.33 39.76
N LEU E 127 2.35 -21.31 39.13
CA LEU E 127 1.82 -21.85 37.90
C LEU E 127 0.44 -22.48 38.11
N GLN E 128 0.21 -23.07 39.29
CA GLN E 128 -1.12 -23.60 39.56
C GLN E 128 -2.15 -22.49 39.70
N ALA E 129 -1.71 -21.29 40.09
CA ALA E 129 -2.58 -20.12 40.11
C ALA E 129 -2.71 -19.45 38.76
N ASN E 130 -2.26 -20.10 37.70
CA ASN E 130 -2.40 -19.58 36.33
C ASN E 130 -1.62 -18.29 36.16
N LYS E 131 -0.49 -18.17 36.85
CA LYS E 131 0.35 -17.00 36.73
C LYS E 131 1.79 -17.50 36.62
N ALA E 132 2.70 -16.60 36.27
CA ALA E 132 4.09 -17.01 36.18
C ALA E 132 4.99 -15.80 36.27
N THR E 133 5.88 -15.76 37.25
CA THR E 133 6.80 -14.65 37.43
C THR E 133 8.21 -15.21 37.45
N LEU E 134 9.07 -14.67 36.57
CA LEU E 134 10.50 -14.93 36.65
C LEU E 134 11.14 -13.80 37.42
N VAL E 135 12.12 -14.15 38.26
CA VAL E 135 12.66 -13.21 39.24
C VAL E 135 14.16 -13.12 39.07
N CYS E 136 14.68 -11.94 38.73
CA CYS E 136 16.09 -11.73 38.48
C CYS E 136 16.61 -10.73 39.51
N LEU E 137 17.37 -11.21 40.48
CA LEU E 137 17.84 -10.41 41.61
C LEU E 137 19.31 -10.10 41.42
N ILE E 138 19.67 -8.82 41.57
CA ILE E 138 20.96 -8.30 41.14
C ILE E 138 21.51 -7.52 42.33
N SER E 139 22.72 -7.86 42.76
CA SER E 139 23.16 -7.31 44.02
C SER E 139 24.66 -7.07 44.04
N ASP E 140 25.06 -6.26 45.03
CA ASP E 140 26.44 -5.96 45.36
C ASP E 140 27.24 -5.35 44.19
N PHE E 141 26.62 -4.42 43.46
CA PHE E 141 27.27 -3.77 42.32
C PHE E 141 27.44 -2.27 42.56
N TYR E 142 28.48 -1.69 41.93
CA TYR E 142 28.80 -0.26 42.01
C TYR E 142 29.62 0.14 40.78
N PRO E 143 29.30 1.24 40.06
CA PRO E 143 28.25 2.25 40.13
C PRO E 143 26.83 1.74 40.15
N GLY E 144 25.91 2.55 40.68
CA GLY E 144 24.53 2.17 40.72
C GLY E 144 23.80 2.42 39.42
N ALA E 145 24.16 1.66 38.39
CA ALA E 145 23.55 1.81 37.08
C ALA E 145 23.70 0.45 36.40
N VAL E 146 22.56 -0.15 36.04
CA VAL E 146 22.59 -1.41 35.32
C VAL E 146 21.55 -1.38 34.20
N THR E 147 21.80 -2.16 33.17
CA THR E 147 20.81 -2.44 32.15
C THR E 147 20.39 -3.91 32.19
N VAL E 148 19.09 -4.16 32.20
CA VAL E 148 18.55 -5.52 32.24
C VAL E 148 17.78 -5.79 30.95
N ALA E 149 18.06 -6.93 30.33
CA ALA E 149 17.37 -7.40 29.13
C ALA E 149 16.90 -8.83 29.33
N TRP E 150 15.65 -9.10 28.96
CA TRP E 150 15.15 -10.46 29.03
C TRP E 150 15.04 -11.05 27.64
N LYS E 151 15.27 -12.36 27.54
CA LYS E 151 15.18 -13.07 26.27
C LYS E 151 14.30 -14.31 26.44
N ALA E 152 13.41 -14.52 25.49
CA ALA E 152 12.62 -15.74 25.36
C ALA E 152 13.27 -16.64 24.31
N ASP E 153 13.76 -17.81 24.72
CA ASP E 153 14.72 -18.55 23.92
C ASP E 153 15.87 -17.59 23.61
N SER E 154 16.09 -17.31 22.33
CA SER E 154 17.09 -16.35 21.92
C SER E 154 16.47 -15.01 21.53
N SER E 155 15.14 -14.84 21.73
CA SER E 155 14.54 -13.62 21.20
C SER E 155 14.29 -12.61 22.31
N PRO E 156 14.64 -11.35 22.09
CA PRO E 156 14.35 -10.30 23.09
C PRO E 156 12.86 -10.15 23.36
N VAL E 157 12.50 -10.06 24.63
CA VAL E 157 11.11 -9.90 25.02
C VAL E 157 10.99 -8.56 25.73
N LYS E 158 10.12 -7.67 25.23
CA LYS E 158 9.98 -6.38 25.87
C LYS E 158 8.80 -6.30 26.83
N ALA E 159 7.85 -7.22 26.81
CA ALA E 159 6.68 -6.90 27.60
C ALA E 159 6.74 -7.73 28.86
N GLY E 160 6.01 -7.29 29.87
CA GLY E 160 5.86 -8.10 31.05
C GLY E 160 6.95 -7.77 32.05
N VAL E 161 7.82 -6.82 31.71
CA VAL E 161 9.02 -6.55 32.51
C VAL E 161 8.81 -5.36 33.43
N GLU E 162 9.20 -5.54 34.69
CA GLU E 162 9.26 -4.46 35.67
C GLU E 162 10.61 -4.51 36.38
N THR E 163 11.32 -3.39 36.39
CA THR E 163 12.70 -3.35 36.88
C THR E 163 12.87 -2.17 37.83
N THR E 164 13.54 -2.41 38.95
CA THR E 164 13.72 -1.32 39.89
C THR E 164 14.85 -0.39 39.46
N THR E 165 14.81 0.83 39.98
CA THR E 165 15.98 1.66 39.97
C THR E 165 16.96 1.10 41.00
N PRO E 166 18.26 1.26 40.80
CA PRO E 166 19.20 0.70 41.77
C PRO E 166 19.03 1.43 43.09
N SER E 167 19.17 0.69 44.18
CA SER E 167 19.03 1.26 45.51
C SER E 167 20.28 1.00 46.33
N LYS E 168 20.65 1.98 47.15
CA LYS E 168 21.87 1.85 47.93
C LYS E 168 21.67 0.90 49.10
N GLN E 169 22.54 -0.11 49.17
CA GLN E 169 22.58 -1.06 50.28
C GLN E 169 23.29 -0.46 51.49
N SER E 170 23.16 -1.17 52.62
CA SER E 170 23.84 -0.74 53.84
C SER E 170 25.35 -0.64 53.63
N ASN E 171 25.91 -1.46 52.74
CA ASN E 171 27.35 -1.46 52.50
C ASN E 171 27.80 -0.49 51.41
N ASN E 172 26.93 0.43 51.00
CA ASN E 172 27.21 1.44 49.98
C ASN E 172 27.39 0.90 48.56
N LYS E 173 27.15 -0.39 48.33
CA LYS E 173 26.94 -0.89 46.98
C LYS E 173 25.45 -0.79 46.68
N TYR E 174 25.03 -1.27 45.51
CA TYR E 174 23.65 -1.05 45.06
C TYR E 174 22.96 -2.40 44.84
N ALA E 175 21.63 -2.39 44.97
CA ALA E 175 20.82 -3.55 44.66
C ALA E 175 19.70 -3.19 43.70
N ALA E 176 19.26 -4.18 42.93
CA ALA E 176 18.12 -4.03 42.05
C ALA E 176 17.48 -5.39 41.84
N SER E 177 16.23 -5.36 41.39
CA SER E 177 15.52 -6.57 41.00
C SER E 177 14.74 -6.31 39.74
N SER E 178 14.53 -7.37 38.96
CA SER E 178 13.75 -7.30 37.73
C SER E 178 12.84 -8.51 37.68
N TYR E 179 11.61 -8.29 37.26
CA TYR E 179 10.60 -9.32 37.21
C TYR E 179 10.07 -9.40 35.78
N LEU E 180 9.92 -10.62 35.29
CA LEU E 180 9.31 -10.85 33.99
C LEU E 180 8.02 -11.60 34.28
N SER E 181 6.90 -11.03 33.89
CA SER E 181 5.61 -11.66 34.13
C SER E 181 5.14 -12.36 32.87
N LEU E 182 4.75 -13.63 33.02
CA LEU E 182 4.33 -14.46 31.94
C LEU E 182 3.06 -15.21 32.32
N THR E 183 2.37 -15.68 31.29
CA THR E 183 1.37 -16.70 31.45
C THR E 183 2.04 -18.07 31.54
N PRO E 184 1.39 -19.04 32.18
CA PRO E 184 1.96 -20.40 32.19
C PRO E 184 2.22 -20.95 30.81
N GLU E 185 1.32 -20.67 29.86
CA GLU E 185 1.48 -21.16 28.50
C GLU E 185 2.77 -20.64 27.89
N GLN E 186 3.06 -19.36 28.11
CA GLN E 186 4.28 -18.74 27.61
C GLN E 186 5.50 -19.40 28.23
N TRP E 187 5.50 -19.55 29.54
CA TRP E 187 6.60 -20.21 30.24
C TRP E 187 6.87 -21.58 29.63
N LYS E 188 5.83 -22.38 29.44
CA LYS E 188 6.03 -23.75 29.01
C LYS E 188 6.27 -23.89 27.50
N SER E 189 6.03 -22.83 26.71
CA SER E 189 6.13 -22.97 25.26
C SER E 189 7.47 -22.56 24.69
N HIS E 190 8.38 -22.07 25.51
CA HIS E 190 9.75 -21.78 25.11
C HIS E 190 10.68 -22.80 25.73
N ARG E 191 11.85 -22.98 25.10
CA ARG E 191 12.86 -23.88 25.66
C ARG E 191 13.49 -23.31 26.92
N SER E 192 13.65 -22.00 26.99
CA SER E 192 14.23 -21.38 28.17
C SER E 192 13.94 -19.89 28.13
N TYR E 193 14.19 -19.24 29.26
CA TYR E 193 14.19 -17.79 29.36
C TYR E 193 15.48 -17.35 30.01
N SER E 194 15.93 -16.15 29.64
CA SER E 194 17.19 -15.65 30.15
C SER E 194 17.02 -14.23 30.66
N CYS E 195 17.73 -13.96 31.76
CA CYS E 195 17.97 -12.62 32.27
C CYS E 195 19.42 -12.25 31.99
N GLN E 196 19.61 -11.17 31.25
CA GLN E 196 20.92 -10.69 30.87
C GLN E 196 21.11 -9.33 31.54
N VAL E 197 22.16 -9.21 32.34
CA VAL E 197 22.41 -8.02 33.12
C VAL E 197 23.73 -7.43 32.66
N THR E 198 23.70 -6.19 32.21
CA THR E 198 24.88 -5.50 31.74
C THR E 198 25.26 -4.41 32.74
N HIS E 199 26.52 -4.41 33.15
CA HIS E 199 27.03 -3.44 34.11
C HIS E 199 28.45 -3.11 33.66
N GLU E 200 28.71 -1.83 33.39
CA GLU E 200 30.06 -1.36 33.06
C GLU E 200 30.69 -2.17 31.93
N GLY E 201 29.87 -2.56 30.97
CA GLY E 201 30.39 -3.21 29.78
C GLY E 201 30.62 -4.69 29.90
N SER E 202 30.29 -5.29 31.05
CA SER E 202 30.36 -6.73 31.24
C SER E 202 28.95 -7.26 31.45
N THR E 203 28.67 -8.42 30.86
CA THR E 203 27.33 -8.99 30.81
C THR E 203 27.28 -10.34 31.51
N VAL E 204 26.36 -10.48 32.46
CA VAL E 204 26.08 -11.75 33.11
C VAL E 204 24.72 -12.23 32.64
N GLU E 205 24.63 -13.46 32.13
CA GLU E 205 23.36 -13.99 31.64
C GLU E 205 23.05 -15.31 32.34
N LYS E 206 21.93 -15.34 33.02
CA LYS E 206 21.40 -16.55 33.64
C LYS E 206 20.16 -17.01 32.90
N THR E 207 19.96 -18.33 32.88
CA THR E 207 18.92 -18.94 32.08
C THR E 207 18.23 -20.02 32.90
N VAL E 208 16.91 -20.07 32.79
CA VAL E 208 16.13 -21.10 33.45
C VAL E 208 15.20 -21.73 32.41
N ALA E 209 14.81 -22.97 32.67
CA ALA E 209 14.01 -23.73 31.73
C ALA E 209 12.84 -24.40 32.45
N PRO E 210 11.70 -24.53 31.78
CA PRO E 210 10.53 -25.13 32.45
C PRO E 210 10.75 -26.56 32.89
N THR E 211 11.59 -27.31 32.17
CA THR E 211 11.97 -28.66 32.56
C THR E 211 12.17 -28.82 34.06
N GLU E 212 12.97 -27.95 34.67
CA GLU E 212 13.22 -28.02 36.11
C GLU E 212 11.97 -27.59 36.88
N GLU F 1 15.00 36.13 41.36
CA GLU F 1 14.12 37.07 40.61
C GLU F 1 12.99 36.33 39.90
N VAL F 2 13.33 35.57 38.86
CA VAL F 2 12.33 34.78 38.14
C VAL F 2 11.88 33.62 39.01
N GLN F 3 10.56 33.40 39.06
CA GLN F 3 10.02 32.27 39.84
C GLN F 3 8.85 31.63 39.09
N LEU F 4 8.83 30.29 39.11
CA LEU F 4 7.74 29.48 38.60
C LEU F 4 7.31 28.47 39.65
N VAL F 5 6.04 28.49 40.04
CA VAL F 5 5.56 27.56 41.06
C VAL F 5 4.35 26.78 40.55
N GLU F 6 4.49 25.46 40.47
CA GLU F 6 3.45 24.53 40.04
C GLU F 6 2.54 24.15 41.20
N SER F 7 1.31 23.79 40.85
CA SER F 7 0.32 23.33 41.82
C SER F 7 -0.71 22.49 41.08
N GLY F 8 -1.54 21.79 41.86
CA GLY F 8 -2.64 21.03 41.32
C GLY F 8 -2.38 19.54 41.23
N GLY F 9 -1.18 19.09 41.58
CA GLY F 9 -0.84 17.69 41.52
C GLY F 9 -1.42 16.88 42.65
N GLY F 10 -1.68 15.61 42.34
CA GLY F 10 -2.20 14.65 43.30
C GLY F 10 -2.40 13.29 42.68
N VAL F 11 -3.31 12.49 43.22
CA VAL F 11 -3.54 11.12 42.80
C VAL F 11 -4.91 11.03 42.14
N VAL F 12 -4.97 10.40 40.97
CA VAL F 12 -6.20 10.36 40.18
C VAL F 12 -6.30 9.00 39.50
N GLN F 13 -7.51 8.46 39.41
CA GLN F 13 -7.75 7.19 38.75
C GLN F 13 -7.59 7.31 37.23
N PRO F 14 -7.12 6.26 36.58
CA PRO F 14 -7.14 6.21 35.12
C PRO F 14 -8.50 6.51 34.50
N GLY F 15 -8.46 7.31 33.43
CA GLY F 15 -9.62 7.77 32.72
C GLY F 15 -10.17 9.11 33.18
N ARG F 16 -9.78 9.58 34.36
CA ARG F 16 -10.28 10.82 34.92
C ARG F 16 -9.39 12.00 34.51
N SER F 17 -9.77 13.20 34.96
CA SER F 17 -9.14 14.43 34.52
C SER F 17 -8.49 15.18 35.68
N LEU F 18 -7.60 16.11 35.33
CA LEU F 18 -6.88 16.91 36.30
C LEU F 18 -6.32 18.15 35.62
N ARG F 19 -6.33 19.27 36.34
CA ARG F 19 -5.75 20.50 35.83
C ARG F 19 -4.57 20.91 36.68
N LEU F 20 -3.43 21.12 36.04
CA LEU F 20 -2.25 21.66 36.69
C LEU F 20 -2.22 23.17 36.46
N SER F 21 -1.67 23.89 37.45
CA SER F 21 -1.44 25.32 37.31
C SER F 21 0.02 25.62 37.58
N CYS F 22 0.52 26.68 36.94
CA CYS F 22 1.84 27.24 37.19
C CYS F 22 1.78 28.75 37.32
N ALA F 23 2.14 29.28 38.48
CA ALA F 23 2.12 30.72 38.77
C ALA F 23 3.51 31.30 38.52
N ALA F 24 3.60 32.18 37.51
CA ALA F 24 4.85 32.84 37.11
C ALA F 24 4.98 34.22 37.73
N SER F 25 6.21 34.59 38.10
CA SER F 25 6.54 35.92 38.61
C SER F 25 7.99 36.25 38.27
N GLY F 26 8.34 37.54 38.37
CA GLY F 26 9.71 37.98 38.14
C GLY F 26 10.14 38.25 36.71
N PHE F 27 9.23 38.18 35.76
CA PHE F 27 9.53 38.46 34.35
C PHE F 27 8.22 38.78 33.64
N THR F 28 8.35 39.36 32.45
CA THR F 28 7.17 39.72 31.66
C THR F 28 6.60 38.47 31.00
N PHE F 29 5.75 37.77 31.76
CA PHE F 29 5.10 36.54 31.35
C PHE F 29 4.66 36.54 29.90
N SER F 30 3.84 37.53 29.51
CA SER F 30 3.26 37.59 28.17
C SER F 30 4.27 37.60 27.03
N SER F 31 5.53 37.93 27.29
CA SER F 31 6.54 37.98 26.23
C SER F 31 7.16 36.62 25.92
N TYR F 32 6.85 35.59 26.71
CA TYR F 32 7.55 34.31 26.65
C TYR F 32 6.58 33.15 26.45
N GLY F 33 6.99 32.25 25.58
CA GLY F 33 6.31 30.98 25.47
C GLY F 33 6.67 30.07 26.62
N MET F 34 5.73 29.20 26.97
CA MET F 34 5.86 28.39 28.16
C MET F 34 5.72 26.92 27.81
N HIS F 35 6.38 26.10 28.59
CA HIS F 35 6.44 24.67 28.38
C HIS F 35 5.90 23.93 29.59
N TRP F 36 5.42 22.73 29.32
CA TRP F 36 5.32 21.67 30.32
C TRP F 36 6.23 20.53 29.88
N VAL F 37 7.05 20.06 30.83
CA VAL F 37 7.90 18.89 30.71
C VAL F 37 7.55 17.95 31.85
N ARG F 38 7.65 16.65 31.62
CA ARG F 38 7.35 15.69 32.67
C ARG F 38 8.50 14.70 32.82
N GLN F 39 8.49 13.98 33.93
CA GLN F 39 9.55 13.03 34.23
C GLN F 39 8.94 11.91 35.07
N ALA F 40 8.80 10.74 34.45
CA ALA F 40 8.33 9.57 35.15
C ALA F 40 9.33 9.17 36.22
N PRO F 41 8.87 8.64 37.35
CA PRO F 41 9.82 8.27 38.42
C PRO F 41 10.85 7.30 37.88
N GLY F 42 12.13 7.58 38.16
CA GLY F 42 13.18 6.71 37.72
C GLY F 42 13.49 6.83 36.24
N LYS F 43 12.88 7.75 35.53
CA LYS F 43 13.03 7.78 34.08
C LYS F 43 13.49 9.19 33.76
N GLY F 44 13.50 9.56 32.50
CA GLY F 44 14.08 10.81 32.10
C GLY F 44 13.06 11.86 31.76
N LEU F 45 13.53 12.88 31.10
CA LEU F 45 12.72 14.05 30.79
C LEU F 45 12.03 13.81 29.46
N GLU F 46 10.74 14.11 29.42
CA GLU F 46 9.96 14.01 28.21
C GLU F 46 9.23 15.33 28.02
N TRP F 47 9.50 15.97 26.89
CA TRP F 47 8.80 17.19 26.58
C TRP F 47 7.34 16.86 26.36
N VAL F 48 6.46 17.68 26.92
CA VAL F 48 5.02 17.47 26.81
C VAL F 48 4.40 18.49 25.87
N THR F 49 4.56 19.77 26.16
CA THR F 49 3.82 20.75 25.37
C THR F 49 4.42 22.13 25.51
N VAL F 50 4.13 22.96 24.51
CA VAL F 50 4.48 24.37 24.48
C VAL F 50 3.27 25.17 24.04
N ILE F 51 3.16 26.37 24.62
CA ILE F 51 2.19 27.37 24.22
C ILE F 51 2.96 28.66 23.94
N TRP F 52 2.57 29.37 22.88
CA TRP F 52 3.23 30.59 22.49
C TRP F 52 2.86 31.73 23.44
N TYR F 53 3.64 32.81 23.34
CA TYR F 53 3.49 33.94 24.25
C TYR F 53 2.05 34.43 24.33
N ASP F 54 1.33 34.42 23.21
CA ASP F 54 -0.02 34.95 23.14
C ASP F 54 -1.06 33.84 22.98
N GLY F 55 -0.67 32.59 23.15
CA GLY F 55 -1.58 31.48 22.96
C GLY F 55 -1.90 31.18 21.51
N SER F 56 -1.33 31.95 20.58
CA SER F 56 -1.66 31.81 19.17
C SER F 56 -1.34 30.43 18.62
N ASN F 57 -0.31 29.77 19.15
CA ASN F 57 0.08 28.45 18.68
C ASN F 57 0.34 27.52 19.85
N ARG F 58 -0.03 26.26 19.69
CA ARG F 58 0.18 25.23 20.70
C ARG F 58 0.64 23.95 20.05
N TYR F 59 1.64 23.31 20.68
CA TYR F 59 2.25 22.06 20.24
C TYR F 59 2.35 21.07 21.38
N TYR F 60 2.00 19.81 21.06
CA TYR F 60 1.89 18.72 22.00
C TYR F 60 2.73 17.55 21.50
N ALA F 61 3.37 16.87 22.45
CA ALA F 61 4.00 15.58 22.17
C ALA F 61 2.96 14.56 21.74
N ASP F 62 3.39 13.65 20.88
CA ASP F 62 2.50 12.63 20.33
C ASP F 62 1.83 11.80 21.41
N SER F 63 2.54 11.48 22.47
CA SER F 63 1.97 10.67 23.55
C SER F 63 0.73 11.29 24.20
N VAL F 64 0.58 12.61 24.15
CA VAL F 64 -0.52 13.29 24.83
C VAL F 64 -1.50 13.96 23.87
N LYS F 65 -1.24 13.92 22.57
CA LYS F 65 -2.13 14.56 21.59
C LYS F 65 -3.53 13.97 21.68
N GLY F 66 -4.51 14.86 21.84
CA GLY F 66 -5.90 14.51 21.94
C GLY F 66 -6.38 14.43 23.37
N ARG F 67 -5.46 14.28 24.31
CA ARG F 67 -5.73 14.08 25.72
C ARG F 67 -5.43 15.33 26.53
N PHE F 68 -4.33 16.01 26.24
CA PHE F 68 -3.89 17.15 27.01
C PHE F 68 -4.12 18.44 26.25
N THR F 69 -4.46 19.50 26.99
CA THR F 69 -4.60 20.85 26.46
C THR F 69 -3.80 21.82 27.31
N ILE F 70 -2.92 22.55 26.69
CA ILE F 70 -2.17 23.63 27.31
C ILE F 70 -2.90 24.95 27.10
N SER F 71 -2.87 25.82 28.10
CA SER F 71 -3.49 27.13 27.92
C SER F 71 -2.84 28.11 28.88
N ARG F 72 -3.18 29.39 28.72
CA ARG F 72 -2.61 30.38 29.62
C ARG F 72 -3.51 31.59 29.78
N ASP F 73 -3.39 32.24 30.93
CA ASP F 73 -4.06 33.51 31.22
C ASP F 73 -2.96 34.52 31.58
N ASN F 74 -2.55 35.33 30.59
CA ASN F 74 -1.49 36.31 30.79
C ASN F 74 -1.85 37.36 31.83
N SER F 75 -3.12 37.76 31.90
CA SER F 75 -3.52 38.72 32.94
C SER F 75 -3.32 38.18 34.35
N LYS F 76 -3.38 36.86 34.53
CA LYS F 76 -3.13 36.23 35.82
C LYS F 76 -1.72 35.66 35.95
N ASN F 77 -0.89 35.83 34.92
CA ASN F 77 0.45 35.26 34.89
C ASN F 77 0.41 33.78 35.25
N THR F 78 -0.57 33.05 34.70
CA THR F 78 -0.75 31.66 35.07
C THR F 78 -0.79 30.78 33.82
N LEU F 79 -0.05 29.68 33.87
CA LEU F 79 -0.05 28.65 32.83
C LEU F 79 -0.83 27.44 33.30
N TYR F 80 -1.63 26.85 32.42
CA TYR F 80 -2.42 25.69 32.79
C TYR F 80 -2.13 24.51 31.88
N LEU F 81 -2.36 23.30 32.44
CA LEU F 81 -2.41 22.08 31.65
C LEU F 81 -3.60 21.22 32.07
N GLN F 82 -4.54 21.06 31.14
CA GLN F 82 -5.69 20.18 31.30
C GLN F 82 -5.37 18.79 30.78
N MET F 83 -5.42 17.79 31.65
CA MET F 83 -5.11 16.41 31.31
C MET F 83 -6.41 15.62 31.39
N ASP F 84 -6.86 15.10 30.25
CA ASP F 84 -8.06 14.30 30.18
C ASP F 84 -7.70 12.85 29.87
N SER F 85 -8.59 11.92 30.26
CA SER F 85 -8.40 10.52 29.90
C SER F 85 -7.04 10.00 30.34
N LEU F 86 -6.63 10.37 31.55
CA LEU F 86 -5.30 10.04 32.01
C LEU F 86 -5.05 8.53 31.98
N ARG F 87 -3.80 8.17 31.72
CA ARG F 87 -3.34 6.80 31.70
C ARG F 87 -2.23 6.65 32.74
N ALA F 88 -2.09 5.43 33.25
CA ALA F 88 -1.00 5.11 34.16
C ALA F 88 0.36 5.66 33.74
N GLU F 89 0.67 5.56 32.46
CA GLU F 89 1.96 6.05 31.96
C GLU F 89 2.09 7.57 31.96
N ASP F 90 1.05 8.32 32.35
CA ASP F 90 1.17 9.76 32.56
C ASP F 90 1.67 10.11 33.97
N THR F 91 1.89 9.11 34.82
CA THR F 91 2.40 9.34 36.17
C THR F 91 3.79 9.97 36.10
N ALA F 92 3.94 11.15 36.69
CA ALA F 92 5.21 11.86 36.55
C ALA F 92 5.21 13.13 37.38
N VAL F 93 6.43 13.58 37.71
CA VAL F 93 6.59 14.98 38.10
C VAL F 93 6.41 15.86 36.88
N TYR F 94 5.51 16.82 36.96
CA TYR F 94 5.30 17.79 35.89
C TYR F 94 5.95 19.11 36.24
N TYR F 95 6.87 19.54 35.39
CA TYR F 95 7.54 20.82 35.49
C TYR F 95 7.01 21.83 34.49
N CYS F 96 6.82 23.06 35.00
CA CYS F 96 6.60 24.27 34.23
C CYS F 96 7.98 24.80 33.85
N ALA F 97 8.14 25.24 32.61
CA ALA F 97 9.42 25.85 32.27
C ALA F 97 9.25 26.97 31.26
N ARG F 98 10.21 27.89 31.26
CA ARG F 98 10.15 29.05 30.39
C ARG F 98 10.96 28.79 29.13
N ALA F 99 10.38 29.10 27.98
CA ALA F 99 11.10 29.05 26.72
C ALA F 99 12.01 30.26 26.66
N VAL F 100 13.32 30.02 26.62
CA VAL F 100 14.25 31.13 26.46
C VAL F 100 13.85 31.93 25.23
N ALA F 101 13.87 33.25 25.37
CA ALA F 101 13.59 34.12 24.24
C ALA F 101 14.75 34.05 23.25
N GLY F 102 14.44 33.75 22.00
CA GLY F 102 15.41 33.78 20.92
C GLY F 102 16.09 32.47 20.63
N GLU F 103 15.80 31.42 21.41
CA GLU F 103 16.33 30.09 21.16
C GLU F 103 15.32 29.03 21.56
N TRP F 104 15.79 27.78 21.58
CA TRP F 104 15.00 26.57 21.63
C TRP F 104 15.20 25.77 22.90
N TYR F 105 15.73 26.38 23.95
CA TYR F 105 15.93 25.64 25.19
C TYR F 105 15.16 26.31 26.32
N PHE F 106 15.30 25.74 27.53
CA PHE F 106 14.55 26.16 28.71
C PHE F 106 15.51 26.80 29.70
N ASP F 107 15.28 28.07 30.03
CA ASP F 107 16.20 28.78 30.90
C ASP F 107 15.75 28.85 32.36
N TYR F 108 14.49 28.53 32.66
CA TYR F 108 14.04 28.55 34.05
C TYR F 108 12.99 27.47 34.28
N TRP F 109 13.06 26.82 35.44
CA TRP F 109 12.21 25.68 35.72
C TRP F 109 11.45 25.86 37.02
N GLY F 110 10.18 25.43 37.05
CA GLY F 110 9.48 25.30 38.31
C GLY F 110 10.01 24.14 39.15
N GLN F 111 9.55 24.07 40.40
CA GLN F 111 10.01 22.99 41.27
C GLN F 111 9.28 21.67 41.06
N GLY F 112 8.20 21.66 40.31
CA GLY F 112 7.49 20.46 39.85
C GLY F 112 6.34 20.09 40.76
N THR F 113 5.34 19.42 40.19
CA THR F 113 4.22 18.88 40.98
C THR F 113 4.01 17.42 40.58
N LEU F 114 3.85 16.54 41.57
CA LEU F 114 3.67 15.12 41.31
C LEU F 114 2.24 14.73 40.96
N VAL F 115 2.06 14.08 39.81
CA VAL F 115 0.78 13.50 39.39
C VAL F 115 0.90 11.98 39.38
N THR F 116 0.03 11.30 40.12
CA THR F 116 0.01 9.83 40.19
C THR F 116 -1.31 9.32 39.66
N VAL F 117 -1.26 8.61 38.53
CA VAL F 117 -2.44 7.99 37.92
C VAL F 117 -2.44 6.51 38.30
N SER F 118 -3.42 6.09 39.10
CA SER F 118 -3.40 4.73 39.61
C SER F 118 -4.77 4.32 40.15
N SER F 119 -5.23 3.14 39.75
CA SER F 119 -6.42 2.52 40.30
C SER F 119 -6.14 1.76 41.59
N ALA F 120 -4.87 1.62 41.97
CA ALA F 120 -4.50 0.77 43.10
C ALA F 120 -5.21 1.18 44.39
N SER F 121 -5.71 0.18 45.09
CA SER F 121 -6.33 0.28 46.41
C SER F 121 -5.71 -0.80 47.29
N THR F 122 -5.93 -0.69 48.60
CA THR F 122 -5.38 -1.66 49.53
C THR F 122 -5.62 -3.08 49.01
N LYS F 123 -4.54 -3.84 48.91
CA LYS F 123 -4.56 -5.23 48.47
C LYS F 123 -3.48 -6.04 49.16
N GLY F 124 -3.84 -7.20 49.69
CA GLY F 124 -2.85 -8.04 50.32
C GLY F 124 -2.08 -8.83 49.28
N PRO F 125 -0.86 -9.23 49.63
CA PRO F 125 0.01 -9.91 48.67
C PRO F 125 -0.29 -11.39 48.49
N SER F 126 0.04 -11.89 47.29
CA SER F 126 0.31 -13.30 47.10
C SER F 126 1.76 -13.65 47.42
N VAL F 127 1.98 -14.80 48.04
CA VAL F 127 3.33 -15.23 48.42
C VAL F 127 3.62 -16.59 47.80
N PHE F 128 4.70 -16.67 47.03
CA PHE F 128 5.11 -17.89 46.38
C PHE F 128 6.50 -18.32 46.81
N PRO F 129 6.74 -19.62 46.96
CA PRO F 129 8.08 -20.07 47.35
C PRO F 129 9.02 -20.04 46.16
N LEU F 130 10.27 -19.65 46.42
CA LEU F 130 11.35 -19.69 45.44
C LEU F 130 12.28 -20.80 45.90
N ALA F 131 12.13 -21.97 45.28
CA ALA F 131 12.75 -23.19 45.75
C ALA F 131 14.27 -23.10 45.60
N PRO F 132 15.00 -23.80 46.46
CA PRO F 132 16.45 -23.55 46.56
C PRO F 132 17.18 -23.87 45.27
N SER F 133 18.19 -23.06 44.98
CA SER F 133 19.04 -23.19 43.80
C SER F 133 20.46 -22.91 44.23
N SER F 134 21.38 -23.81 43.88
CA SER F 134 22.80 -23.63 44.17
C SER F 134 23.60 -23.02 43.02
N LYS F 135 22.92 -22.63 41.93
CA LYS F 135 23.64 -22.29 40.70
C LYS F 135 24.44 -20.99 40.80
N SER F 136 24.06 -20.06 41.68
CA SER F 136 24.64 -18.72 41.67
C SER F 136 25.23 -18.28 43.01
N THR F 137 25.46 -19.22 43.93
CA THR F 137 25.90 -18.89 45.27
C THR F 137 27.32 -19.39 45.53
N SER F 138 27.89 -18.99 46.66
CA SER F 138 29.23 -19.45 47.03
C SER F 138 29.21 -20.94 47.40
N GLY F 139 30.41 -21.52 47.47
CA GLY F 139 30.51 -22.95 47.71
C GLY F 139 29.85 -23.38 49.02
N GLY F 140 29.21 -24.55 48.96
CA GLY F 140 28.54 -25.16 50.10
C GLY F 140 27.27 -24.48 50.56
N THR F 141 26.74 -23.53 49.79
CA THR F 141 25.49 -22.86 50.14
C THR F 141 24.49 -22.92 48.99
N ALA F 142 23.24 -22.60 49.33
CA ALA F 142 22.15 -22.47 48.37
C ALA F 142 21.30 -21.26 48.76
N ALA F 143 20.67 -20.65 47.76
CA ALA F 143 19.78 -19.52 47.97
C ALA F 143 18.33 -19.94 47.76
N LEU F 144 17.47 -19.55 48.71
CA LEU F 144 16.03 -19.80 48.62
C LEU F 144 15.30 -18.53 49.02
N GLY F 145 14.02 -18.41 48.64
CA GLY F 145 13.37 -17.18 49.00
C GLY F 145 11.85 -17.19 48.93
N CYS F 146 11.29 -15.98 49.00
CA CYS F 146 9.86 -15.76 48.85
C CYS F 146 9.61 -14.60 47.91
N LEU F 147 8.70 -14.84 46.98
CA LEU F 147 8.16 -13.81 46.11
C LEU F 147 6.87 -13.27 46.70
N VAL F 148 6.87 -11.98 46.99
CA VAL F 148 5.74 -11.28 47.61
C VAL F 148 5.17 -10.38 46.51
N LYS F 149 4.10 -10.81 45.88
CA LYS F 149 3.66 -10.25 44.62
C LYS F 149 2.34 -9.50 44.77
N ASP F 150 2.28 -8.33 44.11
CA ASP F 150 1.04 -7.61 43.86
C ASP F 150 0.35 -7.19 45.15
N TYR F 151 1.02 -6.35 45.94
CA TYR F 151 0.40 -5.82 47.13
C TYR F 151 0.33 -4.29 47.08
N PHE F 152 -0.52 -3.72 47.93
CA PHE F 152 -0.63 -2.27 47.99
C PHE F 152 -1.38 -1.89 49.28
N PRO F 153 -1.00 -0.81 49.99
CA PRO F 153 0.21 -0.02 49.73
C PRO F 153 1.42 -0.63 50.39
N GLU F 154 2.58 0.01 50.22
CA GLU F 154 3.76 -0.48 50.95
C GLU F 154 3.45 -0.09 52.40
N PRO F 155 4.05 -0.68 53.46
CA PRO F 155 5.12 -1.66 53.39
C PRO F 155 4.61 -3.04 53.72
N VAL F 156 5.45 -4.00 53.41
CA VAL F 156 5.37 -5.34 53.97
C VAL F 156 6.61 -5.53 54.80
N THR F 157 6.49 -6.39 55.80
CA THR F 157 7.63 -6.84 56.56
C THR F 157 7.82 -8.30 56.26
N VAL F 158 9.09 -8.72 56.25
CA VAL F 158 9.43 -10.10 56.03
C VAL F 158 10.48 -10.46 57.07
N SER F 159 10.18 -11.48 57.87
CA SER F 159 11.17 -12.12 58.70
C SER F 159 11.29 -13.55 58.23
N TRP F 160 12.28 -14.25 58.74
CA TRP F 160 12.48 -15.67 58.46
C TRP F 160 12.51 -16.46 59.76
N ASN F 161 11.81 -17.59 59.75
CA ASN F 161 11.72 -18.46 60.92
C ASN F 161 11.40 -17.64 62.17
N SER F 162 10.43 -16.74 61.99
CA SER F 162 9.93 -15.90 63.07
C SER F 162 11.04 -15.02 63.67
N GLY F 163 12.04 -14.70 62.86
CA GLY F 163 13.12 -13.85 63.28
C GLY F 163 14.33 -14.56 63.83
N ALA F 164 14.26 -15.89 63.95
CA ALA F 164 15.42 -16.65 64.39
C ALA F 164 16.52 -16.65 63.34
N LEU F 165 16.16 -16.47 62.07
CA LEU F 165 17.09 -16.51 60.96
C LEU F 165 17.26 -15.10 60.42
N THR F 166 18.42 -14.51 60.68
CA THR F 166 18.74 -13.17 60.22
C THR F 166 20.00 -13.14 59.35
N SER F 167 20.98 -13.98 59.64
CA SER F 167 22.21 -14.00 58.86
C SER F 167 21.94 -14.45 57.43
N GLY F 168 22.46 -13.70 56.47
CA GLY F 168 22.36 -14.07 55.07
C GLY F 168 21.05 -13.71 54.41
N VAL F 169 20.20 -12.95 55.08
CA VAL F 169 18.91 -12.53 54.56
C VAL F 169 19.10 -11.25 53.76
N HIS F 170 18.53 -11.21 52.55
CA HIS F 170 18.47 -10.00 51.75
C HIS F 170 17.06 -9.80 51.24
N THR F 171 16.36 -8.80 51.78
CA THR F 171 15.04 -8.42 51.34
C THR F 171 15.19 -7.21 50.42
N PHE F 172 14.73 -7.34 49.17
CA PHE F 172 15.01 -6.37 48.12
C PHE F 172 13.98 -5.25 48.10
N PRO F 173 14.39 -4.05 47.70
CA PRO F 173 13.41 -2.97 47.55
C PRO F 173 12.33 -3.45 46.59
N ALA F 174 11.12 -2.99 46.83
CA ALA F 174 9.97 -3.42 46.05
C ALA F 174 9.98 -2.77 44.66
N VAL F 175 9.41 -3.49 43.70
CA VAL F 175 9.12 -2.89 42.41
C VAL F 175 7.72 -2.32 42.53
N LEU F 176 7.52 -1.12 42.02
CA LEU F 176 6.18 -0.56 41.85
C LEU F 176 5.83 -0.80 40.39
N GLN F 177 4.94 -1.73 40.15
CA GLN F 177 4.65 -2.18 38.80
C GLN F 177 3.76 -1.16 38.11
N SER F 178 3.62 -1.31 36.80
CA SER F 178 2.78 -0.40 36.05
C SER F 178 1.34 -0.54 36.51
N SER F 179 0.98 -1.69 37.08
CA SER F 179 -0.36 -1.91 37.61
C SER F 179 -0.67 -1.03 38.81
N GLY F 180 0.33 -0.33 39.35
CA GLY F 180 0.19 0.37 40.61
C GLY F 180 0.40 -0.47 41.85
N LEU F 181 0.68 -1.74 41.70
CA LEU F 181 0.95 -2.62 42.83
C LEU F 181 2.44 -2.87 42.99
N TYR F 182 2.81 -3.22 44.21
CA TYR F 182 4.20 -3.50 44.54
C TYR F 182 4.41 -5.01 44.51
N SER F 183 5.63 -5.40 44.19
CA SER F 183 6.10 -6.76 44.38
C SER F 183 7.53 -6.66 44.88
N LEU F 184 7.93 -7.62 45.70
CA LEU F 184 9.32 -7.72 46.11
C LEU F 184 9.69 -9.17 46.32
N SER F 185 10.98 -9.40 46.51
CA SER F 185 11.50 -10.72 46.78
C SER F 185 12.44 -10.63 47.98
N SER F 186 12.41 -11.65 48.82
CA SER F 186 13.36 -11.79 49.91
C SER F 186 14.05 -13.14 49.75
N VAL F 187 15.38 -13.15 49.74
CA VAL F 187 16.13 -14.39 49.58
C VAL F 187 17.11 -14.52 50.72
N VAL F 188 17.27 -15.74 51.23
CA VAL F 188 18.26 -16.06 52.24
C VAL F 188 19.21 -17.11 51.67
N THR F 189 20.49 -16.94 51.97
CA THR F 189 21.52 -17.90 51.61
C THR F 189 21.81 -18.76 52.84
N VAL F 190 21.71 -20.08 52.67
CA VAL F 190 21.82 -21.01 53.79
C VAL F 190 22.77 -22.13 53.40
N PRO F 191 23.28 -22.89 54.37
CA PRO F 191 24.10 -24.06 54.03
C PRO F 191 23.31 -25.08 53.24
N SER F 192 23.92 -25.60 52.17
CA SER F 192 23.27 -26.66 51.41
C SER F 192 23.02 -27.90 52.26
N SER F 193 23.91 -28.21 53.21
CA SER F 193 23.72 -29.43 53.98
C SER F 193 22.49 -29.38 54.88
N SER F 194 21.99 -28.19 55.17
CA SER F 194 20.88 -27.97 56.09
C SER F 194 19.53 -28.19 55.43
N LEU F 195 19.49 -28.25 54.09
CA LEU F 195 18.24 -28.11 53.37
C LEU F 195 17.26 -29.23 53.68
N GLY F 196 17.79 -30.43 53.89
CA GLY F 196 17.00 -31.58 54.26
C GLY F 196 16.60 -31.63 55.72
N THR F 197 17.20 -30.78 56.56
CA THR F 197 16.94 -30.85 57.98
C THR F 197 16.36 -29.61 58.61
N GLN F 198 16.68 -28.42 58.11
CA GLN F 198 16.13 -27.20 58.66
C GLN F 198 14.94 -26.79 57.81
N THR F 199 13.79 -26.57 58.45
CA THR F 199 12.64 -26.03 57.73
C THR F 199 12.84 -24.52 57.61
N TYR F 200 12.59 -23.98 56.42
CA TYR F 200 12.68 -22.54 56.18
C TYR F 200 11.33 -21.98 55.81
N ILE F 201 10.90 -20.97 56.57
CA ILE F 201 9.61 -20.31 56.40
C ILE F 201 9.79 -18.80 56.42
N CYS F 202 9.28 -18.12 55.39
CA CYS F 202 9.22 -16.66 55.43
C CYS F 202 7.90 -16.18 56.00
N ASN F 203 7.98 -15.26 56.97
CA ASN F 203 6.85 -14.64 57.64
C ASN F 203 6.63 -13.25 57.04
N VAL F 204 5.57 -13.13 56.23
CA VAL F 204 5.24 -11.91 55.52
C VAL F 204 4.07 -11.25 56.24
N ASN F 205 4.21 -9.98 56.58
CA ASN F 205 3.16 -9.25 57.28
C ASN F 205 2.87 -7.97 56.50
N HIS F 206 1.62 -7.80 56.11
CA HIS F 206 1.10 -6.64 55.39
C HIS F 206 -0.01 -6.05 56.25
N LYS F 207 0.38 -5.15 57.14
CA LYS F 207 -0.57 -4.57 58.08
C LYS F 207 -1.69 -3.80 57.39
N PRO F 208 -1.44 -3.07 56.30
CA PRO F 208 -2.54 -2.31 55.68
C PRO F 208 -3.75 -3.14 55.30
N SER F 209 -3.58 -4.40 54.92
CA SER F 209 -4.69 -5.28 54.60
C SER F 209 -4.95 -6.30 55.69
N ASN F 210 -4.23 -6.23 56.81
CA ASN F 210 -4.39 -7.19 57.90
C ASN F 210 -4.13 -8.61 57.39
N THR F 211 -3.07 -8.76 56.59
CA THR F 211 -2.73 -10.06 56.01
C THR F 211 -1.38 -10.50 56.56
N LYS F 212 -1.31 -11.76 56.99
CA LYS F 212 -0.06 -12.41 57.36
C LYS F 212 0.00 -13.72 56.59
N VAL F 213 1.20 -14.07 56.11
CA VAL F 213 1.42 -15.33 55.42
C VAL F 213 2.70 -15.93 55.94
N ASP F 214 2.65 -17.20 56.30
CA ASP F 214 3.85 -17.96 56.63
C ASP F 214 4.05 -19.02 55.58
N LYS F 215 5.05 -18.83 54.71
CA LYS F 215 5.28 -19.73 53.60
C LYS F 215 6.48 -20.63 53.83
N LYS F 216 6.24 -21.92 53.66
CA LYS F 216 7.25 -22.96 53.74
C LYS F 216 7.86 -23.14 52.36
N VAL F 217 9.18 -23.12 52.31
CA VAL F 217 9.94 -23.15 51.07
C VAL F 217 10.63 -24.50 51.02
N GLU F 218 10.06 -25.44 50.28
CA GLU F 218 10.59 -26.79 50.23
C GLU F 218 11.50 -26.95 49.02
N PRO F 219 12.54 -27.77 49.14
CA PRO F 219 13.35 -28.12 47.97
C PRO F 219 12.57 -28.77 46.83
N LYS F 220 13.10 -28.56 45.63
CA LYS F 220 12.59 -29.14 44.38
C LYS F 220 12.98 -30.60 44.20
N SER F 221 12.16 -31.30 43.42
CA SER F 221 12.28 -32.75 43.26
C SER F 221 12.45 -33.10 41.77
C1 NAG G . 3.94 -9.36 -26.46
C2 NAG G . 3.77 -10.29 -25.26
C3 NAG G . 5.01 -10.23 -24.37
C4 NAG G . 6.26 -10.54 -25.18
C5 NAG G . 6.34 -9.61 -26.38
C6 NAG G . 7.49 -9.92 -27.30
C7 NAG G . 1.70 -10.88 -24.16
C8 NAG G . 2.28 -12.23 -23.92
N2 NAG G . 2.57 -9.94 -24.51
O3 NAG G . 4.87 -11.16 -23.30
O4 NAG G . 7.42 -10.39 -24.38
O5 NAG G . 5.14 -9.72 -27.17
O6 NAG G . 7.54 -11.32 -27.55
O7 NAG G . 0.50 -10.64 -24.04
C1 NAG G . 8.28 -11.55 -24.39
C2 NAG G . 9.59 -11.15 -23.72
C3 NAG G . 10.54 -12.35 -23.65
C4 NAG G . 9.87 -13.53 -22.96
C5 NAG G . 8.54 -13.83 -23.65
C6 NAG G . 7.74 -14.89 -22.92
C7 NAG G . 10.18 -8.78 -23.94
C8 NAG G . 10.89 -7.76 -24.78
N2 NAG G . 10.21 -10.04 -24.40
O3 NAG G . 11.71 -11.96 -22.94
O4 NAG G . 10.72 -14.67 -23.02
O5 NAG G . 7.71 -12.67 -23.70
O6 NAG G . 7.47 -14.50 -21.59
O7 NAG G . 9.60 -8.49 -22.90
C1 BMA G . 11.15 -15.11 -21.70
C2 BMA G . 11.67 -16.58 -21.80
C3 BMA G . 12.14 -17.05 -20.41
C4 BMA G . 13.15 -16.04 -19.80
C5 BMA G . 12.58 -14.62 -19.79
C6 BMA G . 13.60 -13.58 -19.30
O2 BMA G . 12.78 -16.68 -22.68
O3 BMA G . 12.72 -18.36 -20.46
O4 BMA G . 13.47 -16.45 -18.46
O5 BMA G . 12.17 -14.26 -21.15
O6 BMA G . 12.96 -12.31 -19.20
C1 FUC G . 8.00 -11.57 -28.88
C2 FUC G . 8.76 -12.89 -28.81
C3 FUC G . 7.79 -14.03 -28.51
C4 FUC G . 6.67 -14.06 -29.57
C5 FUC G . 5.97 -12.69 -29.59
C6 FUC G . 4.93 -12.57 -30.70
O2 FUC G . 9.80 -12.84 -27.83
O3 FUC G . 8.47 -15.28 -28.58
O4 FUC G . 7.24 -14.33 -30.84
O5 FUC G . 6.93 -11.62 -29.80
C1 NAG H . 4.27 12.09 -50.48
C2 NAG H . 4.29 11.15 -49.28
C3 NAG H . 4.92 9.80 -49.68
C4 NAG H . 4.25 9.24 -50.93
C5 NAG H . 4.29 10.28 -52.03
C6 NAG H . 3.62 9.84 -53.32
C7 NAG H . 4.43 12.28 -47.10
C8 NAG H . 5.34 12.82 -46.04
N2 NAG H . 5.02 11.73 -48.16
O3 NAG H . 4.81 8.89 -48.59
O4 NAG H . 4.94 8.06 -51.34
O5 NAG H . 3.61 11.46 -51.58
O6 NAG H . 4.31 10.39 -54.43
O7 NAG H . 3.21 12.34 -46.99
C1 FUC H . 3.49 10.45 -55.60
C2 FUC H . 4.26 11.23 -56.69
C3 FUC H . 5.49 10.43 -57.17
C4 FUC H . 5.04 9.03 -57.64
C5 FUC H . 4.27 8.32 -56.50
C6 FUC H . 3.67 6.99 -56.90
O2 FUC H . 4.64 12.53 -56.27
O3 FUC H . 6.15 11.10 -58.25
O4 FUC H . 4.22 9.13 -58.79
O5 FUC H . 3.15 9.15 -56.05
C1 NAG I . -11.37 9.56 -17.98
C2 NAG I . -12.24 8.76 -17.03
C3 NAG I . -12.10 9.30 -15.61
C4 NAG I . -10.64 9.31 -15.19
C5 NAG I . -9.81 10.08 -16.22
C6 NAG I . -8.33 10.04 -15.96
C7 NAG I . -14.40 7.66 -17.43
C8 NAG I . -15.81 7.84 -17.91
N2 NAG I . -13.63 8.76 -17.46
O3 NAG I . -12.87 8.50 -14.72
O4 NAG I . -10.52 9.94 -13.91
O5 NAG I . -10.01 9.52 -17.54
O6 NAG I . -7.89 8.69 -15.79
O7 NAG I . -13.97 6.58 -17.05
C1 NAG I . -9.80 9.14 -12.92
C2 NAG I . -9.33 10.10 -11.83
C3 NAG I . -8.53 9.34 -10.78
C4 NAG I . -9.36 8.20 -10.21
C5 NAG I . -9.88 7.32 -11.34
C6 NAG I . -10.83 6.24 -10.85
C7 NAG I . -9.09 12.34 -12.82
C8 NAG I . -8.12 13.36 -13.35
N2 NAG I . -8.54 11.20 -12.39
O3 NAG I . -8.14 10.24 -9.74
O4 NAG I . -8.55 7.42 -9.32
O5 NAG I . -10.59 8.09 -12.32
O6 NAG I . -11.94 6.81 -10.15
O7 NAG I . -10.29 12.55 -12.78
C1 BMA I . -8.94 7.52 -7.92
C2 BMA I . -8.34 6.31 -7.12
C3 BMA I . -8.72 6.41 -5.63
C4 BMA I . -8.32 7.79 -5.05
C5 BMA I . -8.93 8.92 -5.91
C6 BMA I . -8.50 10.35 -5.50
O2 BMA I . -6.91 6.32 -7.15
O3 BMA I . -8.16 5.35 -4.86
O4 BMA I . -8.78 7.89 -3.69
O5 BMA I . -8.52 8.74 -7.31
O6 BMA I . -9.22 10.73 -4.33
C1 FUC I . -6.59 8.71 -15.17
C2 FUC I . -6.24 7.26 -14.77
C3 FUC I . -6.07 6.37 -16.00
C4 FUC I . -5.07 7.01 -16.96
C5 FUC I . -5.48 8.44 -17.28
C6 FUC I . -4.46 9.16 -18.13
O2 FUC I . -7.18 6.70 -13.86
O3 FUC I . -5.58 5.09 -15.64
O4 FUC I . -3.79 7.03 -16.34
O5 FUC I . -5.63 9.21 -16.07
C1 NAG J . 13.63 11.12 -12.35
C2 NAG J . 14.42 9.89 -12.78
C3 NAG J . 15.80 9.87 -12.14
C4 NAG J . 16.54 11.16 -12.45
C5 NAG J . 15.70 12.36 -12.01
C6 NAG J . 16.32 13.69 -12.41
C7 NAG J . 13.69 7.58 -13.23
C8 NAG J . 12.89 6.41 -12.75
N2 NAG J . 13.69 8.66 -12.45
O3 NAG J . 16.53 8.75 -12.62
O4 NAG J . 17.78 11.18 -11.78
O5 NAG J . 14.41 12.31 -12.64
O6 NAG J . 16.40 13.84 -13.82
O7 NAG J . 14.31 7.54 -14.29
C1 FUC J . 16.74 15.20 -14.16
C2 FUC J . 17.15 15.24 -15.66
C3 FUC J . 15.94 14.92 -16.56
C4 FUC J . 14.79 15.90 -16.26
C5 FUC J . 14.46 15.83 -14.75
C6 FUC J . 13.42 16.85 -14.30
O2 FUC J . 18.25 14.38 -15.95
O3 FUC J . 16.31 15.07 -17.93
O4 FUC J . 15.13 17.21 -16.64
O5 FUC J . 15.64 16.07 -13.94
C1 NAG K . -21.56 39.84 -37.69
C2 NAG K . -22.44 39.11 -38.69
C3 NAG K . -23.81 39.81 -38.81
C4 NAG K . -24.45 39.95 -37.43
C5 NAG K . -23.47 40.64 -36.48
C6 NAG K . -23.97 40.72 -35.05
C7 NAG K . -21.35 37.85 -40.50
C8 NAG K . -20.73 37.94 -41.86
N2 NAG K . -21.80 39.01 -39.99
O3 NAG K . -24.64 39.04 -39.67
O4 NAG K . -25.65 40.72 -37.47
O5 NAG K . -22.22 39.94 -36.43
O6 NAG K . -24.38 39.44 -34.59
O7 NAG K . -21.45 36.80 -39.88
C1 NAG K . -26.66 40.46 -38.48
C2 NAG K . -27.50 39.23 -38.17
C3 NAG K . -28.61 39.06 -39.21
C4 NAG K . -29.45 40.33 -39.30
C5 NAG K . -28.55 41.53 -39.59
C6 NAG K . -29.32 42.84 -39.54
C7 NAG K . -26.96 36.99 -37.30
C8 NAG K . -26.02 35.84 -37.36
N2 NAG K . -26.68 38.03 -38.10
O3 NAG K . -29.43 37.96 -38.88
O4 NAG K . -30.40 40.18 -40.36
O5 NAG K . -27.52 41.63 -38.59
O6 NAG K . -28.46 43.97 -39.67
O7 NAG K . -27.95 36.99 -36.56
C1 BMA K . -31.75 40.57 -39.98
C2 BMA K . -32.73 40.10 -41.11
C3 BMA K . -34.15 40.49 -40.73
C4 BMA K . -34.51 39.97 -39.33
C5 BMA K . -33.48 40.45 -38.30
C6 BMA K . -33.72 39.90 -36.88
O2 BMA K . -32.72 38.69 -41.25
O3 BMA K . -35.10 40.03 -41.68
O4 BMA K . -35.81 40.42 -38.96
O5 BMA K . -32.16 40.03 -38.73
O6 BMA K . -33.55 40.95 -35.94
C1 MAN K . -32.14 41.13 -35.64
C2 MAN K . -31.95 40.89 -34.12
C3 MAN K . -32.61 42.04 -33.33
C4 MAN K . -32.16 43.42 -33.86
C5 MAN K . -32.41 43.53 -35.38
C6 MAN K . -31.89 44.83 -36.00
O2 MAN K . -30.57 40.91 -33.73
O3 MAN K . -32.33 41.92 -31.93
O4 MAN K . -32.89 44.45 -33.19
O5 MAN K . -31.72 42.43 -36.03
O6 MAN K . -32.85 45.87 -35.80
C1 FUC K . -23.81 39.19 -33.28
C2 FUC K . -24.55 37.97 -32.69
C3 FUC K . -24.22 36.70 -33.50
C4 FUC K . -22.70 36.50 -33.55
C5 FUC K . -22.04 37.75 -34.13
C6 FUC K . -20.52 37.71 -34.11
O2 FUC K . -25.95 38.18 -32.61
O3 FUC K . -24.79 35.56 -32.87
O4 FUC K . -22.22 36.25 -32.24
O5 FUC K . -22.42 38.94 -33.37
C1 NAG L . -4.09 28.17 15.12
C2 NAG L . -3.98 27.01 16.09
C3 NAG L . -5.21 26.10 16.00
C4 NAG L . -6.54 26.82 15.87
C5 NAG L . -6.45 27.95 14.84
C6 NAG L . -7.72 28.79 14.75
C7 NAG L . -1.88 25.90 16.58
C8 NAG L . -0.57 25.46 15.98
N2 NAG L . -2.83 26.22 15.72
O3 NAG L . -5.24 25.26 17.16
O4 NAG L . -7.47 25.88 15.36
O5 NAG L . -5.37 28.79 15.19
O6 NAG L . -8.38 28.88 16.02
O7 NAG L . -2.05 25.95 17.79
C1 NAG L . -8.62 25.68 16.21
C2 NAG L . -9.00 24.21 16.10
C3 NAG L . -10.24 23.91 16.94
C4 NAG L . -10.05 24.37 18.37
C5 NAG L . -9.63 25.84 18.40
C6 NAG L . -9.29 26.34 19.78
C7 NAG L . -8.32 23.10 14.02
C8 NAG L . -8.70 22.78 12.60
N2 NAG L . -9.21 23.81 14.72
O3 NAG L . -10.47 22.51 16.91
O4 NAG L . -11.26 24.21 19.13
O5 NAG L . -8.46 26.04 17.59
O6 NAG L . -10.44 26.73 20.51
O7 NAG L . -7.26 22.73 14.51
C1 BMA L . -11.50 22.84 19.58
C2 BMA L . -12.07 22.81 21.05
C3 BMA L . -12.44 21.36 21.46
C4 BMA L . -13.37 20.71 20.39
C5 BMA L . -12.69 20.78 19.01
C6 BMA L . -13.54 20.23 17.84
O2 BMA L . -13.27 23.55 21.17
O3 BMA L . -13.03 21.28 22.75
O4 BMA L . -13.62 19.35 20.75
O5 BMA L . -12.40 22.17 18.68
O6 BMA L . -14.13 21.32 17.10
C1 MAN L . -13.40 21.65 15.87
C2 MAN L . -14.25 22.71 15.08
C3 MAN L . -15.48 22.04 14.49
C4 MAN L . -15.08 20.81 13.65
C5 MAN L . -14.26 19.83 14.50
C6 MAN L . -13.73 18.64 13.67
O2 MAN L . -13.52 23.27 13.98
O3 MAN L . -16.24 22.95 13.68
O4 MAN L . -16.24 20.16 13.16
O5 MAN L . -13.12 20.50 15.06
O6 MAN L . -13.00 17.78 14.53
C1 FUC L . -8.57 30.26 16.44
C2 FUC L . -9.21 30.35 17.83
C3 FUC L . -8.15 30.11 18.93
C4 FUC L . -6.97 31.09 18.75
C5 FUC L . -6.39 30.91 17.35
C6 FUC L . -5.27 31.90 17.02
O2 FUC L . -10.31 29.46 17.99
O3 FUC L . -8.72 30.33 20.22
O4 FUC L . -7.41 32.42 18.93
O5 FUC L . -7.41 31.10 16.32
C1 NAG M . 11.39 21.91 -4.03
C2 NAG M . 12.24 20.90 -3.27
C3 NAG M . 12.15 19.52 -3.93
C4 NAG M . 10.69 19.09 -4.04
C5 NAG M . 9.89 20.18 -4.76
C6 NAG M . 8.41 19.89 -4.80
C7 NAG M . 14.33 21.33 -2.06
C8 NAG M . 15.75 21.82 -2.16
N2 NAG M . 13.63 21.34 -3.20
O3 NAG M . 12.89 18.58 -3.18
O4 NAG M . 10.63 17.88 -4.77
O5 NAG M . 10.04 21.44 -4.08
O6 NAG M . 7.89 19.66 -3.49
O7 NAG M . 13.85 20.94 -1.00
C1 NAG M . 9.88 16.87 -4.05
C2 NAG M . 9.34 15.89 -5.07
C3 NAG M . 8.52 14.79 -4.37
C4 NAG M . 9.36 14.11 -3.30
C5 NAG M . 9.95 15.15 -2.35
C6 NAG M . 10.92 14.55 -1.35
C7 NAG M . 9.02 17.14 -7.16
C8 NAG M . 8.04 17.79 -8.08
N2 NAG M . 8.52 16.57 -6.07
O3 NAG M . 8.10 13.84 -5.35
O4 NAG M . 8.51 13.24 -2.56
O5 NAG M . 10.68 16.15 -3.08
O6 NAG M . 12.08 14.04 -1.99
O7 NAG M . 10.23 17.15 -7.41
C1 BMA M . 8.68 11.81 -2.81
C2 BMA M . 7.34 11.09 -2.43
C3 BMA M . 7.47 9.57 -2.66
C4 BMA M . 7.93 9.28 -4.11
C5 BMA M . 9.25 10.03 -4.37
C6 BMA M . 9.76 9.82 -5.79
O2 BMA M . 6.26 11.50 -3.26
O3 BMA M . 6.26 8.86 -2.38
O4 BMA M . 8.13 7.88 -4.30
O5 BMA M . 9.04 11.47 -4.17
O6 BMA M . 11.06 10.35 -5.88
C1 FUC M . 6.58 19.09 -3.62
C2 FUC M . 6.10 18.56 -2.24
C3 FUC M . 5.85 19.70 -1.26
C4 FUC M . 4.88 20.70 -1.86
C5 FUC M . 5.41 21.16 -3.22
C6 FUC M . 4.43 22.05 -3.93
O2 FUC M . 7.00 17.62 -1.70
O3 FUC M . 5.22 19.20 -0.08
O4 FUC M . 3.62 20.09 -2.05
O5 FUC M . 5.67 20.05 -4.10
C1 NAG N . 26.33 17.83 3.67
C2 NAG N . 25.06 17.04 3.23
C3 NAG N . 25.39 15.59 2.90
C4 NAG N . 26.68 15.43 2.08
C5 NAG N . 27.79 16.20 2.76
C6 NAG N . 29.13 16.10 2.06
C7 NAG N . 22.82 17.48 4.22
C8 NAG N . 22.36 17.94 2.86
N2 NAG N . 24.09 17.09 4.32
O3 NAG N . 24.31 15.02 2.15
O4 NAG N . 27.04 14.06 2.01
O5 NAG N . 27.42 17.58 2.77
O6 NAG N . 28.97 16.08 0.65
O7 NAG N . 22.06 17.48 5.18
C1 FUC N . 30.26 16.37 0.04
C2 FUC N . 30.06 16.24 -1.48
C3 FUC N . 29.13 17.34 -2.01
C4 FUC N . 29.70 18.73 -1.63
C5 FUC N . 29.91 18.80 -0.09
C6 FUC N . 30.62 20.08 0.36
O2 FUC N . 29.59 14.94 -1.86
O3 FUC N . 29.02 17.26 -3.43
O4 FUC N . 30.91 18.96 -2.31
O5 FUC N . 30.71 17.68 0.39
C1 NAG O . -4.29 54.66 -3.91
C2 NAG O . -4.67 53.34 -3.23
C3 NAG O . -5.26 53.59 -1.84
C4 NAG O . -4.40 54.55 -1.01
C5 NAG O . -4.12 55.82 -1.81
C6 NAG O . -3.21 56.81 -1.11
C7 NAG O . -5.95 51.32 -3.85
C8 NAG O . -6.94 50.72 -4.81
N2 NAG O . -5.62 52.60 -4.06
O3 NAG O . -5.35 52.34 -1.15
O4 NAG O . -5.07 54.87 0.20
O5 NAG O . -3.46 55.44 -3.03
O6 NAG O . -3.42 58.15 -1.53
O7 NAG O . -5.47 50.66 -2.94
C1 FUC O . -2.34 59.08 -1.19
C2 FUC O . -1.44 59.31 -2.44
C3 FUC O . -2.28 60.04 -3.54
C4 FUC O . -2.85 61.42 -2.99
C5 FUC O . -3.63 61.14 -1.65
C6 FUC O . -4.11 62.41 -0.94
O2 FUC O . -0.81 58.13 -2.89
O3 FUC O . -1.48 60.30 -4.69
O4 FUC O . -1.82 62.37 -2.79
O5 FUC O . -2.82 60.34 -0.70
C1 NAG P . 15.44 19.52 -28.73
C2 NAG P . 16.15 19.34 -27.38
C3 NAG P . 17.51 20.02 -27.39
C4 NAG P . 18.33 19.50 -28.57
C5 NAG P . 17.56 19.65 -29.89
C6 NAG P . 18.28 19.00 -31.05
C7 NAG P . 15.12 19.16 -25.15
C8 NAG P . 14.25 19.82 -24.13
N2 NAG P . 15.33 19.84 -26.28
O3 NAG P . 18.20 19.76 -26.18
O4 NAG P . 19.54 20.24 -28.66
O5 NAG P . 16.28 19.00 -29.78
O6 NAG P . 17.57 19.17 -32.27
O7 NAG P . 15.62 18.05 -24.97
C1 NAG Q . -26.21 1.38 -14.16
C2 NAG Q . -25.00 2.12 -13.57
C3 NAG Q . -25.34 2.67 -12.19
C4 NAG Q . -26.57 3.56 -12.27
C5 NAG Q . -27.73 2.78 -12.87
C6 NAG Q . -28.96 3.63 -13.07
C7 NAG Q . -22.62 1.68 -13.89
C8 NAG Q . -21.51 0.67 -13.77
N2 NAG Q . -23.83 1.26 -13.52
O3 NAG Q . -24.24 3.40 -11.67
O4 NAG Q . -26.92 4.04 -10.97
O5 NAG Q . -27.37 2.26 -14.16
O6 NAG Q . -28.69 4.72 -13.94
O7 NAG Q . -22.41 2.81 -14.31
UNK UNX R . -18.58 -6.41 -26.10
C1 XYL S . -8.65 34.35 -33.06
C2 XYL S . -9.82 34.13 -32.12
C3 XYL S . -11.11 34.75 -32.63
C4 XYL S . -11.60 34.15 -33.92
C5 XYL S . -12.12 32.72 -33.77
O1 XYL S . -7.49 33.78 -32.50
O2 XYL S . -9.99 32.75 -31.95
O3 XYL S . -10.85 36.13 -32.83
O4 XYL S . -12.67 34.94 -34.42
O5 XYL S . -13.07 32.58 -32.75
C1 NAG T . -13.88 16.73 -6.42
C2 NAG T . -13.78 16.27 -4.97
C3 NAG T . -15.12 15.72 -4.49
C4 NAG T . -16.21 16.77 -4.68
C5 NAG T . -16.27 17.23 -6.13
C6 NAG T . -17.24 18.36 -6.35
C7 NAG T . -12.09 15.06 -3.66
C8 NAG T . -11.04 13.99 -3.69
N2 NAG T . -12.74 15.26 -4.82
O3 NAG T . -15.04 15.35 -3.13
O4 NAG T . -17.48 16.24 -4.31
O5 NAG T . -14.97 17.71 -6.54
O6 NAG T . -17.28 18.80 -7.71
O7 NAG T . -12.32 15.71 -2.65
C1 NAG U . -15.43 33.15 -13.30
C2 NAG U . -16.25 31.86 -13.25
C3 NAG U . -17.60 32.04 -13.95
C4 NAG U . -18.32 33.24 -13.37
C5 NAG U . -17.44 34.49 -13.41
C6 NAG U . -18.08 35.67 -12.72
C7 NAG U . -15.03 29.73 -13.10
C8 NAG U . -14.30 28.67 -13.88
N2 NAG U . -15.52 30.74 -13.83
O3 NAG U . -18.38 30.87 -13.78
O4 NAG U . -19.51 33.49 -14.11
O5 NAG U . -16.19 34.24 -12.76
O6 NAG U . -17.28 36.85 -12.84
O7 NAG U . -15.17 29.66 -11.89
C1 NAG V . 22.34 44.88 -32.42
C2 NAG V . 23.05 45.77 -31.40
C3 NAG V . 24.37 46.29 -31.98
C4 NAG V . 25.23 45.13 -32.46
C5 NAG V . 24.45 44.25 -33.44
C6 NAG V . 25.21 43.02 -33.85
C7 NAG V . 22.22 47.39 -29.75
C8 NAG V . 21.29 48.53 -29.51
N2 NAG V . 22.21 46.88 -30.99
O3 NAG V . 25.07 47.04 -31.00
O4 NAG V . 26.40 45.62 -33.10
O5 NAG V . 23.23 43.81 -32.84
O6 NAG V . 25.42 42.14 -32.76
O7 NAG V . 22.94 46.93 -28.87
UNK UNX W . 18.12 28.63 12.55
C1 XYL X . 9.98 38.23 -27.41
C2 XYL X . 11.22 38.48 -26.55
C3 XYL X . 12.25 39.29 -27.34
C4 XYL X . 13.27 39.96 -26.42
C5 XYL X . 14.00 38.92 -25.58
O1 XYL X . 9.04 37.49 -26.66
O2 XYL X . 10.86 39.18 -25.39
O3 XYL X . 11.60 40.29 -28.08
O4 XYL X . 14.21 40.65 -27.20
O5 XYL X . 14.99 39.56 -24.82
S SO4 Y . -6.84 -29.63 -40.73
O1 SO4 Y . -8.27 -29.72 -40.91
O2 SO4 Y . -6.40 -30.74 -39.92
O3 SO4 Y . -6.18 -29.74 -42.02
O4 SO4 Y . -6.49 -28.40 -40.07
S SO4 Z . 5.62 40.42 37.99
O1 SO4 Z . 4.65 39.77 38.87
O2 SO4 Z . 6.97 40.27 38.53
O3 SO4 Z . 5.57 39.81 36.67
O4 SO4 Z . 5.30 41.83 37.91
#